data_5MN3
#
_entry.id   5MN3
#
loop_
_entity.id
_entity.type
_entity.pdbx_description
1 polymer 'domain-swapped metallothionein from Littorina Littorea'
2 non-polymer 'CADMIUM ION'
#
_entity_poly.entity_id   1
_entity_poly.type   'polypeptide(L)'
_entity_poly.pdbx_seq_one_letter_code
;GSMSSVFGAGCTDTCKQTPCGCGSGCNCKEDCRCQSCKYGAGCTDVCKQTPCGCATSGCNCTDDCKCQSCSTACKCAAGS
CKCGKGCTGPDSCKCDRSCSCK
;
_entity_poly.pdbx_strand_id   A
#
# COMPACT_ATOMS: atom_id res chain seq x y z
N GLY A 1 -8.03 -37.71 -12.48
CA GLY A 1 -7.09 -36.64 -12.90
C GLY A 1 -7.02 -35.51 -11.90
N SER A 2 -8.08 -35.35 -11.12
CA SER A 2 -8.15 -34.30 -10.13
C SER A 2 -7.93 -34.87 -8.72
N MET A 3 -6.67 -35.20 -8.42
CA MET A 3 -6.33 -35.73 -7.10
C MET A 3 -6.13 -34.60 -6.12
N SER A 4 -5.76 -33.45 -6.64
CA SER A 4 -5.53 -32.28 -5.83
C SER A 4 -6.66 -31.28 -6.01
N SER A 5 -7.35 -30.97 -4.94
CA SER A 5 -8.44 -30.02 -4.99
C SER A 5 -7.91 -28.60 -5.16
N VAL A 6 -8.16 -28.02 -6.31
CA VAL A 6 -7.71 -26.68 -6.60
C VAL A 6 -8.52 -25.65 -5.81
N PHE A 7 -7.86 -24.97 -4.88
CA PHE A 7 -8.50 -23.95 -4.05
C PHE A 7 -7.48 -23.06 -3.39
N GLY A 8 -6.34 -23.61 -3.12
CA GLY A 8 -5.33 -22.85 -2.45
C GLY A 8 -4.00 -22.83 -3.17
N ALA A 9 -3.50 -23.99 -3.50
CA ALA A 9 -2.19 -24.11 -4.15
C ALA A 9 -2.31 -24.09 -5.66
N GLY A 10 -3.47 -23.70 -6.14
CA GLY A 10 -3.70 -23.64 -7.58
C GLY A 10 -3.15 -22.37 -8.18
N CYS A 11 -1.85 -22.19 -8.08
CA CYS A 11 -1.20 -21.01 -8.63
C CYS A 11 -0.92 -21.18 -10.11
N THR A 12 -0.36 -20.15 -10.69
CA THR A 12 -0.08 -20.13 -12.09
C THR A 12 1.42 -20.14 -12.33
N ASP A 13 1.82 -20.49 -13.55
CA ASP A 13 3.22 -20.52 -13.95
C ASP A 13 3.84 -19.14 -13.75
N THR A 14 3.06 -18.12 -14.05
CA THR A 14 3.47 -16.73 -13.96
C THR A 14 3.85 -16.33 -12.52
N CYS A 15 3.43 -17.15 -11.57
CA CYS A 15 3.69 -16.88 -10.17
C CYS A 15 5.05 -17.45 -9.75
N LYS A 16 5.71 -18.13 -10.65
CA LYS A 16 6.99 -18.73 -10.34
C LYS A 16 8.11 -18.02 -11.10
N GLN A 17 7.81 -16.83 -11.55
CA GLN A 17 8.77 -16.04 -12.32
C GLN A 17 9.67 -15.23 -11.41
N THR A 18 10.73 -14.69 -11.99
CA THR A 18 11.68 -13.86 -11.26
C THR A 18 12.20 -12.71 -12.15
N PRO A 19 11.70 -11.47 -11.94
CA PRO A 19 10.67 -11.17 -10.94
C PRO A 19 9.33 -11.81 -11.29
N CYS A 20 8.50 -12.00 -10.30
CA CYS A 20 7.21 -12.65 -10.49
C CYS A 20 6.34 -11.87 -11.46
N GLY A 21 5.71 -12.56 -12.38
CA GLY A 21 4.90 -11.91 -13.40
C GLY A 21 3.54 -11.50 -12.90
N CYS A 22 3.15 -12.00 -11.73
CA CYS A 22 1.85 -11.68 -11.17
C CYS A 22 1.73 -10.20 -10.78
N GLY A 23 2.83 -9.47 -10.89
CA GLY A 23 2.80 -8.05 -10.65
C GLY A 23 1.97 -7.35 -11.71
N SER A 24 1.72 -8.05 -12.80
CA SER A 24 0.93 -7.54 -13.90
C SER A 24 -0.34 -8.38 -14.11
N GLY A 25 -0.71 -9.17 -13.10
CA GLY A 25 -1.90 -9.99 -13.20
C GLY A 25 -1.78 -11.31 -12.48
N CYS A 26 -2.56 -11.48 -11.42
CA CYS A 26 -2.55 -12.72 -10.65
C CYS A 26 -3.53 -13.73 -11.22
N ASN A 27 -3.08 -14.95 -11.34
CA ASN A 27 -3.92 -16.05 -11.82
C ASN A 27 -3.87 -17.20 -10.81
N CYS A 28 -3.42 -16.87 -9.62
CA CYS A 28 -3.30 -17.83 -8.55
C CYS A 28 -4.50 -17.78 -7.61
N LYS A 29 -4.39 -18.44 -6.47
CA LYS A 29 -5.48 -18.48 -5.50
C LYS A 29 -5.25 -17.48 -4.37
N GLU A 30 -6.30 -17.24 -3.57
CA GLU A 30 -6.20 -16.30 -2.46
C GLU A 30 -5.50 -16.95 -1.25
N ASP A 31 -4.94 -18.12 -1.48
CA ASP A 31 -4.22 -18.86 -0.44
C ASP A 31 -2.73 -18.74 -0.69
N CYS A 32 -2.39 -17.89 -1.64
CA CYS A 32 -1.00 -17.66 -1.99
C CYS A 32 -0.30 -16.83 -0.92
N ARG A 33 0.99 -17.06 -0.73
CA ARG A 33 1.78 -16.32 0.26
C ARG A 33 3.00 -15.69 -0.39
N CYS A 34 2.90 -15.38 -1.67
CA CYS A 34 4.04 -14.84 -2.39
C CYS A 34 4.11 -13.35 -2.21
N GLN A 35 5.24 -12.89 -1.71
CA GLN A 35 5.43 -11.47 -1.42
C GLN A 35 5.29 -10.63 -2.67
N SER A 36 5.58 -11.23 -3.82
CA SER A 36 5.53 -10.54 -5.09
C SER A 36 4.13 -10.06 -5.45
N CYS A 37 3.12 -10.81 -5.05
CA CYS A 37 1.74 -10.44 -5.31
C CYS A 37 0.93 -10.41 -4.02
N LYS A 38 1.62 -10.13 -2.92
CA LYS A 38 1.01 -10.07 -1.60
C LYS A 38 0.86 -8.60 -1.17
N TYR A 39 0.92 -7.72 -2.14
CA TYR A 39 0.77 -6.30 -1.89
C TYR A 39 -0.64 -5.85 -2.23
N GLY A 40 -1.01 -4.71 -1.70
CA GLY A 40 -2.28 -4.10 -2.00
C GLY A 40 -2.08 -2.68 -2.40
N ALA A 41 -2.85 -2.22 -3.39
CA ALA A 41 -2.76 -0.85 -3.94
C ALA A 41 -1.47 -0.65 -4.74
N GLY A 42 -0.36 -1.09 -4.18
CA GLY A 42 0.91 -0.97 -4.84
C GLY A 42 1.96 -0.38 -3.92
N CYS A 43 2.25 -1.09 -2.83
CA CYS A 43 3.19 -0.58 -1.86
C CYS A 43 4.32 -1.54 -1.65
N THR A 44 5.46 -0.99 -1.29
CA THR A 44 6.62 -1.77 -0.99
C THR A 44 6.50 -2.35 0.41
N ASP A 45 7.34 -3.30 0.74
CA ASP A 45 7.33 -3.88 2.07
C ASP A 45 7.88 -2.86 3.05
N VAL A 46 8.60 -1.89 2.50
CA VAL A 46 9.16 -0.77 3.25
C VAL A 46 8.03 0.10 3.82
N CYS A 47 6.93 0.16 3.10
CA CYS A 47 5.77 0.92 3.53
C CYS A 47 5.02 0.17 4.64
N LYS A 48 5.22 -1.15 4.69
CA LYS A 48 4.56 -1.97 5.68
C LYS A 48 5.37 -2.04 6.97
N GLN A 49 6.51 -1.37 6.95
CA GLN A 49 7.38 -1.30 8.13
C GLN A 49 6.71 -0.58 9.29
N THR A 50 7.25 -0.76 10.46
CA THR A 50 6.77 -0.08 11.65
C THR A 50 7.93 0.22 12.60
N PRO A 51 8.36 1.49 12.66
CA PRO A 51 7.76 2.59 11.89
C PRO A 51 8.06 2.47 10.41
N CYS A 52 7.21 3.05 9.58
CA CYS A 52 7.36 3.01 8.14
C CYS A 52 8.72 3.58 7.73
N GLY A 53 9.29 3.05 6.66
CA GLY A 53 10.58 3.50 6.23
C GLY A 53 10.58 4.09 4.84
N CYS A 54 9.41 4.45 4.31
CA CYS A 54 9.34 5.04 2.98
C CYS A 54 10.07 6.37 2.93
N ALA A 55 9.84 7.21 3.92
CA ALA A 55 10.47 8.50 3.96
C ALA A 55 11.88 8.38 4.56
N THR A 56 12.31 7.15 4.75
CA THR A 56 13.62 6.88 5.31
C THR A 56 14.52 6.21 4.25
N SER A 57 13.96 5.26 3.51
CA SER A 57 14.73 4.53 2.51
C SER A 57 14.28 4.89 1.08
N GLY A 58 12.98 5.00 0.88
CA GLY A 58 12.46 5.29 -0.45
C GLY A 58 10.96 5.14 -0.53
N CYS A 59 10.28 6.23 -0.85
CA CYS A 59 8.83 6.24 -0.94
C CYS A 59 8.39 5.87 -2.35
N ASN A 60 7.66 4.77 -2.47
CA ASN A 60 7.22 4.27 -3.77
C ASN A 60 5.84 4.80 -4.16
N CYS A 61 4.95 4.85 -3.19
CA CYS A 61 3.58 5.28 -3.43
C CYS A 61 3.45 6.80 -3.44
N THR A 62 2.21 7.29 -3.43
CA THR A 62 1.96 8.72 -3.47
C THR A 62 1.29 9.20 -2.19
N ASP A 63 0.93 10.48 -2.15
CA ASP A 63 0.27 11.09 -0.99
C ASP A 63 -1.18 10.59 -0.87
N ASP A 64 -1.57 9.72 -1.80
CA ASP A 64 -2.90 9.12 -1.80
C ASP A 64 -2.99 8.05 -0.72
N CYS A 65 -1.84 7.56 -0.29
CA CYS A 65 -1.76 6.51 0.71
C CYS A 65 -2.26 7.05 2.06
N LYS A 66 -3.12 6.28 2.74
CA LYS A 66 -3.68 6.70 4.04
C LYS A 66 -2.63 6.59 5.14
N CYS A 67 -1.43 6.22 4.77
CA CYS A 67 -0.35 6.08 5.71
C CYS A 67 0.22 7.45 6.06
N GLN A 68 -0.06 7.92 7.28
CA GLN A 68 0.39 9.25 7.72
C GLN A 68 1.87 9.25 8.08
N SER A 69 2.55 8.16 7.77
CA SER A 69 3.96 8.04 8.08
C SER A 69 4.83 8.50 6.90
N CYS A 70 4.38 8.29 5.67
CA CYS A 70 5.17 8.68 4.50
C CYS A 70 4.45 9.72 3.64
N SER A 71 3.24 10.08 4.02
CA SER A 71 2.50 11.09 3.28
C SER A 71 2.98 12.48 3.65
N THR A 72 2.55 13.48 2.91
CA THR A 72 2.96 14.84 3.17
C THR A 72 2.13 15.43 4.31
N ALA A 73 2.77 16.24 5.13
CA ALA A 73 2.11 16.84 6.27
C ALA A 73 1.13 17.91 5.83
N CYS A 74 0.04 18.04 6.57
CA CYS A 74 -0.95 19.06 6.27
C CYS A 74 -0.54 20.39 6.92
N LYS A 75 -1.23 21.46 6.56
CA LYS A 75 -0.89 22.80 7.04
C LYS A 75 -1.77 23.22 8.21
N CYS A 76 -2.62 22.33 8.66
CA CYS A 76 -3.51 22.63 9.76
C CYS A 76 -2.79 22.58 11.10
N ALA A 77 -3.37 23.23 12.08
CA ALA A 77 -2.80 23.29 13.41
C ALA A 77 -3.81 22.82 14.43
N ALA A 78 -3.39 22.78 15.68
CA ALA A 78 -4.26 22.35 16.77
C ALA A 78 -5.48 23.25 16.90
N GLY A 79 -6.56 22.85 16.26
CA GLY A 79 -7.80 23.57 16.33
C GLY A 79 -8.01 24.49 15.15
N SER A 80 -7.09 24.46 14.20
CA SER A 80 -7.19 25.31 13.03
C SER A 80 -7.19 24.47 11.74
N CYS A 81 -8.38 24.24 11.21
CA CYS A 81 -8.55 23.50 9.97
C CYS A 81 -8.48 24.46 8.78
N LYS A 82 -7.68 24.10 7.77
CA LYS A 82 -7.50 24.97 6.59
C LYS A 82 -8.28 24.47 5.38
N CYS A 83 -7.95 23.27 4.93
CA CYS A 83 -8.59 22.70 3.76
C CYS A 83 -10.08 22.49 3.98
N GLY A 84 -10.46 22.25 5.22
CA GLY A 84 -11.84 22.04 5.54
C GLY A 84 -12.25 20.59 5.42
N LYS A 85 -11.27 19.70 5.45
CA LYS A 85 -11.55 18.28 5.37
C LYS A 85 -11.88 17.72 6.74
N GLY A 86 -11.38 18.37 7.76
CA GLY A 86 -11.68 17.96 9.12
C GLY A 86 -10.46 17.48 9.87
N CYS A 87 -9.30 17.92 9.46
CA CYS A 87 -8.07 17.56 10.14
C CYS A 87 -7.50 18.77 10.85
N THR A 88 -6.60 18.53 11.78
CA THR A 88 -6.00 19.61 12.55
C THR A 88 -4.48 19.49 12.54
N GLY A 89 -3.96 18.97 11.45
CA GLY A 89 -2.54 18.81 11.33
C GLY A 89 -2.21 17.47 10.73
N PRO A 90 -0.92 17.16 10.54
CA PRO A 90 -0.49 15.88 9.96
C PRO A 90 -0.96 14.69 10.79
N ASP A 91 -0.93 14.87 12.11
CA ASP A 91 -1.31 13.83 13.06
C ASP A 91 -2.74 13.35 12.82
N SER A 92 -3.60 14.26 12.43
CA SER A 92 -4.98 13.93 12.21
C SER A 92 -5.33 13.91 10.71
N CYS A 93 -4.35 14.15 9.86
CA CYS A 93 -4.60 14.13 8.43
C CYS A 93 -4.50 12.73 7.87
N LYS A 94 -5.63 12.07 7.78
CA LYS A 94 -5.68 10.74 7.20
C LYS A 94 -6.37 10.81 5.86
N CYS A 95 -6.32 11.97 5.28
CA CYS A 95 -6.94 12.21 4.00
C CYS A 95 -6.03 11.78 2.88
N ASP A 96 -6.47 12.03 1.66
CA ASP A 96 -5.70 11.67 0.50
C ASP A 96 -4.90 12.88 0.04
N ARG A 97 -4.45 12.85 -1.19
CA ARG A 97 -3.67 13.93 -1.76
C ARG A 97 -4.57 15.04 -2.31
N SER A 98 -5.83 15.02 -1.87
CA SER A 98 -6.81 16.00 -2.30
C SER A 98 -6.71 17.29 -1.47
N CYS A 99 -5.86 17.27 -0.45
CA CYS A 99 -5.67 18.42 0.40
C CYS A 99 -4.82 19.49 -0.29
N SER A 100 -5.35 20.71 -0.34
CA SER A 100 -4.63 21.83 -0.92
C SER A 100 -3.46 22.22 -0.04
N CYS A 101 -3.50 21.77 1.21
CA CYS A 101 -2.47 22.06 2.17
C CYS A 101 -1.22 21.20 1.93
N LYS A 102 -1.34 20.15 1.13
CA LYS A 102 -0.20 19.28 0.83
C LYS A 102 0.79 20.01 -0.07
N GLY A 1 -5.07 -34.23 -12.31
CA GLY A 1 -3.68 -34.74 -12.05
C GLY A 1 -2.92 -33.87 -11.07
N SER A 2 -3.65 -33.01 -10.37
CA SER A 2 -3.06 -32.11 -9.40
C SER A 2 -4.07 -31.76 -8.33
N MET A 3 -3.76 -32.09 -7.08
CA MET A 3 -4.65 -31.80 -5.97
C MET A 3 -4.63 -30.31 -5.68
N SER A 4 -5.78 -29.68 -5.84
CA SER A 4 -5.92 -28.26 -5.61
C SER A 4 -6.07 -27.95 -4.12
N SER A 5 -5.18 -27.12 -3.61
CA SER A 5 -5.21 -26.75 -2.21
C SER A 5 -5.44 -25.24 -2.07
N VAL A 6 -6.51 -24.88 -1.39
CA VAL A 6 -6.83 -23.48 -1.20
C VAL A 6 -6.16 -22.94 0.06
N PHE A 7 -6.33 -21.64 0.31
CA PHE A 7 -5.70 -20.95 1.44
C PHE A 7 -4.21 -21.29 1.52
N GLY A 8 -3.49 -20.91 0.48
CA GLY A 8 -2.10 -21.21 0.44
C GLY A 8 -1.55 -21.16 -0.96
N ALA A 9 -1.47 -22.31 -1.59
CA ALA A 9 -0.88 -22.43 -2.91
C ALA A 9 -1.95 -22.44 -4.01
N GLY A 10 -3.16 -22.07 -3.65
CA GLY A 10 -4.25 -22.03 -4.60
C GLY A 10 -4.21 -20.78 -5.46
N CYS A 11 -3.10 -20.58 -6.12
CA CYS A 11 -2.92 -19.42 -6.96
C CYS A 11 -3.49 -19.65 -8.35
N THR A 12 -3.63 -18.58 -9.09
CA THR A 12 -4.19 -18.63 -10.42
C THR A 12 -3.13 -19.07 -11.42
N ASP A 13 -3.57 -19.49 -12.59
CA ASP A 13 -2.65 -19.91 -13.63
C ASP A 13 -1.86 -18.70 -14.10
N THR A 14 -2.46 -17.52 -13.99
CA THR A 14 -1.82 -16.26 -14.36
C THR A 14 -0.60 -15.99 -13.45
N CYS A 15 -0.52 -16.71 -12.37
CA CYS A 15 0.54 -16.57 -11.42
C CYS A 15 1.75 -17.40 -11.84
N LYS A 16 1.54 -18.32 -12.79
CA LYS A 16 2.60 -19.18 -13.29
C LYS A 16 3.34 -18.53 -14.44
N GLN A 17 3.04 -17.26 -14.68
CA GLN A 17 3.63 -16.57 -15.82
C GLN A 17 4.96 -15.94 -15.44
N THR A 18 5.78 -15.69 -16.44
CA THR A 18 7.09 -15.09 -16.24
C THR A 18 7.41 -14.12 -17.39
N PRO A 19 7.32 -12.80 -17.16
CA PRO A 19 6.94 -12.24 -15.86
C PRO A 19 5.48 -12.52 -15.52
N CYS A 20 5.19 -12.54 -14.24
CA CYS A 20 3.86 -12.84 -13.76
C CYS A 20 2.86 -11.79 -14.25
N GLY A 21 1.62 -12.21 -14.45
CA GLY A 21 0.61 -11.31 -14.96
C GLY A 21 -0.32 -10.79 -13.89
N CYS A 22 -0.02 -11.12 -12.64
CA CYS A 22 -0.87 -10.69 -11.53
C CYS A 22 -0.75 -9.20 -11.22
N GLY A 23 0.17 -8.51 -11.91
CA GLY A 23 0.35 -7.09 -11.68
C GLY A 23 -0.89 -6.29 -12.03
N SER A 24 -1.68 -6.82 -12.95
CA SER A 24 -2.91 -6.18 -13.37
C SER A 24 -4.08 -6.59 -12.45
N GLY A 25 -3.84 -7.60 -11.63
CA GLY A 25 -4.86 -8.10 -10.76
C GLY A 25 -4.57 -9.52 -10.34
N CYS A 26 -4.42 -9.72 -9.06
CA CYS A 26 -4.10 -11.04 -8.53
C CYS A 26 -5.36 -11.87 -8.35
N ASN A 27 -5.23 -13.15 -8.61
CA ASN A 27 -6.32 -14.10 -8.44
C ASN A 27 -5.79 -15.31 -7.69
N CYS A 28 -5.03 -15.03 -6.67
CA CYS A 28 -4.40 -16.05 -5.86
C CYS A 28 -4.71 -15.84 -4.39
N LYS A 29 -4.21 -16.73 -3.54
CA LYS A 29 -4.48 -16.65 -2.12
C LYS A 29 -3.55 -15.65 -1.45
N GLU A 30 -3.81 -15.38 -0.19
CA GLU A 30 -3.00 -14.41 0.57
C GLU A 30 -1.70 -15.04 1.07
N ASP A 31 -1.47 -16.28 0.70
CA ASP A 31 -0.25 -16.99 1.11
C ASP A 31 0.72 -17.06 -0.05
N CYS A 32 0.48 -16.23 -1.05
CA CYS A 32 1.31 -16.20 -2.26
C CYS A 32 2.77 -15.97 -1.93
N ARG A 33 3.63 -16.71 -2.60
CA ARG A 33 5.06 -16.61 -2.39
C ARG A 33 5.74 -16.07 -3.63
N CYS A 34 4.99 -15.35 -4.44
CA CYS A 34 5.53 -14.85 -5.67
C CYS A 34 6.00 -13.44 -5.48
N GLN A 35 7.15 -13.13 -6.04
CA GLN A 35 7.74 -11.82 -5.87
C GLN A 35 6.99 -10.77 -6.66
N SER A 36 6.47 -11.17 -7.80
CA SER A 36 5.76 -10.27 -8.68
C SER A 36 4.61 -9.57 -7.96
N CYS A 37 3.79 -10.33 -7.30
CA CYS A 37 2.64 -9.82 -6.60
C CYS A 37 2.89 -9.79 -5.09
N LYS A 38 4.14 -9.60 -4.72
CA LYS A 38 4.53 -9.59 -3.32
C LYS A 38 4.55 -8.18 -2.78
N TYR A 39 5.19 -7.29 -3.52
CA TYR A 39 5.28 -5.89 -3.11
C TYR A 39 4.01 -5.14 -3.44
N GLY A 40 3.61 -5.23 -4.67
CA GLY A 40 2.40 -4.60 -5.13
C GLY A 40 2.65 -3.85 -6.39
N ALA A 41 2.20 -2.62 -6.45
CA ALA A 41 2.44 -1.77 -7.61
C ALA A 41 3.81 -1.12 -7.50
N GLY A 42 4.79 -1.91 -7.06
CA GLY A 42 6.12 -1.40 -6.85
C GLY A 42 6.23 -0.66 -5.54
N CYS A 43 5.86 -1.34 -4.45
CA CYS A 43 5.87 -0.72 -3.14
C CYS A 43 7.04 -1.27 -2.33
N THR A 44 7.55 -0.46 -1.42
CA THR A 44 8.68 -0.84 -0.60
C THR A 44 8.27 -1.70 0.61
N ASP A 45 9.07 -2.70 0.89
CA ASP A 45 8.83 -3.60 2.03
C ASP A 45 9.02 -2.86 3.33
N VAL A 46 9.85 -1.83 3.31
CA VAL A 46 10.12 -0.99 4.49
C VAL A 46 8.82 -0.27 4.91
N CYS A 47 7.89 -0.20 3.99
CA CYS A 47 6.60 0.40 4.24
C CYS A 47 5.65 -0.63 4.87
N LYS A 48 5.89 -1.90 4.56
CA LYS A 48 5.06 -2.99 5.07
C LYS A 48 5.52 -3.41 6.46
N GLN A 49 6.45 -2.66 7.03
CA GLN A 49 6.98 -2.93 8.35
C GLN A 49 5.93 -2.64 9.42
N THR A 50 6.19 -3.11 10.62
CA THR A 50 5.30 -2.87 11.73
C THR A 50 6.11 -2.80 13.04
N PRO A 51 6.31 -1.58 13.60
CA PRO A 51 5.80 -0.32 13.02
C PRO A 51 6.50 0.04 11.71
N CYS A 52 5.89 0.91 10.94
CA CYS A 52 6.44 1.30 9.66
C CYS A 52 7.71 2.12 9.84
N GLY A 53 8.72 1.81 9.04
CA GLY A 53 9.96 2.53 9.12
C GLY A 53 10.39 3.08 7.80
N CYS A 54 9.45 3.24 6.88
CA CYS A 54 9.75 3.76 5.56
C CYS A 54 10.30 5.17 5.65
N ALA A 55 9.67 5.99 6.49
CA ALA A 55 10.11 7.37 6.68
C ALA A 55 11.51 7.42 7.26
N THR A 56 11.89 6.36 7.97
CA THR A 56 13.19 6.28 8.58
C THR A 56 14.28 6.03 7.53
N SER A 57 14.08 5.03 6.69
CA SER A 57 15.07 4.69 5.67
C SER A 57 14.96 5.62 4.47
N GLY A 58 13.75 5.94 4.08
CA GLY A 58 13.52 6.79 2.94
C GLY A 58 12.25 6.42 2.23
N CYS A 59 11.26 7.29 2.31
CA CYS A 59 9.96 7.07 1.70
C CYS A 59 10.10 6.96 0.17
N ASN A 60 9.79 5.79 -0.36
CA ASN A 60 9.90 5.54 -1.79
C ASN A 60 8.56 5.73 -2.49
N CYS A 61 7.50 5.24 -1.88
CA CYS A 61 6.16 5.33 -2.45
C CYS A 61 5.63 6.76 -2.36
N THR A 62 4.56 7.04 -3.08
CA THR A 62 3.98 8.33 -3.08
C THR A 62 2.95 8.47 -1.97
N ASP A 63 2.48 9.69 -1.75
CA ASP A 63 1.55 9.99 -0.67
C ASP A 63 0.13 9.51 -0.99
N ASP A 64 -0.03 8.80 -2.10
CA ASP A 64 -1.34 8.25 -2.46
C ASP A 64 -1.53 6.91 -1.79
N CYS A 65 -0.48 6.42 -1.16
CA CYS A 65 -0.53 5.18 -0.42
C CYS A 65 -1.43 5.40 0.81
N LYS A 66 -2.23 4.39 1.14
CA LYS A 66 -3.16 4.48 2.28
C LYS A 66 -2.43 4.56 3.60
N CYS A 67 -1.14 4.39 3.56
CA CYS A 67 -0.34 4.41 4.74
C CYS A 67 -0.06 5.86 5.17
N GLN A 68 -0.50 6.21 6.36
CA GLN A 68 -0.30 7.56 6.89
C GLN A 68 0.92 7.61 7.81
N SER A 69 1.64 6.50 7.89
CA SER A 69 2.79 6.41 8.76
C SER A 69 4.00 7.16 8.18
N CYS A 70 4.24 6.98 6.89
CA CYS A 70 5.39 7.61 6.24
C CYS A 70 4.97 8.78 5.33
N SER A 71 3.69 8.89 5.03
CA SER A 71 3.20 9.93 4.14
C SER A 71 3.24 11.30 4.82
N THR A 72 3.15 12.35 4.01
CA THR A 72 3.16 13.71 4.51
C THR A 72 1.93 14.01 5.36
N ALA A 73 2.18 14.52 6.55
CA ALA A 73 1.11 14.87 7.48
C ALA A 73 0.44 16.17 7.05
N CYS A 74 -0.73 16.42 7.62
CA CYS A 74 -1.47 17.64 7.31
C CYS A 74 -1.05 18.77 8.24
N LYS A 75 -1.18 20.00 7.77
CA LYS A 75 -0.77 21.16 8.56
C LYS A 75 -1.95 21.85 9.22
N CYS A 76 -3.03 21.11 9.40
CA CYS A 76 -4.22 21.65 10.03
C CYS A 76 -4.22 21.41 11.52
N ALA A 77 -5.06 22.17 12.21
CA ALA A 77 -5.20 22.05 13.64
C ALA A 77 -6.52 21.37 13.96
N ALA A 78 -6.74 21.05 15.23
CA ALA A 78 -7.95 20.34 15.67
C ALA A 78 -9.23 21.09 15.31
N GLY A 79 -9.11 22.37 15.02
CA GLY A 79 -10.26 23.15 14.63
C GLY A 79 -9.91 24.23 13.62
N SER A 80 -8.98 23.92 12.72
CA SER A 80 -8.55 24.88 11.70
C SER A 80 -8.01 24.15 10.46
N CYS A 81 -8.75 24.26 9.36
CA CYS A 81 -8.35 23.64 8.10
C CYS A 81 -7.64 24.66 7.20
N LYS A 82 -6.52 24.24 6.61
CA LYS A 82 -5.80 25.09 5.67
C LYS A 82 -6.34 24.88 4.26
N CYS A 83 -6.31 23.64 3.83
CA CYS A 83 -6.78 23.26 2.52
C CYS A 83 -8.30 23.23 2.47
N GLY A 84 -8.90 22.97 3.62
CA GLY A 84 -10.34 22.89 3.70
C GLY A 84 -10.89 21.61 3.12
N LYS A 85 -10.28 20.49 3.49
CA LYS A 85 -10.72 19.18 3.00
C LYS A 85 -11.45 18.41 4.10
N GLY A 86 -11.75 19.09 5.20
CA GLY A 86 -12.42 18.45 6.31
C GLY A 86 -11.48 17.62 7.14
N CYS A 87 -10.24 18.05 7.19
CA CYS A 87 -9.21 17.35 7.92
C CYS A 87 -8.59 18.24 8.97
N THR A 88 -9.10 18.17 10.17
CA THR A 88 -8.60 18.99 11.24
C THR A 88 -7.46 18.27 11.98
N GLY A 89 -6.42 17.96 11.24
CA GLY A 89 -5.27 17.29 11.81
C GLY A 89 -4.79 16.16 10.93
N PRO A 90 -3.54 15.71 11.10
CA PRO A 90 -2.96 14.62 10.29
C PRO A 90 -3.72 13.31 10.42
N ASP A 91 -4.03 12.93 11.66
CA ASP A 91 -4.79 11.70 11.90
C ASP A 91 -6.22 11.86 11.41
N SER A 92 -6.71 13.08 11.46
CA SER A 92 -8.05 13.39 10.99
C SER A 92 -8.05 13.55 9.47
N CYS A 93 -6.86 13.61 8.89
CA CYS A 93 -6.72 13.73 7.46
C CYS A 93 -6.84 12.36 6.84
N LYS A 94 -8.01 12.08 6.31
CA LYS A 94 -8.25 10.83 5.64
C LYS A 94 -8.06 11.02 4.13
N CYS A 95 -7.38 12.12 3.78
CA CYS A 95 -7.09 12.46 2.41
C CYS A 95 -5.68 11.99 2.01
N ASP A 96 -5.55 11.48 0.79
CA ASP A 96 -4.26 10.99 0.29
C ASP A 96 -3.38 12.16 -0.20
N ARG A 97 -2.58 11.92 -1.25
CA ARG A 97 -1.71 12.97 -1.80
C ARG A 97 -2.52 14.03 -2.51
N SER A 98 -3.81 13.76 -2.68
CA SER A 98 -4.74 14.67 -3.33
C SER A 98 -5.11 15.81 -2.38
N CYS A 99 -4.13 16.30 -1.67
CA CYS A 99 -4.31 17.35 -0.70
C CYS A 99 -3.19 18.36 -0.87
N SER A 100 -3.54 19.59 -1.17
CA SER A 100 -2.57 20.64 -1.41
C SER A 100 -1.79 21.01 -0.15
N CYS A 101 -2.28 20.59 1.00
CA CYS A 101 -1.63 20.93 2.25
C CYS A 101 -0.42 20.02 2.50
N LYS A 102 -0.29 18.95 1.70
CA LYS A 102 0.84 18.04 1.85
C LYS A 102 2.15 18.73 1.50
N GLY A 1 -3.98 -36.34 -22.62
CA GLY A 1 -2.63 -36.76 -22.15
C GLY A 1 -2.56 -36.92 -20.65
N SER A 2 -3.09 -35.94 -19.93
CA SER A 2 -3.09 -35.96 -18.47
C SER A 2 -3.96 -34.83 -17.94
N MET A 3 -4.71 -35.11 -16.90
CA MET A 3 -5.56 -34.11 -16.28
C MET A 3 -4.83 -33.44 -15.13
N SER A 4 -5.15 -32.20 -14.87
CA SER A 4 -4.56 -31.48 -13.78
C SER A 4 -5.66 -31.06 -12.81
N SER A 5 -5.91 -31.91 -11.84
CA SER A 5 -6.94 -31.64 -10.85
C SER A 5 -6.43 -30.65 -9.82
N VAL A 6 -6.92 -29.43 -9.89
CA VAL A 6 -6.50 -28.39 -8.98
C VAL A 6 -7.70 -27.78 -8.28
N PHE A 7 -7.70 -27.88 -6.97
CA PHE A 7 -8.74 -27.31 -6.16
C PHE A 7 -8.13 -26.29 -5.22
N GLY A 8 -7.73 -25.15 -5.77
CA GLY A 8 -7.14 -24.10 -4.97
C GLY A 8 -5.65 -24.28 -4.76
N ALA A 9 -5.21 -25.51 -4.62
CA ALA A 9 -3.80 -25.79 -4.37
C ALA A 9 -3.01 -25.91 -5.66
N GLY A 10 -2.91 -24.81 -6.37
CA GLY A 10 -2.13 -24.74 -7.58
C GLY A 10 -1.24 -23.53 -7.54
N CYS A 11 -0.32 -23.52 -6.60
CA CYS A 11 0.57 -22.41 -6.40
C CYS A 11 1.80 -22.45 -7.28
N THR A 12 2.53 -21.36 -7.27
CA THR A 12 3.74 -21.23 -8.01
C THR A 12 4.93 -21.26 -7.08
N ASP A 13 6.06 -21.69 -7.59
CA ASP A 13 7.28 -21.78 -6.81
C ASP A 13 7.79 -20.39 -6.42
N THR A 14 7.51 -19.40 -7.25
CA THR A 14 7.94 -18.03 -7.00
C THR A 14 7.22 -17.45 -5.77
N CYS A 15 6.15 -18.10 -5.39
CA CYS A 15 5.35 -17.69 -4.26
C CYS A 15 5.90 -18.30 -2.96
N LYS A 16 6.90 -19.14 -3.10
CA LYS A 16 7.45 -19.86 -1.96
C LYS A 16 8.65 -19.16 -1.40
N GLN A 17 8.86 -17.97 -1.84
CA GLN A 17 10.03 -17.24 -1.42
C GLN A 17 9.71 -16.44 -0.18
N THR A 18 10.74 -16.06 0.54
CA THR A 18 10.59 -15.30 1.76
C THR A 18 11.67 -14.22 1.85
N PRO A 19 11.33 -12.96 1.54
CA PRO A 19 9.98 -12.55 1.11
C PRO A 19 9.62 -13.10 -0.27
N CYS A 20 8.34 -13.17 -0.52
CA CYS A 20 7.80 -13.73 -1.75
C CYS A 20 8.27 -12.94 -2.98
N GLY A 21 8.23 -13.58 -4.14
CA GLY A 21 8.70 -12.95 -5.35
C GLY A 21 7.61 -12.64 -6.37
N CYS A 22 6.37 -13.02 -6.07
CA CYS A 22 5.26 -12.74 -7.00
C CYS A 22 5.00 -11.24 -7.11
N GLY A 23 4.46 -10.65 -6.06
CA GLY A 23 4.15 -9.23 -6.07
C GLY A 23 2.96 -8.92 -6.96
N SER A 24 3.23 -8.67 -8.23
CA SER A 24 2.19 -8.34 -9.18
C SER A 24 2.11 -9.40 -10.30
N GLY A 25 2.94 -10.43 -10.20
CA GLY A 25 2.95 -11.47 -11.20
C GLY A 25 2.88 -12.84 -10.56
N CYS A 26 1.78 -13.52 -10.74
CA CYS A 26 1.56 -14.79 -10.09
C CYS A 26 1.22 -15.89 -11.07
N ASN A 27 1.35 -17.10 -10.58
CA ASN A 27 0.96 -18.29 -11.30
C ASN A 27 0.25 -19.23 -10.31
N CYS A 28 -0.23 -18.62 -9.20
CA CYS A 28 -0.93 -19.35 -8.17
C CYS A 28 -2.44 -19.09 -8.25
N LYS A 29 -3.22 -19.89 -7.56
CA LYS A 29 -4.68 -19.76 -7.60
C LYS A 29 -5.18 -18.69 -6.63
N GLU A 30 -6.44 -18.31 -6.76
CA GLU A 30 -7.04 -17.28 -5.92
C GLU A 30 -7.22 -17.76 -4.48
N ASP A 31 -7.15 -19.08 -4.30
CA ASP A 31 -7.30 -19.69 -2.98
C ASP A 31 -6.11 -19.36 -2.08
N CYS A 32 -5.09 -18.78 -2.68
CA CYS A 32 -3.91 -18.37 -1.95
C CYS A 32 -4.27 -17.18 -1.03
N ARG A 33 -3.54 -17.02 0.05
CA ARG A 33 -3.80 -15.94 1.01
C ARG A 33 -2.52 -15.16 1.30
N CYS A 34 -1.63 -15.10 0.33
CA CYS A 34 -0.35 -14.46 0.52
C CYS A 34 -0.46 -12.97 0.30
N GLN A 35 -0.27 -12.20 1.36
CA GLN A 35 -0.36 -10.75 1.31
C GLN A 35 0.69 -10.15 0.37
N SER A 36 1.74 -10.92 0.11
CA SER A 36 2.83 -10.48 -0.74
C SER A 36 2.38 -10.28 -2.19
N CYS A 37 1.38 -11.01 -2.62
CA CYS A 37 0.85 -10.89 -3.97
C CYS A 37 -0.66 -10.72 -3.95
N LYS A 38 -1.16 -10.20 -2.84
CA LYS A 38 -2.59 -10.03 -2.63
C LYS A 38 -2.89 -8.61 -2.15
N TYR A 39 -2.50 -7.63 -2.94
CA TYR A 39 -2.75 -6.22 -2.59
C TYR A 39 -4.20 -5.84 -2.90
N GLY A 40 -4.62 -4.67 -2.44
CA GLY A 40 -6.00 -4.25 -2.59
C GLY A 40 -6.28 -3.61 -3.92
N ALA A 41 -6.29 -2.28 -3.95
CA ALA A 41 -6.57 -1.55 -5.16
C ALA A 41 -5.37 -1.55 -6.08
N GLY A 42 -4.21 -1.30 -5.52
CA GLY A 42 -3.01 -1.27 -6.30
C GLY A 42 -1.93 -0.43 -5.67
N CYS A 43 -1.22 -1.00 -4.73
CA CYS A 43 -0.13 -0.30 -4.08
C CYS A 43 1.14 -1.12 -4.14
N THR A 44 2.25 -0.43 -4.29
CA THR A 44 3.54 -1.09 -4.37
C THR A 44 3.93 -1.70 -3.04
N ASP A 45 4.82 -2.68 -3.09
CA ASP A 45 5.31 -3.34 -1.88
C ASP A 45 6.18 -2.35 -1.11
N VAL A 46 6.64 -1.33 -1.81
CA VAL A 46 7.45 -0.28 -1.24
C VAL A 46 6.60 0.58 -0.31
N CYS A 47 5.33 0.71 -0.63
CA CYS A 47 4.39 1.46 0.20
C CYS A 47 4.00 0.64 1.42
N LYS A 48 4.09 -0.67 1.29
CA LYS A 48 3.73 -1.56 2.37
C LYS A 48 4.92 -1.78 3.29
N GLN A 49 6.04 -1.14 2.96
CA GLN A 49 7.26 -1.23 3.75
C GLN A 49 7.08 -0.58 5.11
N THR A 50 8.00 -0.89 6.00
CA THR A 50 8.02 -0.30 7.32
C THR A 50 9.45 -0.24 7.82
N PRO A 51 10.06 0.97 7.86
CA PRO A 51 9.39 2.22 7.47
C PRO A 51 9.10 2.28 5.98
N CYS A 52 8.02 2.93 5.63
CA CYS A 52 7.62 3.03 4.24
C CYS A 52 8.62 3.87 3.46
N GLY A 53 8.95 3.40 2.26
CA GLY A 53 9.91 4.10 1.44
C GLY A 53 9.37 4.42 0.08
N CYS A 54 8.05 4.56 0.00
CA CYS A 54 7.39 4.82 -1.27
C CYS A 54 7.87 6.13 -1.86
N ALA A 55 7.83 7.20 -1.08
CA ALA A 55 8.22 8.52 -1.56
C ALA A 55 9.72 8.55 -1.88
N THR A 56 10.48 7.71 -1.18
CA THR A 56 11.91 7.63 -1.36
C THR A 56 12.27 7.01 -2.72
N SER A 57 11.59 5.95 -3.08
CA SER A 57 11.83 5.27 -4.35
C SER A 57 11.03 5.94 -5.47
N GLY A 58 9.90 6.48 -5.11
CA GLY A 58 9.02 7.11 -6.05
C GLY A 58 7.59 6.81 -5.74
N CYS A 59 6.89 7.81 -5.22
CA CYS A 59 5.50 7.65 -4.83
C CYS A 59 4.68 7.21 -6.03
N ASN A 60 4.17 5.99 -5.98
CA ASN A 60 3.44 5.43 -7.10
C ASN A 60 1.94 5.57 -6.90
N CYS A 61 1.50 5.59 -5.66
CA CYS A 61 0.08 5.73 -5.35
C CYS A 61 -0.29 7.21 -5.22
N THR A 62 -1.39 7.49 -4.54
CA THR A 62 -1.84 8.84 -4.36
C THR A 62 -1.79 9.25 -2.88
N ASP A 63 -1.58 10.54 -2.64
CA ASP A 63 -1.53 11.10 -1.27
C ASP A 63 -2.84 10.86 -0.52
N ASP A 64 -3.88 10.56 -1.29
CA ASP A 64 -5.21 10.28 -0.78
C ASP A 64 -5.24 8.93 -0.03
N CYS A 65 -4.13 8.18 -0.13
CA CYS A 65 -3.98 6.87 0.53
C CYS A 65 -4.08 7.01 2.05
N LYS A 66 -4.40 5.92 2.74
CA LYS A 66 -4.52 5.94 4.21
C LYS A 66 -3.14 5.93 4.86
N CYS A 67 -2.11 5.83 4.03
CA CYS A 67 -0.75 5.83 4.50
C CYS A 67 -0.28 7.26 4.71
N GLN A 68 0.27 7.53 5.89
CA GLN A 68 0.74 8.88 6.22
C GLN A 68 2.24 9.01 6.08
N SER A 69 2.87 8.05 5.45
CA SER A 69 4.31 8.06 5.30
C SER A 69 4.76 8.79 4.02
N CYS A 70 4.20 8.43 2.88
CA CYS A 70 4.59 9.04 1.61
C CYS A 70 3.63 10.14 1.16
N SER A 71 2.66 10.46 1.99
CA SER A 71 1.68 11.48 1.66
C SER A 71 2.10 12.87 2.18
N THR A 72 1.55 13.90 1.56
CA THR A 72 1.82 15.28 1.92
C THR A 72 1.24 15.63 3.28
N ALA A 73 2.11 16.06 4.17
CA ALA A 73 1.73 16.43 5.51
C ALA A 73 0.89 17.69 5.54
N CYS A 74 -0.07 17.73 6.45
CA CYS A 74 -0.84 18.93 6.69
C CYS A 74 0.09 20.02 7.22
N LYS A 75 -0.20 21.26 6.90
CA LYS A 75 0.71 22.37 7.24
C LYS A 75 0.32 23.09 8.51
N CYS A 76 -0.73 22.62 9.13
CA CYS A 76 -1.18 23.16 10.40
C CYS A 76 -0.14 22.96 11.49
N ALA A 77 -0.29 23.67 12.58
CA ALA A 77 0.62 23.56 13.70
C ALA A 77 -0.07 22.88 14.86
N ALA A 78 0.70 22.52 15.88
CA ALA A 78 0.18 21.88 17.06
C ALA A 78 -0.73 22.84 17.83
N GLY A 79 -2.02 22.75 17.56
CA GLY A 79 -2.99 23.59 18.22
C GLY A 79 -3.49 24.69 17.30
N SER A 80 -3.12 24.59 16.03
CA SER A 80 -3.53 25.59 15.06
C SER A 80 -3.92 24.95 13.72
N CYS A 81 -5.21 24.72 13.53
CA CYS A 81 -5.72 24.20 12.27
C CYS A 81 -5.98 25.36 11.34
N LYS A 82 -5.35 25.34 10.18
CA LYS A 82 -5.45 26.45 9.26
C LYS A 82 -6.57 26.27 8.26
N CYS A 83 -6.53 25.18 7.52
CA CYS A 83 -7.54 24.90 6.50
C CYS A 83 -8.92 24.67 7.12
N GLY A 84 -8.93 24.15 8.34
CA GLY A 84 -10.19 23.91 9.01
C GLY A 84 -10.69 22.48 8.87
N LYS A 85 -9.78 21.55 8.65
CA LYS A 85 -10.15 20.14 8.54
C LYS A 85 -10.09 19.46 9.89
N GLY A 86 -9.48 20.13 10.85
CA GLY A 86 -9.41 19.60 12.20
C GLY A 86 -8.09 18.93 12.51
N CYS A 87 -7.14 19.04 11.62
CA CYS A 87 -5.84 18.43 11.82
C CYS A 87 -4.86 19.47 12.28
N THR A 88 -4.19 19.21 13.37
CA THR A 88 -3.21 20.13 13.87
C THR A 88 -1.79 19.69 13.52
N GLY A 89 -1.58 19.42 12.25
CA GLY A 89 -0.28 18.97 11.78
C GLY A 89 -0.35 17.59 11.19
N PRO A 90 0.76 17.08 10.63
CA PRO A 90 0.80 15.73 10.01
C PRO A 90 0.44 14.62 11.00
N ASP A 91 0.78 14.83 12.26
CA ASP A 91 0.53 13.82 13.31
C ASP A 91 -0.97 13.67 13.56
N SER A 92 -1.69 14.76 13.49
CA SER A 92 -3.12 14.77 13.71
C SER A 92 -3.85 14.50 12.39
N CYS A 93 -3.17 14.79 11.29
CA CYS A 93 -3.70 14.64 9.96
C CYS A 93 -4.14 13.21 9.66
N LYS A 94 -5.27 13.11 8.97
CA LYS A 94 -5.80 11.83 8.55
C LYS A 94 -6.87 12.03 7.48
N CYS A 95 -6.81 13.19 6.83
CA CYS A 95 -7.83 13.54 5.85
C CYS A 95 -7.55 12.99 4.45
N ASP A 96 -7.10 13.85 3.59
CA ASP A 96 -6.87 13.54 2.18
C ASP A 96 -5.85 14.48 1.57
N ARG A 97 -5.75 14.45 0.23
CA ARG A 97 -4.79 15.28 -0.49
C ARG A 97 -5.48 16.44 -1.20
N SER A 98 -6.78 16.57 -1.01
CA SER A 98 -7.55 17.60 -1.70
C SER A 98 -7.58 18.90 -0.89
N CYS A 99 -6.82 18.93 0.19
CA CYS A 99 -6.70 20.11 1.03
C CYS A 99 -6.18 21.30 0.24
N SER A 100 -6.73 22.46 0.52
CA SER A 100 -6.32 23.68 -0.16
C SER A 100 -4.94 24.14 0.32
N CYS A 101 -4.45 23.53 1.39
CA CYS A 101 -3.16 23.91 1.91
C CYS A 101 -2.05 23.10 1.27
N LYS A 102 -2.37 21.92 0.72
CA LYS A 102 -1.36 21.03 0.11
C LYS A 102 -0.62 21.74 -1.04
N GLY A 1 -8.68 -29.13 -3.57
CA GLY A 1 -7.92 -28.01 -2.95
C GLY A 1 -7.50 -26.96 -3.98
N SER A 2 -7.83 -27.21 -5.23
CA SER A 2 -7.50 -26.29 -6.29
C SER A 2 -8.66 -25.33 -6.55
N MET A 3 -8.43 -24.04 -6.25
CA MET A 3 -9.44 -22.98 -6.41
C MET A 3 -10.53 -23.11 -5.35
N SER A 4 -11.26 -24.21 -5.40
CA SER A 4 -12.28 -24.51 -4.43
C SER A 4 -11.63 -25.25 -3.27
N SER A 5 -12.12 -25.01 -2.04
CA SER A 5 -11.53 -25.61 -0.84
C SER A 5 -10.09 -25.12 -0.67
N VAL A 6 -9.87 -23.87 -1.08
CA VAL A 6 -8.55 -23.28 -1.05
C VAL A 6 -8.12 -22.93 0.38
N PHE A 7 -6.91 -23.33 0.72
CA PHE A 7 -6.35 -23.08 2.05
C PHE A 7 -5.22 -22.06 1.97
N GLY A 8 -5.06 -21.48 0.80
CA GLY A 8 -4.01 -20.50 0.59
C GLY A 8 -3.43 -20.60 -0.80
N ALA A 9 -3.36 -21.81 -1.31
CA ALA A 9 -2.82 -22.05 -2.63
C ALA A 9 -3.89 -21.89 -3.69
N GLY A 10 -4.24 -20.65 -3.94
CA GLY A 10 -5.24 -20.36 -4.94
C GLY A 10 -4.91 -19.10 -5.68
N CYS A 11 -3.76 -19.09 -6.31
CA CYS A 11 -3.33 -17.92 -7.05
C CYS A 11 -4.02 -17.86 -8.42
N THR A 12 -3.82 -16.76 -9.10
CA THR A 12 -4.43 -16.53 -10.39
C THR A 12 -3.46 -16.91 -11.50
N ASP A 13 -3.99 -17.00 -12.71
CA ASP A 13 -3.20 -17.35 -13.87
C ASP A 13 -2.15 -16.30 -14.14
N THR A 14 -2.46 -15.05 -13.80
CA THR A 14 -1.55 -13.93 -13.99
C THR A 14 -0.30 -14.10 -13.13
N CYS A 15 -0.38 -14.96 -12.15
CA CYS A 15 0.70 -15.20 -11.24
C CYS A 15 1.62 -16.31 -11.76
N LYS A 16 1.29 -16.85 -12.93
CA LYS A 16 2.09 -17.91 -13.54
C LYS A 16 3.02 -17.32 -14.59
N GLN A 17 3.07 -16.01 -14.64
CA GLN A 17 3.83 -15.35 -15.69
C GLN A 17 5.27 -15.13 -15.26
N THR A 18 6.12 -14.94 -16.24
CA THR A 18 7.55 -14.73 -16.01
C THR A 18 8.13 -13.72 -17.00
N PRO A 19 8.36 -12.46 -16.56
CA PRO A 19 8.07 -12.00 -15.20
C PRO A 19 6.58 -11.98 -14.90
N CYS A 20 6.24 -11.98 -13.63
CA CYS A 20 4.86 -12.04 -13.19
C CYS A 20 4.06 -10.80 -13.64
N GLY A 21 2.75 -10.96 -13.76
CA GLY A 21 1.92 -9.89 -14.26
C GLY A 21 1.09 -9.21 -13.19
N CYS A 22 1.29 -9.56 -11.93
CA CYS A 22 0.55 -8.93 -10.85
C CYS A 22 1.08 -7.54 -10.54
N GLY A 23 2.26 -7.47 -9.93
CA GLY A 23 2.86 -6.19 -9.59
C GLY A 23 2.15 -5.50 -8.44
N SER A 24 1.12 -4.75 -8.77
CA SER A 24 0.34 -4.04 -7.76
C SER A 24 -1.11 -4.55 -7.75
N GLY A 25 -1.40 -5.48 -8.66
CA GLY A 25 -2.74 -6.01 -8.75
C GLY A 25 -2.75 -7.51 -8.53
N CYS A 26 -2.98 -7.90 -7.30
CA CYS A 26 -2.96 -9.31 -6.94
C CYS A 26 -4.36 -9.85 -6.73
N ASN A 27 -4.67 -10.91 -7.45
CA ASN A 27 -5.93 -11.59 -7.28
C ASN A 27 -5.70 -12.95 -6.63
N CYS A 28 -4.46 -13.14 -6.17
CA CYS A 28 -4.07 -14.36 -5.51
C CYS A 28 -4.24 -14.23 -3.99
N LYS A 29 -4.01 -15.31 -3.26
CA LYS A 29 -4.15 -15.31 -1.81
C LYS A 29 -3.03 -14.57 -1.12
N GLU A 30 -3.17 -14.38 0.17
CA GLU A 30 -2.14 -13.69 0.97
C GLU A 30 -1.08 -14.69 1.43
N ASP A 31 -1.19 -15.91 0.94
CA ASP A 31 -0.26 -16.99 1.27
C ASP A 31 0.84 -17.09 0.20
N CYS A 32 0.72 -16.25 -0.81
CA CYS A 32 1.65 -16.23 -1.94
C CYS A 32 3.10 -15.98 -1.50
N ARG A 33 4.05 -16.67 -2.15
CA ARG A 33 5.46 -16.53 -1.83
C ARG A 33 6.25 -16.01 -3.04
N CYS A 34 5.53 -15.46 -4.01
CA CYS A 34 6.15 -14.99 -5.24
C CYS A 34 6.88 -13.67 -4.97
N GLN A 35 8.17 -13.62 -5.35
CA GLN A 35 8.98 -12.42 -5.14
C GLN A 35 8.43 -11.24 -5.91
N SER A 36 7.77 -11.54 -7.00
CA SER A 36 7.23 -10.54 -7.90
C SER A 36 6.16 -9.66 -7.24
N CYS A 37 5.23 -10.27 -6.55
CA CYS A 37 4.10 -9.55 -5.99
C CYS A 37 4.00 -9.76 -4.49
N LYS A 38 5.13 -10.03 -3.85
CA LYS A 38 5.16 -10.22 -2.41
C LYS A 38 4.81 -8.91 -1.69
N TYR A 39 4.83 -7.82 -2.44
CA TYR A 39 4.49 -6.51 -1.93
C TYR A 39 3.22 -6.03 -2.62
N GLY A 40 2.54 -5.08 -2.02
CA GLY A 40 1.24 -4.67 -2.53
C GLY A 40 1.30 -3.71 -3.70
N ALA A 41 2.50 -3.33 -4.07
CA ALA A 41 2.68 -2.39 -5.17
C ALA A 41 4.11 -2.39 -5.66
N GLY A 42 4.84 -3.48 -5.36
CA GLY A 42 6.26 -3.53 -5.70
C GLY A 42 6.99 -2.34 -5.11
N CYS A 43 6.69 -2.07 -3.85
CA CYS A 43 7.25 -0.92 -3.17
C CYS A 43 8.48 -1.31 -2.35
N THR A 44 9.07 -0.34 -1.67
CA THR A 44 10.25 -0.56 -0.86
C THR A 44 9.92 -1.39 0.39
N ASP A 45 10.83 -2.27 0.76
CA ASP A 45 10.62 -3.16 1.92
C ASP A 45 10.79 -2.40 3.22
N VAL A 46 11.61 -1.36 3.20
CA VAL A 46 11.82 -0.52 4.38
C VAL A 46 10.55 0.27 4.67
N CYS A 47 9.72 0.38 3.65
CA CYS A 47 8.45 1.06 3.75
C CYS A 47 7.40 0.11 4.34
N LYS A 48 7.61 -1.17 4.12
CA LYS A 48 6.70 -2.18 4.60
C LYS A 48 7.14 -2.69 5.97
N GLN A 49 7.87 -1.85 6.70
CA GLN A 49 8.32 -2.16 8.05
C GLN A 49 7.30 -1.68 9.07
N THR A 50 7.55 -1.99 10.33
CA THR A 50 6.70 -1.55 11.42
C THR A 50 7.52 -1.46 12.72
N PRO A 51 7.87 -0.22 13.17
CA PRO A 51 7.49 1.02 12.48
C PRO A 51 8.21 1.20 11.15
N CYS A 52 7.58 1.92 10.25
CA CYS A 52 8.13 2.16 8.93
C CYS A 52 9.29 3.15 9.02
N GLY A 53 10.39 2.80 8.37
CA GLY A 53 11.55 3.67 8.37
C GLY A 53 11.93 4.07 6.98
N CYS A 54 10.95 4.14 6.10
CA CYS A 54 11.17 4.47 4.71
C CYS A 54 11.79 5.85 4.55
N ALA A 55 11.26 6.82 5.27
CA ALA A 55 11.76 8.19 5.21
C ALA A 55 13.18 8.26 5.76
N THR A 56 13.55 7.25 6.51
CA THR A 56 14.86 7.18 7.10
C THR A 56 15.86 6.51 6.16
N SER A 57 15.43 5.44 5.50
CA SER A 57 16.31 4.72 4.60
C SER A 57 15.58 4.30 3.32
N GLY A 58 15.24 5.26 2.49
CA GLY A 58 14.64 4.94 1.21
C GLY A 58 13.68 6.00 0.72
N CYS A 59 12.41 5.70 0.81
CA CYS A 59 11.33 6.60 0.38
C CYS A 59 11.38 6.83 -1.13
N ASN A 60 11.34 5.74 -1.88
CA ASN A 60 11.35 5.81 -3.35
C ASN A 60 9.94 6.06 -3.86
N CYS A 61 8.98 5.90 -2.97
CA CYS A 61 7.59 6.07 -3.30
C CYS A 61 7.20 7.55 -3.30
N THR A 62 6.00 7.84 -3.75
CA THR A 62 5.52 9.19 -3.77
C THR A 62 4.61 9.46 -2.59
N ASP A 63 4.17 10.70 -2.43
CA ASP A 63 3.27 11.09 -1.33
C ASP A 63 1.86 10.58 -1.60
N ASP A 64 1.71 9.89 -2.73
CA ASP A 64 0.43 9.28 -3.11
C ASP A 64 0.27 7.94 -2.38
N CYS A 65 1.39 7.42 -1.88
CA CYS A 65 1.41 6.17 -1.15
C CYS A 65 0.52 6.26 0.08
N LYS A 66 -0.25 5.21 0.35
CA LYS A 66 -1.18 5.20 1.48
C LYS A 66 -0.46 4.91 2.78
N CYS A 67 0.75 5.40 2.90
CA CYS A 67 1.52 5.20 4.08
C CYS A 67 1.79 6.53 4.76
N GLN A 68 1.21 6.69 5.93
CA GLN A 68 1.31 7.93 6.67
C GLN A 68 2.60 8.02 7.47
N SER A 69 3.42 7.00 7.37
CA SER A 69 4.66 6.95 8.10
C SER A 69 5.72 7.85 7.46
N CYS A 70 5.97 7.62 6.19
CA CYS A 70 6.98 8.38 5.46
C CYS A 70 6.38 9.56 4.69
N SER A 71 5.18 9.38 4.17
CA SER A 71 4.51 10.43 3.42
C SER A 71 3.99 11.51 4.38
N THR A 72 3.58 12.64 3.84
CA THR A 72 3.10 13.74 4.66
C THR A 72 1.66 13.47 5.13
N ALA A 73 1.38 13.86 6.36
CA ALA A 73 0.06 13.65 6.94
C ALA A 73 -0.84 14.84 6.65
N CYS A 74 -2.14 14.63 6.82
CA CYS A 74 -3.13 15.68 6.63
C CYS A 74 -2.88 16.80 7.65
N LYS A 75 -3.20 18.02 7.29
CA LYS A 75 -2.95 19.17 8.16
C LYS A 75 -4.17 19.51 8.99
N CYS A 76 -5.09 18.57 9.05
CA CYS A 76 -6.30 18.73 9.79
C CYS A 76 -6.21 18.02 11.14
N ALA A 77 -7.06 18.41 12.06
CA ALA A 77 -7.11 17.80 13.37
C ALA A 77 -8.45 17.10 13.56
N ALA A 78 -8.61 16.40 14.66
CA ALA A 78 -9.84 15.65 14.94
C ALA A 78 -11.09 16.55 14.89
N GLY A 79 -10.92 17.82 15.18
CA GLY A 79 -12.02 18.74 15.15
C GLY A 79 -11.74 19.96 14.32
N SER A 80 -11.04 19.77 13.21
CA SER A 80 -10.69 20.88 12.32
C SER A 80 -10.31 20.33 10.96
N CYS A 81 -10.94 20.85 9.92
CA CYS A 81 -10.68 20.43 8.57
C CYS A 81 -10.42 21.63 7.66
N LYS A 82 -9.48 21.49 6.74
CA LYS A 82 -9.13 22.60 5.83
C LYS A 82 -9.49 22.31 4.39
N CYS A 83 -8.89 21.25 3.85
CA CYS A 83 -9.08 20.85 2.46
C CYS A 83 -10.57 20.72 2.11
N GLY A 84 -11.37 20.29 3.09
CA GLY A 84 -12.79 20.15 2.86
C GLY A 84 -13.16 18.76 2.40
N LYS A 85 -12.19 17.85 2.45
CA LYS A 85 -12.46 16.48 2.07
C LYS A 85 -13.00 15.71 3.27
N GLY A 86 -12.83 16.28 4.47
CA GLY A 86 -13.36 15.69 5.68
C GLY A 86 -12.54 14.52 6.18
N CYS A 87 -11.24 14.68 6.23
CA CYS A 87 -10.36 13.64 6.71
C CYS A 87 -9.99 13.86 8.17
N THR A 88 -9.81 15.13 8.53
CA THR A 88 -9.51 15.54 9.91
C THR A 88 -8.33 14.77 10.52
N GLY A 89 -7.26 14.61 9.76
CA GLY A 89 -6.08 13.94 10.29
C GLY A 89 -5.63 12.80 9.40
N PRO A 90 -4.42 12.25 9.64
CA PRO A 90 -3.87 11.17 8.81
C PRO A 90 -4.62 9.87 9.05
N ASP A 91 -5.28 9.80 10.19
CA ASP A 91 -6.08 8.65 10.58
C ASP A 91 -7.16 8.35 9.57
N SER A 92 -7.86 9.38 9.13
CA SER A 92 -8.94 9.21 8.19
C SER A 92 -8.57 9.72 6.80
N CYS A 93 -7.36 10.28 6.67
CA CYS A 93 -6.90 10.77 5.38
C CYS A 93 -6.50 9.62 4.49
N LYS A 94 -7.46 9.14 3.73
CA LYS A 94 -7.25 8.04 2.81
C LYS A 94 -6.99 8.59 1.43
N CYS A 95 -6.73 9.88 1.39
CA CYS A 95 -6.44 10.60 0.18
C CYS A 95 -5.01 10.32 -0.28
N ASP A 96 -4.48 11.21 -1.07
CA ASP A 96 -3.14 11.08 -1.55
C ASP A 96 -2.47 12.44 -1.54
N ARG A 97 -1.45 12.59 -2.36
CA ARG A 97 -0.68 13.82 -2.44
C ARG A 97 -1.47 14.95 -3.09
N SER A 98 -2.60 14.63 -3.69
CA SER A 98 -3.44 15.63 -4.34
C SER A 98 -4.19 16.45 -3.30
N CYS A 99 -3.97 16.11 -2.05
CA CYS A 99 -4.55 16.85 -0.96
C CYS A 99 -3.88 18.21 -0.88
N SER A 100 -4.67 19.25 -0.80
CA SER A 100 -4.15 20.62 -0.78
C SER A 100 -3.54 21.00 0.58
N CYS A 101 -3.58 20.07 1.52
CA CYS A 101 -3.02 20.31 2.83
C CYS A 101 -1.53 20.03 2.89
N LYS A 102 -1.05 19.19 1.99
CA LYS A 102 0.35 18.81 1.99
C LYS A 102 1.23 20.03 1.68
N GLY A 1 -8.80 -31.13 -20.69
CA GLY A 1 -10.22 -31.60 -20.62
C GLY A 1 -10.71 -31.70 -19.19
N SER A 2 -10.08 -30.97 -18.30
CA SER A 2 -10.45 -30.98 -16.90
C SER A 2 -10.35 -29.57 -16.32
N MET A 3 -10.55 -29.45 -15.01
CA MET A 3 -10.47 -28.15 -14.34
C MET A 3 -9.08 -27.57 -14.43
N SER A 4 -8.08 -28.39 -14.07
CA SER A 4 -6.67 -27.97 -14.08
C SER A 4 -6.48 -26.63 -13.35
N SER A 5 -6.95 -26.58 -12.11
CA SER A 5 -6.84 -25.38 -11.31
C SER A 5 -6.83 -25.73 -9.83
N VAL A 6 -5.67 -25.61 -9.21
CA VAL A 6 -5.53 -25.90 -7.81
C VAL A 6 -5.71 -24.64 -7.00
N PHE A 7 -6.90 -24.44 -6.47
CA PHE A 7 -7.22 -23.25 -5.71
C PHE A 7 -6.69 -23.35 -4.29
N GLY A 8 -5.37 -23.35 -4.18
CA GLY A 8 -4.73 -23.43 -2.89
C GLY A 8 -3.23 -23.60 -3.02
N ALA A 9 -2.83 -24.80 -3.37
CA ALA A 9 -1.40 -25.13 -3.48
C ALA A 9 -0.84 -24.79 -4.86
N GLY A 10 -1.63 -24.09 -5.65
CA GLY A 10 -1.19 -23.70 -6.96
C GLY A 10 -0.52 -22.35 -6.94
N CYS A 11 0.58 -22.25 -6.22
CA CYS A 11 1.30 -21.00 -6.10
C CYS A 11 2.20 -20.77 -7.34
N THR A 12 3.12 -19.83 -7.25
CA THR A 12 3.96 -19.49 -8.40
C THR A 12 5.45 -19.47 -8.04
N ASP A 13 6.28 -19.71 -9.05
CA ASP A 13 7.73 -19.71 -8.89
C ASP A 13 8.25 -18.31 -8.62
N THR A 14 7.56 -17.33 -9.16
CA THR A 14 7.91 -15.93 -8.97
C THR A 14 7.81 -15.57 -7.48
N CYS A 15 7.05 -16.36 -6.76
CA CYS A 15 6.83 -16.13 -5.36
C CYS A 15 7.94 -16.75 -4.52
N LYS A 16 8.81 -17.50 -5.16
CA LYS A 16 9.90 -18.18 -4.46
C LYS A 16 11.08 -17.23 -4.25
N GLN A 17 10.88 -15.96 -4.57
CA GLN A 17 11.93 -14.97 -4.39
C GLN A 17 11.73 -14.27 -3.06
N THR A 18 12.74 -13.56 -2.60
CA THR A 18 12.66 -12.81 -1.35
C THR A 18 13.42 -11.49 -1.46
N PRO A 19 12.71 -10.36 -1.66
CA PRO A 19 11.25 -10.34 -1.77
C PRO A 19 10.76 -10.98 -3.06
N CYS A 20 9.54 -11.47 -3.03
CA CYS A 20 8.97 -12.15 -4.17
C CYS A 20 8.86 -11.20 -5.36
N GLY A 21 8.69 -11.76 -6.54
CA GLY A 21 8.57 -10.95 -7.73
C GLY A 21 7.14 -10.70 -8.12
N CYS A 22 6.23 -10.96 -7.19
CA CYS A 22 4.80 -10.76 -7.45
C CYS A 22 4.48 -9.28 -7.61
N GLY A 23 4.70 -8.51 -6.54
CA GLY A 23 4.41 -7.09 -6.56
C GLY A 23 2.93 -6.81 -6.60
N SER A 24 2.38 -6.70 -7.80
CA SER A 24 0.97 -6.48 -7.98
C SER A 24 0.42 -7.47 -9.01
N GLY A 25 1.24 -8.45 -9.38
CA GLY A 25 0.84 -9.45 -10.35
C GLY A 25 1.00 -10.85 -9.80
N CYS A 26 0.16 -11.18 -8.84
CA CYS A 26 0.22 -12.48 -8.19
C CYS A 26 -0.29 -13.58 -9.11
N ASN A 27 0.45 -14.66 -9.17
CA ASN A 27 0.05 -15.84 -9.94
C ASN A 27 -0.29 -16.96 -8.99
N CYS A 28 -0.37 -16.62 -7.73
CA CYS A 28 -0.67 -17.57 -6.68
C CYS A 28 -2.15 -17.51 -6.29
N LYS A 29 -2.54 -18.40 -5.40
CA LYS A 29 -3.92 -18.46 -4.92
C LYS A 29 -4.07 -17.72 -3.61
N GLU A 30 -5.30 -17.66 -3.10
CA GLU A 30 -5.61 -16.94 -1.85
C GLU A 30 -5.26 -17.79 -0.63
N ASP A 31 -4.49 -18.84 -0.84
CA ASP A 31 -4.08 -19.74 0.22
C ASP A 31 -2.64 -19.42 0.63
N CYS A 32 -2.10 -18.38 0.02
CA CYS A 32 -0.73 -17.95 0.26
C CYS A 32 -0.61 -17.16 1.59
N ARG A 33 0.57 -17.19 2.19
CA ARG A 33 0.83 -16.51 3.45
C ARG A 33 2.06 -15.63 3.33
N CYS A 34 2.23 -15.02 2.18
CA CYS A 34 3.40 -14.21 1.94
C CYS A 34 3.12 -12.77 2.31
N GLN A 35 3.91 -12.24 3.23
CA GLN A 35 3.78 -10.87 3.68
C GLN A 35 4.23 -9.90 2.59
N SER A 36 4.96 -10.43 1.62
CA SER A 36 5.46 -9.63 0.51
C SER A 36 4.30 -9.09 -0.34
N CYS A 37 3.43 -9.98 -0.77
CA CYS A 37 2.30 -9.61 -1.61
C CYS A 37 1.01 -9.65 -0.79
N LYS A 38 1.14 -9.41 0.49
CA LYS A 38 0.01 -9.46 1.40
C LYS A 38 -0.72 -8.12 1.40
N TYR A 39 -1.14 -7.73 0.24
CA TYR A 39 -1.88 -6.49 0.05
C TYR A 39 -3.36 -6.77 -0.11
N GLY A 40 -4.16 -5.73 0.02
CA GLY A 40 -5.58 -5.86 -0.15
C GLY A 40 -6.09 -4.97 -1.24
N ALA A 41 -7.12 -5.43 -1.97
CA ALA A 41 -7.77 -4.69 -3.06
C ALA A 41 -6.88 -4.62 -4.31
N GLY A 42 -5.63 -4.25 -4.13
CA GLY A 42 -4.72 -4.17 -5.24
C GLY A 42 -3.75 -3.02 -5.11
N CYS A 43 -2.82 -3.14 -4.18
CA CYS A 43 -1.81 -2.11 -3.96
C CYS A 43 -0.43 -2.75 -4.16
N THR A 44 0.62 -1.96 -4.08
CA THR A 44 1.97 -2.46 -4.32
C THR A 44 2.61 -3.04 -3.06
N ASP A 45 3.54 -3.97 -3.28
CA ASP A 45 4.27 -4.62 -2.20
C ASP A 45 5.24 -3.65 -1.54
N VAL A 46 5.77 -2.75 -2.33
CA VAL A 46 6.72 -1.75 -1.87
C VAL A 46 6.08 -0.84 -0.81
N CYS A 47 4.79 -0.62 -0.95
CA CYS A 47 4.05 0.21 -0.03
C CYS A 47 3.72 -0.57 1.25
N LYS A 48 3.90 -1.87 1.20
CA LYS A 48 3.58 -2.72 2.34
C LYS A 48 4.87 -3.07 3.12
N GLN A 49 5.91 -2.27 2.93
CA GLN A 49 7.17 -2.45 3.64
C GLN A 49 7.10 -1.82 5.04
N THR A 50 8.12 -2.02 5.83
CA THR A 50 8.22 -1.41 7.15
C THR A 50 9.70 -1.24 7.54
N PRO A 51 10.25 0.00 7.45
CA PRO A 51 9.49 1.18 7.01
C PRO A 51 9.09 1.09 5.54
N CYS A 52 8.08 1.85 5.18
CA CYS A 52 7.54 1.83 3.82
C CYS A 52 8.63 2.05 2.78
N GLY A 53 8.48 1.39 1.64
CA GLY A 53 9.46 1.49 0.60
C GLY A 53 9.11 2.50 -0.45
N CYS A 54 7.88 3.02 -0.42
CA CYS A 54 7.48 4.04 -1.39
C CYS A 54 8.29 5.31 -1.20
N ALA A 55 8.91 5.45 -0.05
CA ALA A 55 9.75 6.59 0.23
C ALA A 55 11.21 6.24 -0.04
N THR A 56 11.44 4.99 -0.42
CA THR A 56 12.79 4.50 -0.68
C THR A 56 13.02 4.26 -2.19
N SER A 57 12.07 3.61 -2.85
CA SER A 57 12.22 3.27 -4.26
C SER A 57 11.30 4.11 -5.14
N GLY A 58 10.80 5.20 -4.58
CA GLY A 58 9.88 6.03 -5.31
C GLY A 58 8.45 5.61 -5.04
N CYS A 59 7.55 6.55 -5.06
CA CYS A 59 6.17 6.26 -4.75
C CYS A 59 5.43 5.77 -5.98
N ASN A 60 4.51 4.84 -5.78
CA ASN A 60 3.73 4.27 -6.87
C ASN A 60 2.29 4.77 -6.86
N CYS A 61 1.68 4.74 -5.69
CA CYS A 61 0.30 5.17 -5.56
C CYS A 61 0.18 6.67 -5.29
N THR A 62 -1.00 7.13 -4.98
CA THR A 62 -1.23 8.53 -4.76
C THR A 62 -1.49 8.84 -3.29
N ASP A 63 -1.75 10.11 -3.00
CA ASP A 63 -2.04 10.57 -1.64
C ASP A 63 -3.44 10.15 -1.23
N ASP A 64 -4.07 9.36 -2.09
CA ASP A 64 -5.38 8.81 -1.82
C ASP A 64 -5.25 7.65 -0.83
N CYS A 65 -4.09 7.03 -0.83
CA CYS A 65 -3.81 5.88 0.02
C CYS A 65 -3.78 6.31 1.50
N LYS A 66 -4.24 5.43 2.38
CA LYS A 66 -4.26 5.72 3.82
C LYS A 66 -2.87 5.72 4.42
N CYS A 67 -1.90 5.34 3.65
CA CYS A 67 -0.56 5.26 4.14
C CYS A 67 0.08 6.63 4.18
N GLN A 68 0.32 7.13 5.38
CA GLN A 68 0.91 8.45 5.58
C GLN A 68 2.43 8.38 5.49
N SER A 69 2.94 7.28 4.98
CA SER A 69 4.37 7.09 4.85
C SER A 69 4.87 7.69 3.54
N CYS A 70 4.07 7.54 2.50
CA CYS A 70 4.42 8.04 1.18
C CYS A 70 3.57 9.24 0.77
N SER A 71 2.46 9.45 1.47
CA SER A 71 1.59 10.56 1.17
C SER A 71 2.15 11.85 1.75
N THR A 72 1.63 12.96 1.27
CA THR A 72 2.06 14.27 1.69
C THR A 72 1.50 14.65 3.06
N ALA A 73 2.33 15.28 3.86
CA ALA A 73 1.95 15.74 5.18
C ALA A 73 1.10 16.99 5.08
N CYS A 74 0.20 17.16 6.04
CA CYS A 74 -0.64 18.34 6.08
C CYS A 74 0.13 19.48 6.73
N LYS A 75 -0.18 20.70 6.35
CA LYS A 75 0.55 21.86 6.86
C LYS A 75 -0.15 22.46 8.08
N CYS A 76 -1.02 21.69 8.68
CA CYS A 76 -1.71 22.11 9.87
C CYS A 76 -0.84 21.85 11.09
N ALA A 77 -1.21 22.44 12.20
CA ALA A 77 -0.49 22.25 13.44
C ALA A 77 -1.46 21.79 14.51
N ALA A 78 -0.92 21.45 15.69
CA ALA A 78 -1.73 20.96 16.80
C ALA A 78 -2.95 21.85 17.08
N GLY A 79 -2.79 23.13 16.84
CA GLY A 79 -3.86 24.07 17.02
C GLY A 79 -3.94 25.04 15.87
N SER A 80 -3.99 24.51 14.66
CA SER A 80 -4.05 25.33 13.46
C SER A 80 -4.52 24.52 12.25
N CYS A 81 -5.79 24.65 11.91
CA CYS A 81 -6.38 23.97 10.76
C CYS A 81 -6.54 24.97 9.59
N LYS A 82 -6.07 24.60 8.40
CA LYS A 82 -6.17 25.49 7.24
C LYS A 82 -7.26 25.03 6.27
N CYS A 83 -7.11 23.82 5.77
CA CYS A 83 -8.03 23.28 4.77
C CYS A 83 -9.47 23.20 5.31
N GLY A 84 -9.60 23.15 6.63
CA GLY A 84 -10.90 23.13 7.24
C GLY A 84 -11.52 21.76 7.28
N LYS A 85 -10.70 20.73 7.20
CA LYS A 85 -11.20 19.37 7.24
C LYS A 85 -11.16 18.83 8.67
N GLY A 86 -10.65 19.63 9.57
CA GLY A 86 -10.61 19.24 10.95
C GLY A 86 -9.44 18.34 11.28
N CYS A 87 -8.29 18.65 10.73
CA CYS A 87 -7.09 17.92 11.00
C CYS A 87 -6.02 18.86 11.51
N THR A 88 -5.41 18.52 12.62
CA THR A 88 -4.41 19.36 13.21
C THR A 88 -3.02 18.78 13.04
N GLY A 89 -2.59 18.68 11.80
CA GLY A 89 -1.27 18.18 11.51
C GLY A 89 -1.31 16.92 10.69
N PRO A 90 -0.17 16.49 10.12
CA PRO A 90 -0.10 15.27 9.30
C PRO A 90 -0.44 14.01 10.08
N ASP A 91 -0.22 14.03 11.38
CA ASP A 91 -0.52 12.87 12.22
C ASP A 91 -2.02 12.77 12.43
N SER A 92 -2.68 13.92 12.43
CA SER A 92 -4.12 13.97 12.58
C SER A 92 -4.81 13.90 11.22
N CYS A 93 -4.11 14.32 10.17
CA CYS A 93 -4.66 14.26 8.83
C CYS A 93 -4.75 12.84 8.37
N LYS A 94 -5.93 12.32 8.40
CA LYS A 94 -6.19 10.97 8.01
C LYS A 94 -7.18 10.98 6.87
N CYS A 95 -7.23 12.11 6.20
CA CYS A 95 -8.11 12.34 5.07
C CYS A 95 -7.44 11.83 3.79
N ASP A 96 -8.06 12.07 2.66
CA ASP A 96 -7.51 11.64 1.38
C ASP A 96 -6.83 12.80 0.68
N ARG A 97 -6.60 12.64 -0.62
CA ARG A 97 -5.93 13.67 -1.43
C ARG A 97 -6.90 14.81 -1.80
N SER A 98 -7.89 15.03 -0.96
CA SER A 98 -8.87 16.09 -1.17
C SER A 98 -8.39 17.39 -0.50
N CYS A 99 -7.37 17.27 0.32
CA CYS A 99 -6.81 18.42 1.02
C CYS A 99 -5.87 19.22 0.12
N SER A 100 -5.94 20.54 0.25
CA SER A 100 -5.10 21.42 -0.54
C SER A 100 -3.74 21.65 0.13
N CYS A 101 -3.59 21.13 1.34
CA CYS A 101 -2.33 21.23 2.07
C CYS A 101 -1.39 20.11 1.67
N LYS A 102 -1.86 19.28 0.76
CA LYS A 102 -1.09 18.15 0.31
C LYS A 102 -0.08 18.56 -0.75
N GLY A 1 -11.63 -25.90 -12.94
CA GLY A 1 -11.88 -24.49 -13.35
C GLY A 1 -11.16 -23.49 -12.46
N SER A 2 -11.67 -23.30 -11.26
CA SER A 2 -11.07 -22.39 -10.32
C SER A 2 -10.62 -23.15 -9.07
N MET A 3 -10.21 -22.44 -8.05
CA MET A 3 -9.76 -23.04 -6.82
C MET A 3 -10.69 -22.68 -5.67
N SER A 4 -11.48 -23.64 -5.25
CA SER A 4 -12.44 -23.44 -4.19
C SER A 4 -11.92 -23.98 -2.86
N SER A 5 -12.36 -23.36 -1.75
CA SER A 5 -11.96 -23.74 -0.38
C SER A 5 -10.44 -23.77 -0.22
N VAL A 6 -9.75 -22.92 -0.94
CA VAL A 6 -8.31 -22.85 -0.86
C VAL A 6 -7.87 -21.62 -0.10
N PHE A 7 -7.33 -21.84 1.08
CA PHE A 7 -6.83 -20.77 1.91
C PHE A 7 -5.34 -20.93 2.10
N GLY A 8 -4.59 -19.95 1.62
CA GLY A 8 -3.15 -20.03 1.67
C GLY A 8 -2.59 -20.89 0.55
N ALA A 9 -1.47 -20.46 -0.03
CA ALA A 9 -0.77 -21.20 -1.09
C ALA A 9 -1.62 -21.33 -2.37
N GLY A 10 -2.77 -20.69 -2.40
CA GLY A 10 -3.64 -20.77 -3.54
C GLY A 10 -3.43 -19.62 -4.48
N CYS A 11 -2.25 -19.54 -5.04
CA CYS A 11 -1.93 -18.47 -5.97
C CYS A 11 -2.48 -18.73 -7.35
N THR A 12 -2.63 -17.66 -8.10
CA THR A 12 -3.15 -17.72 -9.43
C THR A 12 -2.04 -17.99 -10.43
N ASP A 13 -2.42 -18.36 -11.63
CA ASP A 13 -1.47 -18.63 -12.70
C ASP A 13 -0.78 -17.34 -13.11
N THR A 14 -1.49 -16.22 -12.94
CA THR A 14 -0.98 -14.90 -13.26
C THR A 14 0.25 -14.55 -12.39
N CYS A 15 0.40 -15.27 -11.30
CA CYS A 15 1.48 -15.04 -10.36
C CYS A 15 2.73 -15.84 -10.76
N LYS A 16 2.68 -16.49 -11.90
CA LYS A 16 3.79 -17.30 -12.35
C LYS A 16 4.54 -16.64 -13.49
N GLN A 17 4.19 -15.40 -13.78
CA GLN A 17 4.77 -14.71 -14.92
C GLN A 17 6.07 -14.01 -14.53
N THR A 18 6.85 -13.63 -15.52
CA THR A 18 8.10 -12.90 -15.31
C THR A 18 8.27 -11.81 -16.39
N PRO A 19 7.99 -10.53 -16.05
CA PRO A 19 7.55 -10.12 -14.71
C PRO A 19 6.14 -10.60 -14.40
N CYS A 20 5.81 -10.63 -13.13
CA CYS A 20 4.51 -11.09 -12.67
C CYS A 20 3.38 -10.28 -13.29
N GLY A 21 2.25 -10.92 -13.54
CA GLY A 21 1.15 -10.25 -14.18
C GLY A 21 0.13 -9.72 -13.20
N CYS A 22 0.47 -9.74 -11.93
CA CYS A 22 -0.44 -9.27 -10.90
C CYS A 22 -0.45 -7.76 -10.77
N GLY A 23 0.17 -7.08 -11.73
CA GLY A 23 0.17 -5.64 -11.74
C GLY A 23 -1.22 -5.09 -12.01
N SER A 24 -2.11 -5.97 -12.43
CA SER A 24 -3.49 -5.62 -12.70
C SER A 24 -4.39 -5.95 -11.50
N GLY A 25 -3.87 -6.74 -10.57
CA GLY A 25 -4.65 -7.15 -9.42
C GLY A 25 -4.30 -8.55 -9.00
N CYS A 26 -3.93 -8.72 -7.76
CA CYS A 26 -3.52 -10.01 -7.26
C CYS A 26 -4.71 -10.92 -7.01
N ASN A 27 -4.66 -12.10 -7.61
CA ASN A 27 -5.72 -13.10 -7.48
C ASN A 27 -5.25 -14.22 -6.54
N CYS A 28 -4.09 -14.03 -5.94
CA CYS A 28 -3.50 -14.99 -5.05
C CYS A 28 -3.92 -14.73 -3.61
N LYS A 29 -3.25 -15.37 -2.66
CA LYS A 29 -3.57 -15.20 -1.27
C LYS A 29 -2.71 -14.12 -0.64
N GLU A 30 -3.14 -13.60 0.50
CA GLU A 30 -2.40 -12.54 1.19
C GLU A 30 -1.14 -13.07 1.85
N ASP A 31 -0.91 -14.36 1.69
CA ASP A 31 0.25 -15.02 2.26
C ASP A 31 1.28 -15.28 1.17
N CYS A 32 1.23 -14.46 0.13
CA CYS A 32 2.14 -14.60 -1.00
C CYS A 32 3.56 -14.17 -0.63
N ARG A 33 4.55 -14.93 -1.11
CA ARG A 33 5.95 -14.63 -0.85
C ARG A 33 6.68 -14.30 -2.17
N CYS A 34 6.08 -13.46 -2.99
CA CYS A 34 6.65 -13.12 -4.30
C CYS A 34 7.13 -11.69 -4.30
N GLN A 35 8.37 -11.45 -4.72
CA GLN A 35 8.93 -10.09 -4.75
C GLN A 35 8.15 -9.17 -5.69
N SER A 36 7.36 -9.77 -6.57
CA SER A 36 6.58 -9.02 -7.52
C SER A 36 5.39 -8.33 -6.85
N CYS A 37 4.64 -9.09 -6.08
CA CYS A 37 3.45 -8.59 -5.42
C CYS A 37 3.57 -8.76 -3.92
N LYS A 38 4.82 -8.68 -3.44
CA LYS A 38 5.15 -8.80 -2.02
C LYS A 38 4.31 -7.83 -1.21
N TYR A 39 4.06 -6.68 -1.81
CA TYR A 39 3.20 -5.67 -1.23
C TYR A 39 1.95 -5.55 -2.08
N GLY A 40 2.15 -5.47 -3.38
CA GLY A 40 1.06 -5.36 -4.32
C GLY A 40 1.54 -4.88 -5.66
N ALA A 41 1.58 -3.58 -5.84
CA ALA A 41 2.04 -2.99 -7.09
C ALA A 41 3.56 -2.97 -7.14
N GLY A 42 4.19 -3.07 -5.98
CA GLY A 42 5.64 -3.08 -5.92
C GLY A 42 6.16 -2.07 -4.92
N CYS A 43 6.64 -2.56 -3.80
CA CYS A 43 7.15 -1.69 -2.75
C CYS A 43 8.57 -2.05 -2.37
N THR A 44 9.12 -1.28 -1.46
CA THR A 44 10.47 -1.48 -0.99
C THR A 44 10.46 -2.29 0.30
N ASP A 45 11.61 -2.81 0.67
CA ASP A 45 11.74 -3.58 1.89
C ASP A 45 11.89 -2.65 3.09
N VAL A 46 12.29 -1.41 2.84
CA VAL A 46 12.45 -0.41 3.91
C VAL A 46 11.07 0.03 4.40
N CYS A 47 10.11 -0.08 3.54
CA CYS A 47 8.75 0.27 3.87
C CYS A 47 8.11 -0.87 4.67
N LYS A 48 8.51 -2.10 4.38
CA LYS A 48 8.00 -3.28 5.08
C LYS A 48 8.63 -3.45 6.45
N GLN A 49 9.43 -2.48 6.85
CA GLN A 49 10.05 -2.51 8.16
C GLN A 49 9.03 -2.29 9.25
N THR A 50 9.35 -2.70 10.44
CA THR A 50 8.49 -2.50 11.57
C THR A 50 9.33 -2.32 12.83
N PRO A 51 9.40 -1.08 13.34
CA PRO A 51 8.70 0.09 12.78
C PRO A 51 9.27 0.49 11.42
N CYS A 52 8.46 1.17 10.63
CA CYS A 52 8.87 1.57 9.30
C CYS A 52 10.02 2.56 9.36
N GLY A 53 10.96 2.41 8.47
CA GLY A 53 12.12 3.28 8.45
C GLY A 53 12.37 3.83 7.08
N CYS A 54 11.33 3.82 6.26
CA CYS A 54 11.45 4.29 4.90
C CYS A 54 11.76 5.78 4.87
N ALA A 55 11.05 6.55 5.68
CA ALA A 55 11.26 7.99 5.71
C ALA A 55 12.67 8.31 6.22
N THR A 56 13.15 7.47 7.12
CA THR A 56 14.47 7.64 7.70
C THR A 56 15.57 7.37 6.64
N SER A 57 15.33 6.38 5.81
CA SER A 57 16.27 6.02 4.75
C SER A 57 15.95 6.79 3.47
N GLY A 58 14.95 7.65 3.55
CA GLY A 58 14.53 8.39 2.39
C GLY A 58 13.38 7.69 1.72
N CYS A 59 12.18 8.24 1.87
CA CYS A 59 10.97 7.66 1.31
C CYS A 59 11.14 7.39 -0.18
N ASN A 60 10.98 6.14 -0.57
CA ASN A 60 11.18 5.75 -1.95
C ASN A 60 9.87 5.63 -2.71
N CYS A 61 8.87 5.04 -2.07
CA CYS A 61 7.59 4.82 -2.71
C CYS A 61 6.77 6.10 -2.78
N THR A 62 5.57 6.01 -3.30
CA THR A 62 4.72 7.16 -3.47
C THR A 62 3.83 7.40 -2.27
N ASP A 63 3.24 8.58 -2.21
CA ASP A 63 2.36 8.95 -1.11
C ASP A 63 0.97 8.29 -1.32
N ASP A 64 0.88 7.48 -2.37
CA ASP A 64 -0.33 6.72 -2.69
C ASP A 64 -0.43 5.52 -1.75
N CYS A 65 0.67 5.25 -1.07
CA CYS A 65 0.75 4.16 -0.15
C CYS A 65 -0.08 4.47 1.10
N LYS A 66 -0.85 3.48 1.57
CA LYS A 66 -1.68 3.65 2.76
C LYS A 66 -0.84 3.70 4.03
N CYS A 67 0.45 3.47 3.89
CA CYS A 67 1.33 3.48 5.03
C CYS A 67 1.53 4.91 5.52
N GLN A 68 0.86 5.24 6.61
CA GLN A 68 0.89 6.59 7.17
C GLN A 68 2.18 6.85 7.94
N SER A 69 3.09 5.89 7.93
CA SER A 69 4.34 6.02 8.66
C SER A 69 5.36 6.90 7.90
N CYS A 70 5.59 6.59 6.64
CA CYS A 70 6.59 7.32 5.86
C CYS A 70 5.97 8.40 4.96
N SER A 71 4.68 8.27 4.69
CA SER A 71 3.98 9.21 3.83
C SER A 71 3.87 10.60 4.47
N THR A 72 3.38 11.56 3.68
CA THR A 72 3.24 12.92 4.15
C THR A 72 1.96 13.09 4.98
N ALA A 73 2.03 13.96 5.97
CA ALA A 73 0.91 14.21 6.85
C ALA A 73 0.01 15.29 6.28
N CYS A 74 -1.26 15.25 6.65
CA CYS A 74 -2.23 16.23 6.18
C CYS A 74 -2.14 17.52 6.99
N LYS A 75 -2.79 18.57 6.51
CA LYS A 75 -2.74 19.87 7.17
C LYS A 75 -4.05 20.23 7.85
N CYS A 76 -4.98 19.28 7.90
CA CYS A 76 -6.26 19.53 8.54
C CYS A 76 -6.17 19.44 10.06
N ALA A 77 -7.25 19.81 10.72
CA ALA A 77 -7.32 19.81 12.16
C ALA A 77 -8.69 19.33 12.61
N ALA A 78 -8.86 19.21 13.91
CA ALA A 78 -10.12 18.77 14.48
C ALA A 78 -11.21 19.81 14.23
N GLY A 79 -11.97 19.61 13.18
CA GLY A 79 -13.04 20.51 12.85
C GLY A 79 -12.70 21.40 11.68
N SER A 80 -11.53 21.18 11.11
CA SER A 80 -11.08 21.96 9.98
C SER A 80 -10.60 21.05 8.85
N CYS A 81 -11.44 20.90 7.84
CA CYS A 81 -11.14 20.09 6.69
C CYS A 81 -10.90 20.98 5.46
N LYS A 82 -9.70 20.91 4.90
CA LYS A 82 -9.32 21.75 3.76
C LYS A 82 -9.64 21.06 2.44
N CYS A 83 -8.99 19.94 2.21
CA CYS A 83 -9.12 19.18 0.97
C CYS A 83 -10.56 18.73 0.73
N GLY A 84 -11.29 18.49 1.81
CA GLY A 84 -12.65 18.03 1.69
C GLY A 84 -12.72 16.53 1.56
N LYS A 85 -11.64 15.86 1.91
CA LYS A 85 -11.57 14.41 1.82
C LYS A 85 -12.10 13.78 3.12
N GLY A 86 -12.32 14.62 4.12
CA GLY A 86 -12.89 14.15 5.38
C GLY A 86 -11.88 13.48 6.29
N CYS A 87 -10.71 14.07 6.40
CA CYS A 87 -9.67 13.52 7.26
C CYS A 87 -9.60 14.25 8.60
N THR A 88 -9.67 15.59 8.55
CA THR A 88 -9.61 16.45 9.75
C THR A 88 -8.39 16.16 10.64
N GLY A 89 -7.26 15.91 10.00
CA GLY A 89 -6.03 15.66 10.73
C GLY A 89 -5.26 14.50 10.14
N PRO A 90 -3.92 14.50 10.27
CA PRO A 90 -3.08 13.45 9.70
C PRO A 90 -3.31 12.10 10.37
N ASP A 91 -3.79 12.14 11.60
CA ASP A 91 -4.09 10.94 12.35
C ASP A 91 -5.27 10.20 11.74
N SER A 92 -6.17 10.96 11.15
CA SER A 92 -7.34 10.40 10.53
C SER A 92 -7.25 10.55 9.03
N CYS A 93 -6.07 10.95 8.56
CA CYS A 93 -5.84 11.11 7.15
C CYS A 93 -5.50 9.77 6.54
N LYS A 94 -6.52 9.10 6.10
CA LYS A 94 -6.36 7.82 5.46
C LYS A 94 -6.47 8.00 3.96
N CYS A 95 -6.20 9.22 3.53
CA CYS A 95 -6.25 9.56 2.14
C CYS A 95 -4.92 9.32 1.51
N ASP A 96 -4.93 9.13 0.22
CA ASP A 96 -3.72 8.90 -0.52
C ASP A 96 -3.12 10.24 -0.97
N ARG A 97 -2.14 10.15 -1.83
CA ARG A 97 -1.40 11.30 -2.36
C ARG A 97 -2.30 12.33 -3.06
N SER A 98 -3.48 11.91 -3.45
CA SER A 98 -4.40 12.79 -4.18
C SER A 98 -4.92 13.90 -3.28
N CYS A 99 -4.55 13.83 -2.01
CA CYS A 99 -4.94 14.83 -1.06
C CYS A 99 -4.23 16.14 -1.37
N SER A 100 -5.00 17.20 -1.46
CA SER A 100 -4.48 18.51 -1.79
C SER A 100 -3.53 19.05 -0.73
N CYS A 101 -3.72 18.62 0.50
CA CYS A 101 -2.95 19.15 1.61
C CYS A 101 -1.58 18.47 1.78
N LYS A 102 -1.23 17.56 0.88
CA LYS A 102 0.10 16.96 0.92
C LYS A 102 1.13 17.94 0.39
N GLY A 1 -3.09 -31.34 4.82
CA GLY A 1 -4.31 -32.04 5.29
C GLY A 1 -5.26 -32.35 4.15
N SER A 2 -4.83 -33.25 3.26
CA SER A 2 -5.62 -33.67 2.09
C SER A 2 -6.23 -32.48 1.34
N MET A 3 -5.37 -31.73 0.67
CA MET A 3 -5.82 -30.57 -0.08
C MET A 3 -4.95 -30.35 -1.31
N SER A 4 -5.32 -29.35 -2.10
CA SER A 4 -4.58 -29.01 -3.29
C SER A 4 -3.62 -27.87 -3.01
N SER A 5 -2.38 -28.03 -3.44
CA SER A 5 -1.37 -27.03 -3.24
C SER A 5 -1.28 -26.11 -4.45
N VAL A 6 -1.40 -24.83 -4.23
CA VAL A 6 -1.35 -23.86 -5.31
C VAL A 6 -0.10 -22.98 -5.17
N PHE A 7 0.46 -22.58 -6.29
CA PHE A 7 1.67 -21.75 -6.27
C PHE A 7 1.54 -20.52 -7.14
N GLY A 8 0.43 -20.42 -7.83
CA GLY A 8 0.23 -19.29 -8.71
C GLY A 8 -1.20 -18.86 -8.82
N ALA A 9 -2.11 -19.81 -8.86
CA ALA A 9 -3.54 -19.52 -8.99
C ALA A 9 -4.17 -19.14 -7.66
N GLY A 10 -3.33 -19.01 -6.64
CA GLY A 10 -3.80 -18.66 -5.32
C GLY A 10 -4.01 -17.18 -5.17
N CYS A 11 -4.93 -16.66 -5.93
CA CYS A 11 -5.20 -15.23 -5.93
C CYS A 11 -6.21 -14.86 -4.84
N THR A 12 -6.61 -13.60 -4.80
CA THR A 12 -7.51 -13.12 -3.76
C THR A 12 -8.52 -12.11 -4.31
N ASP A 13 -9.64 -11.97 -3.61
CA ASP A 13 -10.68 -11.00 -3.96
C ASP A 13 -10.18 -9.58 -3.71
N THR A 14 -9.28 -9.45 -2.73
CA THR A 14 -8.70 -8.16 -2.36
C THR A 14 -7.90 -7.57 -3.53
N CYS A 15 -7.60 -8.41 -4.49
CA CYS A 15 -6.84 -8.02 -5.65
C CYS A 15 -7.77 -7.45 -6.72
N LYS A 16 -9.06 -7.59 -6.51
CA LYS A 16 -10.04 -7.12 -7.47
C LYS A 16 -10.65 -5.82 -7.01
N GLN A 17 -9.97 -5.13 -6.13
CA GLN A 17 -10.45 -3.87 -5.59
C GLN A 17 -9.96 -2.71 -6.46
N THR A 18 -10.56 -1.55 -6.25
CA THR A 18 -10.19 -0.34 -6.99
C THR A 18 -10.39 0.91 -6.12
N PRO A 19 -9.29 1.48 -5.57
CA PRO A 19 -7.93 0.96 -5.75
C PRO A 19 -7.74 -0.41 -5.13
N CYS A 20 -6.82 -1.18 -5.67
CA CYS A 20 -6.58 -2.53 -5.23
C CYS A 20 -6.17 -2.58 -3.76
N GLY A 21 -6.63 -3.62 -3.06
CA GLY A 21 -6.36 -3.73 -1.65
C GLY A 21 -5.02 -4.37 -1.34
N CYS A 22 -4.43 -5.01 -2.35
CA CYS A 22 -3.14 -5.66 -2.16
C CYS A 22 -2.01 -4.67 -1.94
N GLY A 23 -2.30 -3.38 -2.15
CA GLY A 23 -1.30 -2.35 -1.92
C GLY A 23 -0.93 -2.26 -0.45
N SER A 24 -1.76 -2.85 0.39
CA SER A 24 -1.54 -2.86 1.83
C SER A 24 -1.08 -4.25 2.29
N GLY A 25 -0.90 -5.15 1.34
CA GLY A 25 -0.50 -6.50 1.66
C GLY A 25 -1.13 -7.50 0.73
N CYS A 26 -0.30 -8.17 -0.05
CA CYS A 26 -0.77 -9.15 -1.02
C CYS A 26 -1.30 -10.40 -0.37
N ASN A 27 -2.21 -11.04 -1.07
CA ASN A 27 -2.75 -12.30 -0.68
C ASN A 27 -2.76 -13.22 -1.90
N CYS A 28 -2.32 -12.68 -3.03
CA CYS A 28 -2.25 -13.43 -4.27
C CYS A 28 -0.82 -13.93 -4.50
N LYS A 29 -0.54 -14.40 -5.70
CA LYS A 29 0.76 -14.95 -6.01
C LYS A 29 1.45 -14.12 -7.07
N GLU A 30 2.77 -14.26 -7.19
CA GLU A 30 3.56 -13.49 -8.15
C GLU A 30 3.35 -13.97 -9.59
N ASP A 31 2.40 -14.88 -9.76
CA ASP A 31 1.98 -15.33 -11.07
C ASP A 31 1.07 -14.29 -11.68
N CYS A 32 0.58 -13.42 -10.81
CA CYS A 32 -0.32 -12.36 -11.18
C CYS A 32 0.45 -11.21 -11.83
N ARG A 33 -0.24 -10.42 -12.65
CA ARG A 33 0.40 -9.33 -13.38
C ARG A 33 -0.30 -8.00 -13.13
N CYS A 34 -0.97 -7.90 -12.00
CA CYS A 34 -1.68 -6.68 -11.65
C CYS A 34 -0.69 -5.56 -11.33
N GLN A 35 -0.77 -4.45 -12.07
CA GLN A 35 0.16 -3.33 -11.85
C GLN A 35 0.07 -2.79 -10.42
N SER A 36 -1.08 -3.01 -9.79
CA SER A 36 -1.34 -2.54 -8.44
C SER A 36 -0.35 -3.10 -7.42
N CYS A 37 -0.07 -4.37 -7.49
CA CYS A 37 0.81 -5.03 -6.54
C CYS A 37 1.95 -5.73 -7.25
N LYS A 38 2.26 -5.27 -8.45
CA LYS A 38 3.26 -5.91 -9.28
C LYS A 38 4.66 -5.47 -8.92
N TYR A 39 4.77 -4.55 -7.96
CA TYR A 39 6.08 -4.05 -7.55
C TYR A 39 6.98 -5.18 -7.08
N GLY A 40 6.57 -5.85 -6.02
CA GLY A 40 7.32 -6.99 -5.50
C GLY A 40 8.76 -6.64 -5.20
N ALA A 41 9.68 -7.31 -5.88
CA ALA A 41 11.10 -7.09 -5.68
C ALA A 41 11.56 -5.78 -6.33
N GLY A 42 10.63 -5.13 -7.03
CA GLY A 42 10.93 -3.86 -7.65
C GLY A 42 11.07 -2.76 -6.62
N CYS A 43 10.20 -2.78 -5.62
CA CYS A 43 10.25 -1.81 -4.55
C CYS A 43 11.10 -2.38 -3.41
N THR A 44 11.61 -1.53 -2.53
CA THR A 44 12.50 -1.99 -1.47
C THR A 44 11.78 -2.90 -0.48
N ASP A 45 12.48 -3.92 -0.03
CA ASP A 45 11.94 -4.86 0.95
C ASP A 45 11.94 -4.23 2.33
N VAL A 46 12.78 -3.21 2.51
CA VAL A 46 12.83 -2.47 3.77
C VAL A 46 11.49 -1.78 3.98
N CYS A 47 10.87 -1.42 2.87
CA CYS A 47 9.57 -0.81 2.87
C CYS A 47 8.48 -1.87 3.10
N LYS A 48 8.83 -3.12 2.84
CA LYS A 48 7.90 -4.23 2.97
C LYS A 48 8.03 -4.89 4.33
N GLN A 49 8.81 -4.25 5.21
CA GLN A 49 9.03 -4.75 6.56
C GLN A 49 7.78 -4.59 7.41
N THR A 50 7.79 -5.24 8.55
CA THR A 50 6.70 -5.14 9.50
C THR A 50 7.25 -5.16 10.94
N PRO A 51 7.32 -3.99 11.60
CA PRO A 51 6.88 -2.70 11.03
C PRO A 51 7.86 -2.19 9.98
N CYS A 52 7.36 -1.36 9.07
CA CYS A 52 8.19 -0.81 8.00
C CYS A 52 9.38 -0.05 8.57
N GLY A 53 10.55 -0.30 8.01
CA GLY A 53 11.74 0.36 8.48
C GLY A 53 12.34 1.23 7.42
N CYS A 54 11.53 1.63 6.46
CA CYS A 54 12.01 2.43 5.36
C CYS A 54 12.43 3.81 5.83
N ALA A 55 11.53 4.51 6.51
CA ALA A 55 11.82 5.85 7.01
C ALA A 55 12.88 5.82 8.10
N THR A 56 13.18 4.62 8.57
CA THR A 56 14.17 4.41 9.59
C THR A 56 15.56 4.18 8.97
N SER A 57 15.59 3.59 7.79
CA SER A 57 16.84 3.28 7.13
C SER A 57 17.07 4.17 5.91
N GLY A 58 16.12 5.05 5.63
CA GLY A 58 16.22 5.94 4.51
C GLY A 58 15.17 5.66 3.47
N CYS A 59 14.08 6.45 3.50
CA CYS A 59 12.96 6.30 2.56
C CYS A 59 13.49 6.29 1.13
N ASN A 60 13.30 5.17 0.45
CA ASN A 60 13.83 4.99 -0.89
C ASN A 60 12.83 5.44 -1.94
N CYS A 61 11.57 5.11 -1.74
CA CYS A 61 10.53 5.46 -2.67
C CYS A 61 10.00 6.85 -2.37
N THR A 62 8.82 7.17 -2.90
CA THR A 62 8.23 8.46 -2.69
C THR A 62 6.90 8.33 -1.96
N ASP A 63 6.34 9.46 -1.55
CA ASP A 63 5.06 9.51 -0.83
C ASP A 63 3.90 9.03 -1.71
N ASP A 64 4.22 8.77 -2.97
CA ASP A 64 3.27 8.27 -3.94
C ASP A 64 3.03 6.76 -3.73
N CYS A 65 3.82 6.14 -2.84
CA CYS A 65 3.65 4.72 -2.54
C CYS A 65 2.39 4.53 -1.70
N LYS A 66 2.00 3.29 -1.47
CA LYS A 66 0.79 2.99 -0.72
C LYS A 66 1.11 2.67 0.73
N CYS A 67 2.27 3.09 1.16
CA CYS A 67 2.68 2.82 2.51
C CYS A 67 2.75 4.12 3.31
N GLN A 68 1.80 4.29 4.23
CA GLN A 68 1.71 5.51 5.05
C GLN A 68 2.76 5.51 6.15
N SER A 69 3.54 4.44 6.21
CA SER A 69 4.58 4.31 7.22
C SER A 69 5.73 5.28 6.94
N CYS A 70 6.17 5.34 5.70
CA CYS A 70 7.25 6.22 5.31
C CYS A 70 6.74 7.47 4.58
N SER A 71 5.46 7.49 4.24
CA SER A 71 4.87 8.62 3.53
C SER A 71 4.32 9.68 4.50
N THR A 72 4.27 10.92 4.03
CA THR A 72 3.78 12.04 4.81
C THR A 72 2.32 11.88 5.19
N ALA A 73 2.07 11.99 6.48
CA ALA A 73 0.72 11.89 7.00
C ALA A 73 -0.11 13.07 6.51
N CYS A 74 -1.36 12.80 6.17
CA CYS A 74 -2.29 13.82 5.75
C CYS A 74 -2.40 14.89 6.83
N LYS A 75 -2.59 16.13 6.43
CA LYS A 75 -2.65 17.23 7.38
C LYS A 75 -4.08 17.43 7.87
N CYS A 76 -4.89 16.42 7.63
CA CYS A 76 -6.27 16.40 8.07
C CYS A 76 -6.40 15.65 9.39
N ALA A 77 -7.56 15.78 10.00
CA ALA A 77 -7.84 15.13 11.26
C ALA A 77 -9.11 14.29 11.11
N ALA A 78 -9.42 13.48 12.12
CA ALA A 78 -10.58 12.59 12.07
C ALA A 78 -11.89 13.33 11.75
N GLY A 79 -11.96 14.60 12.14
CA GLY A 79 -13.14 15.38 11.88
C GLY A 79 -12.84 16.64 11.10
N SER A 80 -11.86 16.56 10.20
CA SER A 80 -11.48 17.71 9.39
C SER A 80 -10.70 17.26 8.16
N CYS A 81 -11.22 17.59 6.99
CA CYS A 81 -10.58 17.25 5.72
C CYS A 81 -10.36 18.53 4.90
N LYS A 82 -9.12 19.00 4.83
CA LYS A 82 -8.80 20.28 4.14
C LYS A 82 -8.88 20.16 2.63
N CYS A 83 -8.04 19.32 2.08
CA CYS A 83 -7.96 19.12 0.65
C CYS A 83 -9.29 18.65 0.06
N GLY A 84 -10.04 17.89 0.86
CA GLY A 84 -11.35 17.45 0.44
C GLY A 84 -11.31 16.12 -0.30
N LYS A 85 -10.33 15.30 0.04
CA LYS A 85 -10.20 14.02 -0.56
C LYS A 85 -11.06 13.00 0.18
N GLY A 86 -11.24 13.23 1.46
CA GLY A 86 -12.03 12.33 2.26
C GLY A 86 -11.18 11.57 3.25
N CYS A 87 -9.89 11.84 3.22
CA CYS A 87 -8.97 11.18 4.11
C CYS A 87 -8.80 11.99 5.37
N THR A 88 -9.64 11.71 6.34
CA THR A 88 -9.61 12.41 7.59
C THR A 88 -8.50 11.90 8.48
N GLY A 89 -7.29 12.02 7.99
CA GLY A 89 -6.15 11.60 8.75
C GLY A 89 -5.29 10.61 7.99
N PRO A 90 -4.07 10.35 8.48
CA PRO A 90 -3.10 9.44 7.83
C PRO A 90 -3.65 8.03 7.61
N ASP A 91 -4.47 7.56 8.55
CA ASP A 91 -5.04 6.21 8.46
C ASP A 91 -5.95 6.08 7.24
N SER A 92 -6.62 7.18 6.89
CA SER A 92 -7.51 7.17 5.75
C SER A 92 -6.78 7.68 4.51
N CYS A 93 -5.55 8.14 4.69
CA CYS A 93 -4.75 8.63 3.58
C CYS A 93 -4.04 7.44 2.92
N LYS A 94 -4.84 6.60 2.28
CA LYS A 94 -4.36 5.40 1.62
C LYS A 94 -4.22 5.65 0.12
N CYS A 95 -4.06 6.91 -0.24
CA CYS A 95 -3.93 7.32 -1.62
C CYS A 95 -2.49 7.78 -1.91
N ASP A 96 -2.31 8.50 -3.01
CA ASP A 96 -0.98 8.97 -3.38
C ASP A 96 -0.68 10.32 -2.77
N ARG A 97 0.48 10.86 -3.10
CA ARG A 97 0.92 12.15 -2.58
C ARG A 97 0.28 13.31 -3.36
N SER A 98 -0.85 13.03 -4.01
CA SER A 98 -1.56 14.03 -4.83
C SER A 98 -2.06 15.20 -3.97
N CYS A 99 -2.25 14.94 -2.69
CA CYS A 99 -2.73 15.94 -1.74
C CYS A 99 -1.87 17.20 -1.77
N SER A 100 -2.52 18.35 -1.96
CA SER A 100 -1.82 19.62 -2.02
C SER A 100 -1.41 20.11 -0.62
N CYS A 101 -1.76 19.34 0.39
CA CYS A 101 -1.39 19.68 1.76
C CYS A 101 -0.07 19.01 2.17
N LYS A 102 0.52 18.22 1.27
CA LYS A 102 1.76 17.51 1.60
C LYS A 102 2.94 18.48 1.64
N GLY A 1 -16.60 -23.40 4.27
CA GLY A 1 -16.72 -22.95 2.86
C GLY A 1 -16.02 -23.86 1.89
N SER A 2 -15.12 -24.70 2.42
CA SER A 2 -14.35 -25.65 1.61
C SER A 2 -13.42 -24.90 0.64
N MET A 3 -13.05 -23.70 1.00
CA MET A 3 -12.21 -22.87 0.16
C MET A 3 -10.86 -22.60 0.81
N SER A 4 -9.91 -23.46 0.52
CA SER A 4 -8.55 -23.30 1.04
C SER A 4 -7.86 -22.16 0.31
N SER A 5 -8.20 -22.00 -0.95
CA SER A 5 -7.68 -20.93 -1.77
C SER A 5 -8.84 -20.18 -2.40
N VAL A 6 -9.03 -18.95 -1.99
CA VAL A 6 -10.13 -18.13 -2.47
C VAL A 6 -9.77 -17.48 -3.80
N PHE A 7 -10.70 -17.50 -4.74
CA PHE A 7 -10.48 -16.91 -6.04
C PHE A 7 -10.97 -15.46 -6.07
N GLY A 8 -10.93 -14.85 -7.24
CA GLY A 8 -11.37 -13.47 -7.36
C GLY A 8 -10.39 -12.48 -6.77
N ALA A 9 -10.56 -12.17 -5.50
CA ALA A 9 -9.69 -11.23 -4.82
C ALA A 9 -9.08 -11.86 -3.58
N GLY A 10 -9.15 -13.18 -3.50
CA GLY A 10 -8.62 -13.90 -2.37
C GLY A 10 -7.13 -14.09 -2.46
N CYS A 11 -6.40 -13.00 -2.42
CA CYS A 11 -4.94 -13.03 -2.50
C CYS A 11 -4.31 -13.60 -1.23
N THR A 12 -3.00 -13.51 -1.14
CA THR A 12 -2.25 -14.05 -0.02
C THR A 12 -2.26 -13.09 1.17
N ASP A 13 -2.00 -13.62 2.35
CA ASP A 13 -1.94 -12.83 3.57
C ASP A 13 -0.72 -11.92 3.54
N THR A 14 0.29 -12.33 2.79
CA THR A 14 1.53 -11.58 2.68
C THR A 14 1.30 -10.20 2.04
N CYS A 15 0.11 -10.01 1.48
CA CYS A 15 -0.25 -8.76 0.87
C CYS A 15 -0.87 -7.81 1.89
N LYS A 16 -1.30 -8.37 3.02
CA LYS A 16 -1.95 -7.58 4.06
C LYS A 16 -0.90 -6.86 4.92
N GLN A 17 0.35 -6.90 4.47
CA GLN A 17 1.44 -6.33 5.23
C GLN A 17 1.72 -4.90 4.81
N THR A 18 2.43 -4.18 5.66
CA THR A 18 2.78 -2.80 5.39
C THR A 18 4.21 -2.50 5.86
N PRO A 19 5.20 -2.46 4.93
CA PRO A 19 4.98 -2.72 3.49
C PRO A 19 4.75 -4.20 3.18
N CYS A 20 4.32 -4.50 1.94
CA CYS A 20 4.06 -5.87 1.52
C CYS A 20 5.25 -6.78 1.75
N GLY A 21 4.98 -8.01 2.12
CA GLY A 21 6.04 -8.94 2.36
C GLY A 21 6.29 -9.83 1.16
N CYS A 22 5.54 -9.58 0.08
CA CYS A 22 5.65 -10.37 -1.14
C CYS A 22 7.02 -10.21 -1.78
N GLY A 23 7.29 -9.02 -2.27
CA GLY A 23 8.50 -8.77 -3.01
C GLY A 23 8.22 -8.94 -4.49
N SER A 24 7.90 -10.15 -4.88
CA SER A 24 7.55 -10.46 -6.25
C SER A 24 6.88 -11.83 -6.32
N GLY A 25 7.31 -12.73 -5.46
CA GLY A 25 6.75 -14.07 -5.42
C GLY A 25 5.51 -14.13 -4.57
N CYS A 26 4.45 -13.50 -5.02
CA CYS A 26 3.19 -13.48 -4.31
C CYS A 26 2.19 -14.42 -4.97
N ASN A 27 1.16 -14.77 -4.22
CA ASN A 27 0.08 -15.60 -4.74
C ASN A 27 -1.23 -14.81 -4.71
N CYS A 28 -1.17 -13.60 -5.22
CA CYS A 28 -2.33 -12.74 -5.27
C CYS A 28 -3.17 -13.04 -6.50
N LYS A 29 -4.49 -12.91 -6.36
CA LYS A 29 -5.37 -13.21 -7.46
C LYS A 29 -5.28 -12.15 -8.56
N GLU A 30 -5.70 -12.51 -9.76
CA GLU A 30 -5.61 -11.65 -10.94
C GLU A 30 -6.42 -10.33 -10.82
N ASP A 31 -7.31 -10.27 -9.85
CA ASP A 31 -8.12 -9.07 -9.63
C ASP A 31 -7.39 -8.07 -8.74
N CYS A 32 -6.25 -8.48 -8.22
CA CYS A 32 -5.48 -7.65 -7.31
C CYS A 32 -4.74 -6.54 -8.08
N ARG A 33 -5.01 -5.29 -7.69
CA ARG A 33 -4.39 -4.13 -8.32
C ARG A 33 -3.51 -3.41 -7.32
N CYS A 34 -2.49 -4.09 -6.86
CA CYS A 34 -1.59 -3.51 -5.89
C CYS A 34 -0.23 -3.25 -6.54
N GLN A 35 0.06 -1.99 -6.83
CA GLN A 35 1.36 -1.61 -7.46
C GLN A 35 2.55 -1.92 -6.55
N SER A 36 2.25 -2.31 -5.34
CA SER A 36 3.26 -2.71 -4.39
C SER A 36 4.00 -3.94 -4.91
N CYS A 37 3.23 -4.96 -5.25
CA CYS A 37 3.78 -6.22 -5.75
C CYS A 37 3.52 -6.40 -7.25
N LYS A 38 2.55 -5.68 -7.78
CA LYS A 38 2.21 -5.74 -9.19
C LYS A 38 3.01 -4.72 -9.94
N TYR A 39 4.26 -5.01 -10.07
CA TYR A 39 5.17 -4.18 -10.83
C TYR A 39 6.02 -5.04 -11.75
N GLY A 40 6.90 -4.42 -12.48
CA GLY A 40 7.75 -5.13 -13.40
C GLY A 40 8.04 -4.28 -14.59
N ALA A 41 9.27 -3.77 -14.67
CA ALA A 41 9.68 -2.85 -15.73
C ALA A 41 8.87 -1.57 -15.64
N GLY A 42 8.67 -1.11 -14.42
CA GLY A 42 7.90 0.10 -14.21
C GLY A 42 8.37 0.89 -13.01
N CYS A 43 8.04 0.41 -11.81
CA CYS A 43 8.42 1.12 -10.61
C CYS A 43 9.89 0.87 -10.26
N THR A 44 10.40 1.62 -9.30
CA THR A 44 11.80 1.53 -8.92
C THR A 44 12.05 0.40 -7.92
N ASP A 45 13.32 0.01 -7.79
CA ASP A 45 13.71 -1.06 -6.88
C ASP A 45 13.78 -0.55 -5.46
N VAL A 46 14.14 0.72 -5.30
CA VAL A 46 14.25 1.34 -3.98
C VAL A 46 12.93 1.27 -3.23
N CYS A 47 11.86 1.37 -3.96
CA CYS A 47 10.54 1.32 -3.40
C CYS A 47 10.17 -0.12 -2.98
N LYS A 48 10.84 -1.09 -3.56
CA LYS A 48 10.55 -2.48 -3.28
C LYS A 48 11.49 -3.03 -2.19
N GLN A 49 12.06 -2.13 -1.40
CA GLN A 49 12.94 -2.49 -0.30
C GLN A 49 12.14 -2.87 0.94
N THR A 50 12.82 -3.42 1.92
CA THR A 50 12.19 -3.75 3.18
C THR A 50 13.20 -3.58 4.34
N PRO A 51 13.05 -2.51 5.14
CA PRO A 51 12.00 -1.50 4.97
C PRO A 51 12.23 -0.69 3.69
N CYS A 52 11.16 -0.09 3.16
CA CYS A 52 11.22 0.65 1.92
C CYS A 52 12.34 1.65 1.90
N GLY A 53 12.93 1.84 0.75
CA GLY A 53 14.04 2.73 0.63
C GLY A 53 13.61 4.13 0.28
N CYS A 54 12.43 4.27 -0.30
CA CYS A 54 11.91 5.58 -0.64
C CYS A 54 11.79 6.45 0.62
N ALA A 55 11.64 5.79 1.76
CA ALA A 55 11.55 6.48 3.04
C ALA A 55 12.92 6.61 3.69
N THR A 56 13.96 6.36 2.92
CA THR A 56 15.32 6.45 3.42
C THR A 56 16.23 7.22 2.45
N SER A 57 16.18 6.85 1.18
CA SER A 57 17.04 7.46 0.17
C SER A 57 16.29 8.58 -0.55
N GLY A 58 15.19 9.01 0.04
CA GLY A 58 14.35 9.99 -0.61
C GLY A 58 13.35 9.31 -1.49
N CYS A 59 12.12 9.79 -1.47
CA CYS A 59 11.07 9.17 -2.25
C CYS A 59 11.36 9.29 -3.73
N ASN A 60 11.12 8.22 -4.45
CA ASN A 60 11.41 8.18 -5.87
C ASN A 60 10.16 8.40 -6.69
N CYS A 61 9.07 7.80 -6.29
CA CYS A 61 7.83 7.91 -7.03
C CYS A 61 6.89 8.97 -6.43
N THR A 62 5.70 8.55 -6.04
CA THR A 62 4.69 9.47 -5.53
C THR A 62 3.85 8.86 -4.41
N ASP A 63 3.13 9.73 -3.69
CA ASP A 63 2.28 9.34 -2.53
C ASP A 63 1.04 8.53 -2.97
N ASP A 64 0.87 8.36 -4.29
CA ASP A 64 -0.29 7.63 -4.83
C ASP A 64 0.01 6.14 -4.95
N CYS A 65 1.25 5.75 -4.68
CA CYS A 65 1.62 4.34 -4.72
C CYS A 65 0.95 3.66 -3.52
N LYS A 66 0.55 2.40 -3.67
CA LYS A 66 -0.12 1.69 -2.57
C LYS A 66 0.85 1.32 -1.47
N CYS A 67 2.06 1.74 -1.62
CA CYS A 67 3.07 1.46 -0.67
C CYS A 67 3.01 2.47 0.47
N GLN A 68 2.40 2.06 1.57
CA GLN A 68 2.28 2.92 2.73
C GLN A 68 3.55 2.91 3.57
N SER A 69 4.65 3.26 2.93
CA SER A 69 5.92 3.37 3.60
C SER A 69 6.57 4.70 3.24
N CYS A 70 6.53 5.02 1.95
CA CYS A 70 7.09 6.26 1.46
C CYS A 70 6.05 7.38 1.46
N SER A 71 4.80 6.98 1.49
CA SER A 71 3.70 7.93 1.48
C SER A 71 3.61 8.66 2.83
N THR A 72 2.76 9.67 2.89
CA THR A 72 2.56 10.45 4.09
C THR A 72 1.45 9.87 4.96
N ALA A 73 1.64 9.92 6.26
CA ALA A 73 0.72 9.32 7.23
C ALA A 73 -0.38 10.26 7.67
N CYS A 74 -1.18 10.66 6.70
CA CYS A 74 -2.29 11.60 6.86
C CYS A 74 -2.11 12.63 8.02
N LYS A 75 -3.24 13.10 8.53
CA LYS A 75 -3.28 14.03 9.66
C LYS A 75 -4.39 13.70 10.66
N CYS A 76 -5.36 12.91 10.24
CA CYS A 76 -6.53 12.60 11.07
C CYS A 76 -6.21 11.74 12.27
N ALA A 77 -7.15 11.70 13.20
CA ALA A 77 -7.03 10.95 14.43
C ALA A 77 -8.29 10.14 14.67
N ALA A 78 -8.30 9.39 15.76
CA ALA A 78 -9.45 8.55 16.10
C ALA A 78 -10.68 9.40 16.38
N GLY A 79 -11.51 9.55 15.37
CA GLY A 79 -12.76 10.28 15.53
C GLY A 79 -12.69 11.68 14.97
N SER A 80 -11.59 12.01 14.33
CA SER A 80 -11.43 13.34 13.77
C SER A 80 -10.94 13.31 12.32
N CYS A 81 -11.90 13.31 11.40
CA CYS A 81 -11.61 13.34 9.97
C CYS A 81 -11.77 14.77 9.47
N LYS A 82 -10.71 15.35 8.93
CA LYS A 82 -10.78 16.73 8.47
C LYS A 82 -10.55 16.90 6.98
N CYS A 83 -9.86 15.95 6.34
CA CYS A 83 -9.65 16.04 4.90
C CYS A 83 -10.95 15.80 4.16
N GLY A 84 -11.77 14.90 4.70
CA GLY A 84 -13.05 14.62 4.10
C GLY A 84 -13.08 13.33 3.30
N LYS A 85 -12.04 12.52 3.46
CA LYS A 85 -11.97 11.24 2.74
C LYS A 85 -12.62 10.13 3.55
N GLY A 86 -12.73 10.34 4.86
CA GLY A 86 -13.35 9.35 5.71
C GLY A 86 -12.35 8.46 6.40
N CYS A 87 -11.21 9.01 6.74
CA CYS A 87 -10.16 8.26 7.41
C CYS A 87 -9.94 8.84 8.80
N THR A 88 -9.70 7.97 9.76
CA THR A 88 -9.49 8.40 11.12
C THR A 88 -8.06 8.14 11.57
N GLY A 89 -7.12 8.46 10.72
CA GLY A 89 -5.73 8.28 11.05
C GLY A 89 -4.95 7.68 9.92
N PRO A 90 -3.61 7.65 10.02
CA PRO A 90 -2.75 7.13 8.95
C PRO A 90 -2.91 5.64 8.74
N ASP A 91 -3.13 4.90 9.81
CA ASP A 91 -3.32 3.46 9.74
C ASP A 91 -4.60 3.14 8.97
N SER A 92 -5.56 4.04 9.07
CA SER A 92 -6.82 3.88 8.36
C SER A 92 -6.85 4.72 7.08
N CYS A 93 -5.77 5.45 6.80
CA CYS A 93 -5.68 6.24 5.59
C CYS A 93 -5.15 5.40 4.47
N LYS A 94 -6.03 4.70 3.81
CA LYS A 94 -5.66 3.88 2.68
C LYS A 94 -5.93 4.65 1.40
N CYS A 95 -5.80 5.98 1.49
CA CYS A 95 -6.04 6.88 0.36
C CYS A 95 -4.72 7.25 -0.32
N ASP A 96 -4.82 7.68 -1.56
CA ASP A 96 -3.65 8.08 -2.35
C ASP A 96 -3.26 9.54 -2.06
N ARG A 97 -2.53 10.15 -2.98
CA ARG A 97 -2.07 11.53 -2.85
C ARG A 97 -3.21 12.54 -3.10
N SER A 98 -4.43 12.07 -3.02
CA SER A 98 -5.60 12.90 -3.26
C SER A 98 -6.05 13.60 -1.96
N CYS A 99 -5.31 13.35 -0.89
CA CYS A 99 -5.65 13.93 0.40
C CYS A 99 -4.95 15.27 0.61
N SER A 100 -5.65 16.19 1.23
CA SER A 100 -5.12 17.50 1.56
C SER A 100 -4.23 17.42 2.78
N CYS A 101 -4.44 16.40 3.59
CA CYS A 101 -3.67 16.19 4.81
C CYS A 101 -2.30 15.58 4.53
N LYS A 102 -2.02 15.33 3.27
CA LYS A 102 -0.74 14.73 2.90
C LYS A 102 0.36 15.79 2.89
N GLY A 1 -7.74 -3.13 12.43
CA GLY A 1 -8.67 -3.41 11.31
C GLY A 1 -7.95 -3.85 10.04
N SER A 2 -6.65 -3.64 10.00
CA SER A 2 -5.84 -4.01 8.86
C SER A 2 -5.59 -5.51 8.89
N MET A 3 -6.28 -6.23 8.03
CA MET A 3 -6.16 -7.68 7.97
C MET A 3 -5.36 -8.11 6.76
N SER A 4 -4.75 -9.27 6.86
CA SER A 4 -3.97 -9.82 5.76
C SER A 4 -4.90 -10.52 4.76
N SER A 5 -5.86 -9.78 4.26
CA SER A 5 -6.83 -10.28 3.33
C SER A 5 -7.15 -9.20 2.31
N VAL A 6 -7.25 -9.61 1.05
CA VAL A 6 -7.55 -8.68 0.00
C VAL A 6 -8.99 -8.13 0.11
N PHE A 7 -9.10 -6.90 0.58
CA PHE A 7 -10.40 -6.25 0.78
C PHE A 7 -11.06 -5.93 -0.53
N GLY A 8 -10.24 -5.65 -1.49
CA GLY A 8 -10.73 -5.37 -2.79
C GLY A 8 -11.34 -6.59 -3.46
N ALA A 9 -10.91 -7.78 -2.99
CA ALA A 9 -11.40 -9.08 -3.50
C ALA A 9 -11.15 -9.26 -5.00
N GLY A 10 -10.30 -8.42 -5.56
CA GLY A 10 -10.02 -8.50 -6.97
C GLY A 10 -8.69 -9.13 -7.26
N CYS A 11 -8.43 -10.28 -6.64
CA CYS A 11 -7.20 -11.01 -6.89
C CYS A 11 -7.33 -11.87 -8.13
N THR A 12 -6.20 -12.22 -8.71
CA THR A 12 -6.20 -13.03 -9.90
C THR A 12 -5.75 -14.44 -9.55
N ASP A 13 -6.10 -15.39 -10.41
CA ASP A 13 -5.68 -16.77 -10.23
C ASP A 13 -4.18 -16.86 -10.40
N THR A 14 -3.64 -16.00 -11.25
CA THR A 14 -2.21 -15.93 -11.51
C THR A 14 -1.45 -15.54 -10.24
N CYS A 15 -2.19 -15.11 -9.24
CA CYS A 15 -1.63 -14.68 -7.99
C CYS A 15 -1.52 -15.87 -7.02
N LYS A 16 -2.06 -17.00 -7.43
CA LYS A 16 -2.02 -18.20 -6.59
C LYS A 16 -0.89 -19.11 -7.03
N GLN A 17 -0.04 -18.59 -7.88
CA GLN A 17 1.03 -19.38 -8.46
C GLN A 17 2.29 -19.30 -7.61
N THR A 18 3.22 -20.18 -7.90
CA THR A 18 4.49 -20.22 -7.19
C THR A 18 5.65 -20.47 -8.18
N PRO A 19 6.41 -19.41 -8.54
CA PRO A 19 6.18 -18.04 -8.06
C PRO A 19 4.95 -17.38 -8.71
N CYS A 20 4.46 -16.28 -8.12
CA CYS A 20 3.31 -15.56 -8.67
C CYS A 20 3.61 -15.07 -10.07
N GLY A 21 2.64 -15.21 -10.95
CA GLY A 21 2.83 -14.78 -12.31
C GLY A 21 2.60 -13.29 -12.49
N CYS A 22 2.17 -12.63 -11.43
CA CYS A 22 1.94 -11.19 -11.47
C CYS A 22 3.24 -10.44 -11.77
N GLY A 23 4.20 -10.58 -10.86
CA GLY A 23 5.47 -9.91 -11.03
C GLY A 23 5.34 -8.41 -10.94
N SER A 24 5.66 -7.74 -12.02
CA SER A 24 5.57 -6.29 -12.08
C SER A 24 4.28 -5.86 -12.78
N GLY A 25 3.38 -6.81 -12.97
CA GLY A 25 2.12 -6.54 -13.61
C GLY A 25 0.99 -7.23 -12.91
N CYS A 26 0.54 -6.66 -11.81
CA CYS A 26 -0.52 -7.24 -11.02
C CYS A 26 -1.88 -7.00 -11.61
N ASN A 27 -2.77 -7.93 -11.36
CA ASN A 27 -4.16 -7.78 -11.75
C ASN A 27 -5.01 -7.94 -10.49
N CYS A 28 -4.33 -7.96 -9.36
CA CYS A 28 -4.98 -8.08 -8.06
C CYS A 28 -5.12 -6.70 -7.42
N LYS A 29 -5.39 -6.67 -6.14
CA LYS A 29 -5.57 -5.42 -5.44
C LYS A 29 -4.40 -5.16 -4.51
N GLU A 30 -4.22 -3.92 -4.11
CA GLU A 30 -3.10 -3.55 -3.24
C GLU A 30 -3.34 -3.97 -1.80
N ASP A 31 -4.53 -4.53 -1.55
CA ASP A 31 -4.89 -5.04 -0.23
C ASP A 31 -4.14 -6.33 0.06
N CYS A 32 -3.59 -6.90 -1.01
CA CYS A 32 -2.87 -8.16 -0.96
C CYS A 32 -1.55 -8.02 -0.19
N ARG A 33 -1.22 -9.04 0.61
CA ARG A 33 0.00 -9.05 1.40
C ARG A 33 1.02 -10.03 0.82
N CYS A 34 1.15 -10.06 -0.48
CA CYS A 34 2.14 -10.91 -1.11
C CYS A 34 3.48 -10.26 -1.05
N GLN A 35 4.51 -11.01 -1.36
CA GLN A 35 5.85 -10.47 -1.30
C GLN A 35 6.46 -10.46 -2.70
N SER A 36 5.93 -11.29 -3.58
CA SER A 36 6.45 -11.41 -4.93
C SER A 36 5.85 -10.37 -5.88
N CYS A 37 4.69 -9.83 -5.54
CA CYS A 37 4.04 -8.80 -6.35
C CYS A 37 3.59 -7.65 -5.45
N LYS A 38 4.31 -7.48 -4.35
CA LYS A 38 3.99 -6.47 -3.37
C LYS A 38 4.31 -5.08 -3.90
N TYR A 39 5.39 -4.98 -4.68
CA TYR A 39 5.81 -3.72 -5.28
C TYR A 39 4.88 -3.32 -6.42
N GLY A 40 5.08 -2.12 -6.96
CA GLY A 40 4.26 -1.66 -8.05
C GLY A 40 4.77 -2.16 -9.38
N ALA A 41 6.04 -1.86 -9.65
CA ALA A 41 6.69 -2.29 -10.87
C ALA A 41 8.17 -2.51 -10.60
N GLY A 42 8.81 -1.48 -10.09
CA GLY A 42 10.20 -1.56 -9.74
C GLY A 42 10.59 -0.49 -8.76
N CYS A 43 10.47 -0.80 -7.48
CA CYS A 43 10.81 0.16 -6.44
C CYS A 43 12.26 -0.05 -5.95
N THR A 44 12.60 0.59 -4.85
CA THR A 44 13.94 0.53 -4.30
C THR A 44 14.08 -0.54 -3.23
N ASP A 45 15.32 -0.80 -2.82
CA ASP A 45 15.60 -1.82 -1.81
C ASP A 45 15.54 -1.22 -0.41
N VAL A 46 15.94 0.04 -0.29
CA VAL A 46 15.92 0.75 1.00
C VAL A 46 14.51 0.82 1.55
N CYS A 47 13.57 0.86 0.66
CA CYS A 47 12.17 0.92 1.01
C CYS A 47 11.66 -0.46 1.47
N LYS A 48 12.40 -1.51 1.15
CA LYS A 48 12.01 -2.85 1.52
C LYS A 48 12.59 -3.27 2.85
N GLN A 49 13.20 -2.31 3.52
CA GLN A 49 13.78 -2.54 4.84
C GLN A 49 12.69 -2.75 5.88
N THR A 50 13.06 -3.31 7.01
CA THR A 50 12.15 -3.52 8.12
C THR A 50 12.90 -3.37 9.45
N PRO A 51 12.76 -2.22 10.14
CA PRO A 51 11.90 -1.10 9.71
C PRO A 51 12.41 -0.43 8.45
N CYS A 52 11.54 0.28 7.78
CA CYS A 52 11.85 0.90 6.51
C CYS A 52 12.98 1.91 6.64
N GLY A 53 13.77 2.05 5.58
CA GLY A 53 14.91 2.94 5.63
C GLY A 53 14.68 4.29 5.00
N CYS A 54 13.57 4.44 4.28
CA CYS A 54 13.26 5.72 3.62
C CYS A 54 13.16 6.87 4.62
N ALA A 55 12.89 6.54 5.88
CA ALA A 55 12.76 7.54 6.91
C ALA A 55 14.14 8.02 7.38
N THR A 56 15.16 7.24 7.06
CA THR A 56 16.52 7.56 7.47
C THR A 56 17.34 8.15 6.32
N SER A 57 17.26 7.51 5.17
CA SER A 57 18.02 7.95 4.01
C SER A 57 17.23 8.96 3.17
N GLY A 58 15.95 8.71 3.05
CA GLY A 58 15.11 9.56 2.24
C GLY A 58 14.33 8.75 1.24
N CYS A 59 13.24 9.30 0.75
CA CYS A 59 12.41 8.60 -0.21
C CYS A 59 13.01 8.57 -1.58
N ASN A 60 12.81 7.47 -2.26
CA ASN A 60 13.25 7.30 -3.61
C ASN A 60 12.22 6.46 -4.36
N CYS A 61 11.00 6.46 -3.84
CA CYS A 61 9.90 5.71 -4.43
C CYS A 61 8.75 6.64 -4.82
N THR A 62 7.52 6.15 -4.72
CA THR A 62 6.35 6.93 -5.07
C THR A 62 5.53 7.27 -3.83
N ASP A 63 4.61 8.22 -3.94
CA ASP A 63 3.74 8.57 -2.82
C ASP A 63 2.67 7.52 -2.69
N ASP A 64 2.23 7.00 -3.82
CA ASP A 64 1.23 5.94 -3.88
C ASP A 64 1.88 4.59 -3.64
N CYS A 65 2.89 4.57 -2.82
CA CYS A 65 3.51 3.33 -2.47
C CYS A 65 2.76 2.74 -1.28
N LYS A 66 2.57 1.43 -1.29
CA LYS A 66 1.83 0.74 -0.22
C LYS A 66 2.64 0.68 1.07
N CYS A 67 3.46 1.67 1.28
CA CYS A 67 4.30 1.70 2.43
C CYS A 67 4.00 2.91 3.29
N GLN A 68 3.20 2.69 4.32
CA GLN A 68 2.83 3.76 5.25
C GLN A 68 4.00 4.10 6.15
N SER A 69 5.08 3.36 5.98
CA SER A 69 6.29 3.56 6.75
C SER A 69 6.96 4.88 6.36
N CYS A 70 6.83 5.26 5.08
CA CYS A 70 7.45 6.46 4.58
C CYS A 70 6.44 7.40 3.91
N SER A 71 5.40 6.84 3.29
CA SER A 71 4.38 7.67 2.65
C SER A 71 3.60 8.46 3.70
N THR A 72 2.99 9.55 3.26
CA THR A 72 2.25 10.43 4.15
C THR A 72 1.03 9.74 4.76
N ALA A 73 0.81 10.00 6.03
CA ALA A 73 -0.30 9.40 6.76
C ALA A 73 -1.60 10.12 6.47
N CYS A 74 -2.70 9.50 6.84
CA CYS A 74 -4.01 10.07 6.63
C CYS A 74 -4.21 11.30 7.49
N LYS A 75 -4.86 12.31 6.93
CA LYS A 75 -5.08 13.55 7.65
C LYS A 75 -6.51 13.63 8.17
N CYS A 76 -7.27 12.57 7.96
CA CYS A 76 -8.62 12.52 8.46
C CYS A 76 -8.59 12.06 9.92
N ALA A 77 -9.68 12.25 10.64
CA ALA A 77 -9.72 11.89 12.05
C ALA A 77 -10.99 11.14 12.40
N ALA A 78 -11.02 10.59 13.60
CA ALA A 78 -12.19 9.88 14.08
C ALA A 78 -13.35 10.84 14.26
N GLY A 79 -14.19 10.90 13.26
CA GLY A 79 -15.33 11.78 13.31
C GLY A 79 -15.19 12.93 12.33
N SER A 80 -14.12 12.91 11.55
CA SER A 80 -13.87 13.95 10.57
C SER A 80 -13.19 13.37 9.33
N CYS A 81 -13.99 13.01 8.35
CA CYS A 81 -13.49 12.46 7.10
C CYS A 81 -13.81 13.44 5.98
N LYS A 82 -12.83 14.27 5.60
CA LYS A 82 -13.07 15.36 4.66
C LYS A 82 -13.15 14.91 3.20
N CYS A 83 -12.35 13.93 2.83
CA CYS A 83 -12.35 13.48 1.44
C CYS A 83 -13.64 12.72 1.11
N GLY A 84 -14.14 11.98 2.10
CA GLY A 84 -15.36 11.24 1.91
C GLY A 84 -15.15 9.80 1.47
N LYS A 85 -13.93 9.29 1.62
CA LYS A 85 -13.64 7.92 1.22
C LYS A 85 -14.14 6.95 2.28
N GLY A 86 -14.04 7.34 3.54
CA GLY A 86 -14.56 6.52 4.61
C GLY A 86 -13.49 6.00 5.55
N CYS A 87 -12.35 6.63 5.56
CA CYS A 87 -11.27 6.25 6.43
C CYS A 87 -10.97 7.36 7.43
N THR A 88 -11.44 7.19 8.63
CA THR A 88 -11.27 8.17 9.67
C THR A 88 -9.92 8.03 10.36
N GLY A 89 -8.88 8.02 9.56
CA GLY A 89 -7.55 7.91 10.09
C GLY A 89 -6.71 6.91 9.34
N PRO A 90 -5.39 6.97 9.51
CA PRO A 90 -4.42 6.09 8.81
C PRO A 90 -4.66 4.61 9.08
N ASP A 91 -5.11 4.31 10.28
CA ASP A 91 -5.38 2.94 10.68
C ASP A 91 -6.51 2.34 9.87
N SER A 92 -7.31 3.19 9.28
CA SER A 92 -8.42 2.77 8.44
C SER A 92 -8.21 3.20 7.00
N CYS A 93 -7.13 3.93 6.77
CA CYS A 93 -6.85 4.45 5.44
C CYS A 93 -6.24 3.39 4.55
N LYS A 94 -6.88 3.14 3.45
CA LYS A 94 -6.39 2.20 2.46
C LYS A 94 -5.84 2.97 1.27
N CYS A 95 -5.86 4.28 1.39
CA CYS A 95 -5.48 5.13 0.30
C CYS A 95 -4.10 5.74 0.51
N ASP A 96 -3.20 5.45 -0.40
CA ASP A 96 -1.83 5.95 -0.30
C ASP A 96 -1.79 7.41 -0.65
N ARG A 97 -1.80 7.72 -1.92
CA ARG A 97 -1.86 9.09 -2.35
C ARG A 97 -3.25 9.38 -2.89
N SER A 98 -4.06 8.33 -2.96
CA SER A 98 -5.41 8.42 -3.50
C SER A 98 -6.33 9.23 -2.60
N CYS A 99 -5.85 9.59 -1.44
CA CYS A 99 -6.64 10.38 -0.53
C CYS A 99 -6.37 11.85 -0.78
N SER A 100 -7.44 12.62 -0.89
CA SER A 100 -7.36 14.03 -1.24
C SER A 100 -6.72 14.89 -0.13
N CYS A 101 -6.60 14.34 1.06
CA CYS A 101 -6.03 15.08 2.17
C CYS A 101 -4.51 15.05 2.14
N LYS A 102 -3.93 14.09 1.44
CA LYS A 102 -2.48 13.93 1.39
C LYS A 102 -1.83 15.13 0.68
N GLY A 1 -11.10 -32.56 0.04
CA GLY A 1 -10.14 -33.61 0.45
C GLY A 1 -10.28 -34.88 -0.37
N SER A 2 -11.50 -35.25 -0.67
CA SER A 2 -11.77 -36.43 -1.47
C SER A 2 -11.56 -36.14 -2.95
N MET A 3 -12.15 -35.05 -3.40
CA MET A 3 -12.01 -34.64 -4.79
C MET A 3 -10.79 -33.73 -4.93
N SER A 4 -10.18 -33.73 -6.13
CA SER A 4 -9.04 -32.88 -6.41
C SER A 4 -9.37 -31.42 -6.09
N SER A 5 -8.89 -30.95 -4.97
CA SER A 5 -9.19 -29.60 -4.53
C SER A 5 -7.95 -28.73 -4.53
N VAL A 6 -8.06 -27.57 -5.14
CA VAL A 6 -6.97 -26.62 -5.15
C VAL A 6 -6.96 -25.87 -3.81
N PHE A 7 -5.79 -25.57 -3.29
CA PHE A 7 -5.74 -24.99 -1.97
C PHE A 7 -4.69 -23.88 -1.85
N GLY A 8 -5.08 -22.66 -2.22
CA GLY A 8 -4.22 -21.48 -2.08
C GLY A 8 -3.04 -21.43 -3.04
N ALA A 9 -2.29 -22.49 -3.10
CA ALA A 9 -1.10 -22.57 -3.93
C ALA A 9 -1.44 -22.83 -5.39
N GLY A 10 -2.73 -22.80 -5.71
CA GLY A 10 -3.16 -23.02 -7.07
C GLY A 10 -3.06 -21.76 -7.90
N CYS A 11 -1.87 -21.21 -7.97
CA CYS A 11 -1.63 -20.01 -8.71
C CYS A 11 -1.29 -20.32 -10.17
N THR A 12 -0.78 -19.33 -10.87
CA THR A 12 -0.44 -19.50 -12.26
C THR A 12 1.01 -19.96 -12.38
N ASP A 13 1.28 -20.74 -13.42
CA ASP A 13 2.63 -21.25 -13.64
C ASP A 13 3.60 -20.10 -13.93
N THR A 14 3.05 -18.96 -14.33
CA THR A 14 3.86 -17.78 -14.62
C THR A 14 4.52 -17.23 -13.34
N CYS A 15 4.00 -17.64 -12.21
CA CYS A 15 4.53 -17.22 -10.93
C CYS A 15 5.77 -18.03 -10.58
N LYS A 16 5.89 -19.18 -11.20
CA LYS A 16 7.01 -20.09 -10.94
C LYS A 16 8.23 -19.61 -11.69
N GLN A 17 8.13 -18.45 -12.31
CA GLN A 17 9.20 -17.92 -13.11
C GLN A 17 10.09 -17.01 -12.29
N THR A 18 11.28 -16.78 -12.78
CA THR A 18 12.24 -15.92 -12.12
C THR A 18 12.92 -15.00 -13.14
N PRO A 19 12.61 -13.69 -13.14
CA PRO A 19 11.61 -13.10 -12.21
C PRO A 19 10.17 -13.47 -12.58
N CYS A 20 9.23 -13.30 -11.63
CA CYS A 20 7.81 -13.58 -11.87
C CYS A 20 7.34 -12.89 -13.14
N GLY A 21 6.65 -13.63 -13.98
CA GLY A 21 6.18 -13.06 -15.23
C GLY A 21 4.77 -12.52 -15.13
N CYS A 22 4.28 -12.36 -13.92
CA CYS A 22 2.93 -11.86 -13.73
C CYS A 22 2.86 -10.34 -13.85
N GLY A 23 2.78 -9.90 -15.08
CA GLY A 23 2.64 -8.49 -15.36
C GLY A 23 1.18 -8.12 -15.50
N SER A 24 0.42 -9.01 -16.11
CA SER A 24 -1.01 -8.80 -16.31
C SER A 24 -1.79 -10.11 -16.17
N GLY A 25 -1.08 -11.23 -16.22
CA GLY A 25 -1.72 -12.52 -16.10
C GLY A 25 -1.59 -13.09 -14.69
N CYS A 26 -1.75 -12.24 -13.70
CA CYS A 26 -1.67 -12.66 -12.32
C CYS A 26 -2.95 -13.37 -11.90
N ASN A 27 -3.00 -14.64 -12.16
CA ASN A 27 -4.16 -15.46 -11.84
C ASN A 27 -3.93 -16.24 -10.56
N CYS A 28 -3.02 -15.75 -9.75
CA CYS A 28 -2.68 -16.38 -8.50
C CYS A 28 -3.80 -16.25 -7.48
N LYS A 29 -3.88 -17.21 -6.57
CA LYS A 29 -4.87 -17.17 -5.49
C LYS A 29 -4.51 -16.07 -4.50
N GLU A 30 -5.36 -15.87 -3.54
CA GLU A 30 -5.14 -14.86 -2.53
C GLU A 30 -4.18 -15.39 -1.47
N ASP A 31 -4.14 -16.71 -1.34
CA ASP A 31 -3.30 -17.37 -0.34
C ASP A 31 -1.86 -17.53 -0.85
N CYS A 32 -1.51 -16.76 -1.86
CA CYS A 32 -0.19 -16.85 -2.46
C CYS A 32 0.88 -16.20 -1.57
N ARG A 33 0.55 -15.03 -0.99
CA ARG A 33 1.45 -14.30 -0.08
C ARG A 33 2.73 -13.79 -0.82
N CYS A 34 2.73 -13.87 -2.15
CA CYS A 34 3.88 -13.45 -2.96
C CYS A 34 3.84 -11.94 -3.20
N GLN A 35 4.76 -11.21 -2.60
CA GLN A 35 4.80 -9.75 -2.74
C GLN A 35 4.87 -9.33 -4.20
N SER A 36 5.55 -10.14 -5.00
CA SER A 36 5.77 -9.86 -6.41
C SER A 36 4.49 -9.57 -7.18
N CYS A 37 3.44 -10.30 -6.87
CA CYS A 37 2.18 -10.09 -7.54
C CYS A 37 1.10 -9.64 -6.55
N LYS A 38 1.50 -9.32 -5.32
CA LYS A 38 0.56 -8.85 -4.32
C LYS A 38 0.40 -7.34 -4.41
N TYR A 39 1.42 -6.67 -4.92
CA TYR A 39 1.31 -5.24 -5.17
C TYR A 39 0.95 -4.99 -6.62
N GLY A 40 0.26 -3.90 -6.87
CA GLY A 40 -0.19 -3.60 -8.21
C GLY A 40 0.11 -2.20 -8.63
N ALA A 41 0.09 -1.30 -7.67
CA ALA A 41 0.36 0.09 -7.92
C ALA A 41 1.86 0.37 -7.85
N GLY A 42 2.65 -0.70 -7.84
CA GLY A 42 4.09 -0.56 -7.78
C GLY A 42 4.54 0.07 -6.49
N CYS A 43 3.88 -0.28 -5.40
CA CYS A 43 4.21 0.29 -4.12
C CYS A 43 5.33 -0.55 -3.50
N THR A 44 6.33 0.12 -2.95
CA THR A 44 7.53 -0.55 -2.48
C THR A 44 7.30 -1.36 -1.22
N ASP A 45 8.10 -2.43 -1.08
CA ASP A 45 8.04 -3.33 0.08
C ASP A 45 8.38 -2.57 1.35
N VAL A 46 9.23 -1.56 1.20
CA VAL A 46 9.71 -0.75 2.32
C VAL A 46 8.55 -0.07 3.06
N CYS A 47 7.49 0.20 2.34
CA CYS A 47 6.34 0.86 2.93
C CYS A 47 5.47 -0.12 3.74
N LYS A 48 5.47 -1.40 3.36
CA LYS A 48 4.68 -2.41 4.05
C LYS A 48 5.36 -2.89 5.32
N GLN A 49 6.57 -2.39 5.55
CA GLN A 49 7.32 -2.76 6.72
C GLN A 49 6.73 -2.13 7.97
N THR A 50 7.10 -2.65 9.11
CA THR A 50 6.61 -2.13 10.37
C THR A 50 7.77 -2.02 11.37
N PRO A 51 8.17 -0.79 11.73
CA PRO A 51 7.57 0.44 11.18
C PRO A 51 7.99 0.68 9.73
N CYS A 52 7.29 1.60 9.08
CA CYS A 52 7.56 1.94 7.69
C CYS A 52 9.02 2.34 7.49
N GLY A 53 9.60 1.91 6.40
CA GLY A 53 10.97 2.18 6.14
C GLY A 53 11.19 3.43 5.32
N CYS A 54 10.11 4.04 4.84
CA CYS A 54 10.23 5.28 4.06
C CYS A 54 10.75 6.42 4.93
N ALA A 55 10.74 6.21 6.24
CA ALA A 55 11.25 7.19 7.17
C ALA A 55 12.73 6.95 7.44
N THR A 56 13.31 6.01 6.71
CA THR A 56 14.72 5.68 6.88
C THR A 56 15.42 5.57 5.53
N SER A 57 14.78 4.91 4.59
CA SER A 57 15.36 4.69 3.28
C SER A 57 14.81 5.70 2.27
N GLY A 58 14.11 6.70 2.77
CA GLY A 58 13.52 7.68 1.91
C GLY A 58 12.16 7.24 1.43
N CYS A 59 11.29 8.18 1.15
CA CYS A 59 9.96 7.86 0.68
C CYS A 59 10.00 7.44 -0.78
N ASN A 60 9.18 6.46 -1.12
CA ASN A 60 9.16 5.93 -2.48
C ASN A 60 7.86 6.29 -3.19
N CYS A 61 6.77 6.28 -2.46
CA CYS A 61 5.46 6.57 -3.00
C CYS A 61 5.08 8.04 -2.79
N THR A 62 3.79 8.34 -2.87
CA THR A 62 3.31 9.70 -2.70
C THR A 62 2.33 9.80 -1.53
N ASP A 63 1.82 11.00 -1.30
CA ASP A 63 0.86 11.27 -0.21
C ASP A 63 -0.52 10.72 -0.56
N ASP A 64 -0.61 10.07 -1.72
CA ASP A 64 -1.85 9.45 -2.16
C ASP A 64 -2.01 8.12 -1.45
N CYS A 65 -0.98 7.72 -0.74
CA CYS A 65 -0.98 6.48 -0.01
C CYS A 65 -1.75 6.65 1.30
N LYS A 66 -2.11 5.54 1.93
CA LYS A 66 -2.86 5.58 3.17
C LYS A 66 -1.94 5.51 4.38
N CYS A 67 -0.64 5.35 4.13
CA CYS A 67 0.30 5.23 5.22
C CYS A 67 0.62 6.61 5.79
N GLN A 68 0.28 6.77 7.05
CA GLN A 68 0.48 8.03 7.76
C GLN A 68 1.91 8.16 8.27
N SER A 69 2.72 7.14 7.99
CA SER A 69 4.10 7.12 8.44
C SER A 69 5.01 7.95 7.54
N CYS A 70 4.71 8.03 6.26
CA CYS A 70 5.54 8.76 5.31
C CYS A 70 4.79 9.93 4.66
N SER A 71 3.57 10.19 5.10
CA SER A 71 2.76 11.26 4.54
C SER A 71 3.09 12.61 5.19
N THR A 72 2.74 13.67 4.49
CA THR A 72 2.98 15.03 4.94
C THR A 72 1.92 15.49 5.94
N ALA A 73 2.33 16.37 6.83
CA ALA A 73 1.45 16.90 7.84
C ALA A 73 0.49 17.92 7.25
N CYS A 74 -0.70 18.02 7.83
CA CYS A 74 -1.67 18.99 7.38
C CYS A 74 -1.43 20.34 8.06
N LYS A 75 -2.05 21.39 7.54
CA LYS A 75 -1.81 22.74 8.05
C LYS A 75 -2.85 23.16 9.07
N CYS A 76 -3.74 22.25 9.42
CA CYS A 76 -4.76 22.55 10.41
C CYS A 76 -4.21 22.38 11.82
N ALA A 77 -4.91 22.93 12.79
CA ALA A 77 -4.46 22.89 14.17
C ALA A 77 -5.56 22.35 15.08
N ALA A 78 -5.20 22.08 16.32
CA ALA A 78 -6.15 21.57 17.30
C ALA A 78 -7.21 22.63 17.60
N GLY A 79 -8.35 22.48 16.96
CA GLY A 79 -9.43 23.41 17.15
C GLY A 79 -9.56 24.36 15.99
N SER A 80 -8.72 24.18 15.00
CA SER A 80 -8.73 25.03 13.83
C SER A 80 -8.61 24.22 12.54
N CYS A 81 -9.74 23.84 12.00
CA CYS A 81 -9.78 23.12 10.73
C CYS A 81 -9.84 24.16 9.62
N LYS A 82 -9.07 23.96 8.58
CA LYS A 82 -8.99 24.97 7.53
C LYS A 82 -9.48 24.52 6.18
N CYS A 83 -8.86 23.48 5.60
CA CYS A 83 -9.27 23.02 4.27
C CYS A 83 -10.71 22.49 4.29
N GLY A 84 -11.19 22.14 5.47
CA GLY A 84 -12.57 21.72 5.63
C GLY A 84 -12.79 20.29 5.20
N LYS A 85 -11.87 19.42 5.56
CA LYS A 85 -12.00 18.00 5.24
C LYS A 85 -12.27 17.19 6.50
N GLY A 86 -12.49 17.88 7.60
CA GLY A 86 -12.76 17.20 8.86
C GLY A 86 -11.48 16.74 9.51
N CYS A 87 -10.47 17.59 9.48
CA CYS A 87 -9.18 17.28 10.05
C CYS A 87 -8.65 18.47 10.84
N THR A 88 -8.28 18.22 12.08
CA THR A 88 -7.75 19.26 12.94
C THR A 88 -6.25 19.09 13.15
N GLY A 89 -5.58 18.60 12.15
CA GLY A 89 -4.17 18.42 12.22
C GLY A 89 -3.71 17.19 11.49
N PRO A 90 -2.40 16.94 11.47
CA PRO A 90 -1.81 15.78 10.78
C PRO A 90 -2.30 14.43 11.34
N ASP A 91 -2.47 14.36 12.66
CA ASP A 91 -2.89 13.12 13.30
C ASP A 91 -4.34 12.76 12.93
N SER A 92 -5.19 13.76 12.89
CA SER A 92 -6.58 13.55 12.53
C SER A 92 -6.79 13.64 11.02
N CYS A 93 -5.72 13.88 10.29
CA CYS A 93 -5.81 13.96 8.85
C CYS A 93 -5.76 12.56 8.24
N LYS A 94 -6.93 12.05 7.91
CA LYS A 94 -7.05 10.74 7.29
C LYS A 94 -7.27 10.90 5.80
N CYS A 95 -7.01 12.09 5.32
CA CYS A 95 -7.22 12.43 3.92
C CYS A 95 -5.96 12.18 3.10
N ASP A 96 -6.12 12.23 1.78
CA ASP A 96 -5.02 11.98 0.87
C ASP A 96 -4.29 13.27 0.54
N ARG A 97 -3.45 13.20 -0.48
CA ARG A 97 -2.67 14.34 -0.96
C ARG A 97 -3.55 15.42 -1.57
N SER A 98 -4.84 15.12 -1.72
CA SER A 98 -5.80 16.05 -2.31
C SER A 98 -5.89 17.35 -1.49
N CYS A 99 -5.57 17.27 -0.20
CA CYS A 99 -5.59 18.44 0.66
C CYS A 99 -4.67 19.54 0.16
N SER A 100 -5.19 20.75 0.08
CA SER A 100 -4.41 21.89 -0.34
C SER A 100 -3.37 22.23 0.73
N CYS A 101 -3.55 21.64 1.90
CA CYS A 101 -2.67 21.87 3.03
C CYS A 101 -1.41 20.97 3.01
N LYS A 102 -1.17 20.28 1.89
CA LYS A 102 0.03 19.46 1.77
C LYS A 102 1.15 20.25 1.12
N GLY A 1 -7.11 -24.76 8.67
CA GLY A 1 -8.57 -24.93 8.83
C GLY A 1 -9.31 -24.90 7.51
N SER A 2 -9.03 -23.88 6.72
CA SER A 2 -9.66 -23.74 5.42
C SER A 2 -8.82 -24.43 4.36
N MET A 3 -9.24 -25.62 3.97
CA MET A 3 -8.53 -26.41 2.97
C MET A 3 -8.94 -25.97 1.57
N SER A 4 -8.33 -24.93 1.08
CA SER A 4 -8.65 -24.41 -0.23
C SER A 4 -7.51 -24.67 -1.21
N SER A 5 -7.81 -25.34 -2.31
CA SER A 5 -6.82 -25.62 -3.32
C SER A 5 -6.55 -24.38 -4.16
N VAL A 6 -5.69 -23.51 -3.66
CA VAL A 6 -5.33 -22.30 -4.35
C VAL A 6 -4.20 -22.55 -5.34
N PHE A 7 -4.37 -22.04 -6.54
CA PHE A 7 -3.36 -22.17 -7.56
C PHE A 7 -3.11 -20.80 -8.18
N GLY A 8 -2.28 -20.00 -7.52
CA GLY A 8 -1.94 -18.68 -8.04
C GLY A 8 -3.05 -17.64 -7.85
N ALA A 9 -4.26 -18.02 -8.16
CA ALA A 9 -5.40 -17.12 -8.10
C ALA A 9 -6.03 -17.11 -6.71
N GLY A 10 -5.24 -16.75 -5.73
CA GLY A 10 -5.72 -16.64 -4.38
C GLY A 10 -5.27 -15.34 -3.77
N CYS A 11 -5.57 -14.26 -4.44
CA CYS A 11 -5.17 -12.95 -4.00
C CYS A 11 -6.03 -12.47 -2.84
N THR A 12 -5.75 -11.29 -2.37
CA THR A 12 -6.47 -10.70 -1.27
C THR A 12 -7.50 -9.71 -1.79
N ASP A 13 -8.53 -9.45 -1.01
CA ASP A 13 -9.54 -8.48 -1.39
C ASP A 13 -8.87 -7.13 -1.60
N THR A 14 -7.81 -6.91 -0.84
CA THR A 14 -7.04 -5.67 -0.89
C THR A 14 -6.36 -5.48 -2.27
N CYS A 15 -6.37 -6.52 -3.08
CA CYS A 15 -5.80 -6.48 -4.40
C CYS A 15 -6.87 -6.07 -5.42
N LYS A 16 -8.11 -6.15 -5.00
CA LYS A 16 -9.24 -5.83 -5.85
C LYS A 16 -9.63 -4.37 -5.68
N GLN A 17 -8.67 -3.57 -5.25
CA GLN A 17 -8.89 -2.15 -5.02
C GLN A 17 -8.39 -1.36 -6.21
N THR A 18 -8.69 -0.07 -6.22
CA THR A 18 -8.23 0.80 -7.26
C THR A 18 -8.05 2.23 -6.72
N PRO A 19 -6.79 2.66 -6.48
CA PRO A 19 -5.60 1.81 -6.69
C PRO A 19 -5.48 0.70 -5.64
N CYS A 20 -4.62 -0.31 -5.91
CA CYS A 20 -4.39 -1.42 -4.98
C CYS A 20 -4.06 -0.92 -3.58
N GLY A 21 -4.74 -1.47 -2.59
CA GLY A 21 -4.52 -1.05 -1.22
C GLY A 21 -3.42 -1.86 -0.57
N CYS A 22 -2.78 -2.69 -1.37
CA CYS A 22 -1.72 -3.56 -0.89
C CYS A 22 -0.44 -2.79 -0.56
N GLY A 23 -0.53 -1.47 -0.56
CA GLY A 23 0.62 -0.63 -0.20
C GLY A 23 0.96 -0.77 1.27
N SER A 24 0.09 -1.45 1.99
CA SER A 24 0.29 -1.70 3.40
C SER A 24 0.73 -3.16 3.61
N GLY A 25 0.98 -3.87 2.51
CA GLY A 25 1.39 -5.24 2.59
C GLY A 25 0.29 -6.20 2.18
N CYS A 26 0.47 -6.87 1.06
CA CYS A 26 -0.51 -7.84 0.58
C CYS A 26 -0.13 -9.25 0.98
N ASN A 27 -0.99 -10.20 0.61
CA ASN A 27 -0.77 -11.60 0.92
C ASN A 27 -1.17 -12.44 -0.30
N CYS A 28 -0.84 -11.92 -1.48
CA CYS A 28 -1.18 -12.58 -2.71
C CYS A 28 -0.23 -13.73 -3.02
N LYS A 29 -0.52 -14.44 -4.09
CA LYS A 29 0.26 -15.59 -4.48
C LYS A 29 1.30 -15.22 -5.54
N GLU A 30 2.15 -16.18 -5.93
CA GLU A 30 3.22 -15.93 -6.89
C GLU A 30 2.69 -15.67 -8.31
N ASP A 31 1.45 -16.04 -8.55
CA ASP A 31 0.86 -15.83 -9.86
C ASP A 31 -0.06 -14.62 -9.82
N CYS A 32 0.30 -13.65 -8.98
CA CYS A 32 -0.46 -12.42 -8.85
C CYS A 32 -0.49 -11.69 -10.19
N ARG A 33 0.70 -11.48 -10.77
CA ARG A 33 0.86 -10.85 -12.08
C ARG A 33 0.28 -9.44 -12.07
N CYS A 34 0.27 -8.81 -10.93
CA CYS A 34 -0.28 -7.49 -10.83
C CYS A 34 0.83 -6.48 -10.57
N GLN A 35 1.05 -5.62 -11.53
CA GLN A 35 2.10 -4.60 -11.41
C GLN A 35 1.75 -3.57 -10.34
N SER A 36 0.50 -3.60 -9.90
CA SER A 36 0.04 -2.70 -8.86
C SER A 36 0.74 -2.97 -7.53
N CYS A 37 1.00 -4.25 -7.24
CA CYS A 37 1.66 -4.64 -6.01
C CYS A 37 2.96 -5.41 -6.28
N LYS A 38 3.35 -5.48 -7.55
CA LYS A 38 4.56 -6.20 -7.94
C LYS A 38 5.59 -5.25 -8.48
N TYR A 39 5.95 -4.28 -7.66
CA TYR A 39 6.99 -3.34 -8.03
C TYR A 39 8.29 -4.07 -8.24
N GLY A 40 8.60 -4.94 -7.26
CA GLY A 40 9.80 -5.73 -7.34
C GLY A 40 11.04 -4.89 -7.36
N ALA A 41 11.71 -4.90 -8.49
CA ALA A 41 12.93 -4.12 -8.67
C ALA A 41 12.63 -2.63 -8.78
N GLY A 42 11.35 -2.30 -8.93
CA GLY A 42 10.94 -0.91 -8.97
C GLY A 42 11.27 -0.20 -7.67
N CYS A 43 11.21 -0.95 -6.58
CA CYS A 43 11.56 -0.43 -5.27
C CYS A 43 12.72 -1.20 -4.69
N THR A 44 13.15 -0.79 -3.51
CA THR A 44 14.23 -1.46 -2.83
C THR A 44 13.66 -2.50 -1.88
N ASP A 45 14.47 -3.47 -1.51
CA ASP A 45 14.02 -4.51 -0.59
C ASP A 45 13.90 -3.98 0.83
N VAL A 46 14.51 -2.83 1.08
CA VAL A 46 14.41 -2.17 2.38
C VAL A 46 12.99 -1.68 2.59
N CYS A 47 12.36 -1.31 1.50
CA CYS A 47 10.98 -0.87 1.51
C CYS A 47 10.03 -2.07 1.64
N LYS A 48 10.54 -3.24 1.31
CA LYS A 48 9.74 -4.45 1.36
C LYS A 48 9.90 -5.16 2.71
N GLN A 49 10.46 -4.44 3.68
CA GLN A 49 10.64 -4.98 5.03
C GLN A 49 9.31 -5.07 5.77
N THR A 50 9.34 -5.68 6.94
CA THR A 50 8.15 -5.82 7.76
C THR A 50 8.54 -5.81 9.25
N PRO A 51 8.40 -4.66 9.94
CA PRO A 51 7.88 -3.42 9.34
C PRO A 51 8.87 -2.79 8.38
N CYS A 52 8.37 -1.93 7.49
CA CYS A 52 9.20 -1.27 6.51
C CYS A 52 10.34 -0.50 7.19
N GLY A 53 11.50 -0.50 6.56
CA GLY A 53 12.63 0.19 7.14
C GLY A 53 13.20 1.21 6.20
N CYS A 54 12.41 1.61 5.21
CA CYS A 54 12.87 2.55 4.21
C CYS A 54 13.14 3.90 4.85
N ALA A 55 12.15 4.45 5.56
CA ALA A 55 12.31 5.75 6.20
C ALA A 55 13.34 5.67 7.33
N THR A 56 13.58 4.47 7.80
CA THR A 56 14.53 4.24 8.86
C THR A 56 15.98 4.34 8.36
N SER A 57 16.30 3.59 7.32
CA SER A 57 17.66 3.54 6.80
C SER A 57 17.90 4.61 5.74
N GLY A 58 16.83 5.17 5.21
CA GLY A 58 16.94 6.19 4.19
C GLY A 58 15.97 5.96 3.07
N CYS A 59 14.94 6.79 3.00
CA CYS A 59 13.89 6.63 2.00
C CYS A 59 14.47 6.68 0.59
N ASN A 60 14.06 5.73 -0.24
CA ASN A 60 14.59 5.60 -1.59
C ASN A 60 13.60 6.10 -2.65
N CYS A 61 12.35 5.74 -2.48
CA CYS A 61 11.31 6.11 -3.44
C CYS A 61 10.69 7.47 -3.11
N THR A 62 9.58 7.78 -3.78
CA THR A 62 8.90 9.05 -3.58
C THR A 62 7.56 8.86 -2.85
N ASP A 63 6.86 9.98 -2.65
CA ASP A 63 5.56 9.99 -1.96
C ASP A 63 4.48 9.32 -2.79
N ASP A 64 4.83 8.99 -4.02
CA ASP A 64 3.93 8.34 -4.96
C ASP A 64 3.64 6.91 -4.50
N CYS A 65 4.55 6.34 -3.73
CA CYS A 65 4.39 5.00 -3.22
C CYS A 65 3.20 4.95 -2.27
N LYS A 66 2.37 3.90 -2.39
CA LYS A 66 1.19 3.76 -1.52
C LYS A 66 1.59 3.31 -0.14
N CYS A 67 2.87 3.09 0.04
CA CYS A 67 3.39 2.60 1.28
C CYS A 67 3.44 3.70 2.32
N GLN A 68 2.53 3.64 3.27
CA GLN A 68 2.45 4.63 4.33
C GLN A 68 3.44 4.32 5.45
N SER A 69 4.27 3.33 5.22
CA SER A 69 5.24 2.93 6.20
C SER A 69 6.49 3.83 6.15
N CYS A 70 6.69 4.50 5.02
CA CYS A 70 7.82 5.43 4.89
C CYS A 70 7.39 6.74 4.22
N SER A 71 6.30 6.70 3.45
CA SER A 71 5.82 7.87 2.74
C SER A 71 4.95 8.77 3.66
N THR A 72 4.45 9.85 3.10
CA THR A 72 3.63 10.80 3.82
C THR A 72 2.21 10.28 4.02
N ALA A 73 1.70 10.43 5.22
CA ALA A 73 0.36 9.95 5.55
C ALA A 73 -0.70 11.01 5.33
N CYS A 74 -1.95 10.57 5.25
CA CYS A 74 -3.10 11.46 5.08
C CYS A 74 -3.26 12.33 6.33
N LYS A 75 -3.65 13.58 6.16
CA LYS A 75 -3.79 14.50 7.29
C LYS A 75 -5.20 14.49 7.84
N CYS A 76 -5.99 13.54 7.41
CA CYS A 76 -7.34 13.45 7.84
C CYS A 76 -7.45 12.63 9.11
N ALA A 77 -8.48 12.91 9.88
CA ALA A 77 -8.70 12.24 11.14
C ALA A 77 -10.01 11.47 11.10
N ALA A 78 -10.30 10.79 12.19
CA ALA A 78 -11.54 10.04 12.31
C ALA A 78 -12.74 10.96 12.25
N GLY A 79 -13.28 11.10 11.05
CA GLY A 79 -14.45 11.93 10.86
C GLY A 79 -14.10 13.33 10.40
N SER A 80 -12.90 13.49 9.84
CA SER A 80 -12.46 14.80 9.39
C SER A 80 -11.57 14.67 8.15
N CYS A 81 -12.13 14.98 6.99
CA CYS A 81 -11.37 14.96 5.74
C CYS A 81 -10.83 16.35 5.41
N LYS A 82 -9.52 16.48 5.37
CA LYS A 82 -8.90 17.76 5.02
C LYS A 82 -8.86 17.91 3.52
N CYS A 83 -8.67 16.80 2.86
CA CYS A 83 -8.67 16.77 1.41
C CYS A 83 -10.11 16.78 0.92
N GLY A 84 -10.99 16.11 1.68
CA GLY A 84 -12.37 16.01 1.29
C GLY A 84 -12.60 14.90 0.30
N LYS A 85 -11.81 13.84 0.42
CA LYS A 85 -11.88 12.73 -0.51
C LYS A 85 -12.58 11.50 0.10
N GLY A 86 -12.86 11.55 1.38
CA GLY A 86 -13.59 10.47 2.02
C GLY A 86 -12.70 9.56 2.85
N CYS A 87 -11.42 9.84 2.87
CA CYS A 87 -10.48 9.05 3.63
C CYS A 87 -10.23 9.67 4.99
N THR A 88 -10.89 9.15 5.99
CA THR A 88 -10.76 9.68 7.33
C THR A 88 -9.58 9.05 8.06
N GLY A 89 -8.40 9.23 7.51
CA GLY A 89 -7.20 8.70 8.12
C GLY A 89 -6.34 7.94 7.12
N PRO A 90 -5.05 7.74 7.42
CA PRO A 90 -4.10 7.06 6.51
C PRO A 90 -4.51 5.63 6.16
N ASP A 91 -5.26 4.97 7.04
CA ASP A 91 -5.72 3.62 6.78
C ASP A 91 -6.81 3.64 5.73
N SER A 92 -7.70 4.62 5.85
CA SER A 92 -8.77 4.81 4.89
C SER A 92 -8.20 5.41 3.61
N CYS A 93 -7.12 6.17 3.78
CA CYS A 93 -6.45 6.81 2.68
C CYS A 93 -5.75 5.80 1.82
N LYS A 94 -6.30 5.59 0.66
CA LYS A 94 -5.74 4.68 -0.30
C LYS A 94 -5.26 5.49 -1.48
N CYS A 95 -4.95 6.76 -1.18
CA CYS A 95 -4.49 7.71 -2.17
C CYS A 95 -2.96 7.81 -2.13
N ASP A 96 -2.38 8.28 -3.23
CA ASP A 96 -0.93 8.40 -3.35
C ASP A 96 -0.46 9.82 -2.94
N ARG A 97 0.53 10.35 -3.66
CA ARG A 97 1.08 11.66 -3.35
C ARG A 97 0.18 12.77 -3.87
N SER A 98 -0.79 12.38 -4.71
CA SER A 98 -1.68 13.33 -5.35
C SER A 98 -2.74 13.84 -4.39
N CYS A 99 -2.61 13.44 -3.14
CA CYS A 99 -3.50 13.87 -2.12
C CYS A 99 -3.10 15.27 -1.66
N SER A 100 -4.07 16.12 -1.43
CA SER A 100 -3.81 17.48 -1.02
C SER A 100 -3.24 17.53 0.41
N CYS A 101 -3.38 16.43 1.13
CA CYS A 101 -2.92 16.34 2.49
C CYS A 101 -1.44 15.98 2.59
N LYS A 102 -0.78 15.83 1.45
CA LYS A 102 0.64 15.54 1.48
C LYS A 102 1.47 16.82 1.40
N GLY A 1 -3.19 -34.31 -1.96
CA GLY A 1 -4.67 -34.47 -1.79
C GLY A 1 -5.44 -33.74 -2.87
N SER A 2 -5.14 -32.46 -3.05
CA SER A 2 -5.81 -31.66 -4.05
C SER A 2 -4.98 -31.60 -5.34
N MET A 3 -5.67 -31.64 -6.48
CA MET A 3 -5.03 -31.57 -7.78
C MET A 3 -4.27 -30.25 -7.93
N SER A 4 -3.19 -30.28 -8.68
CA SER A 4 -2.37 -29.10 -8.89
C SER A 4 -2.75 -28.41 -10.20
N SER A 5 -2.38 -27.14 -10.32
CA SER A 5 -2.66 -26.33 -11.50
C SER A 5 -4.17 -26.14 -11.68
N VAL A 6 -4.72 -25.19 -10.95
CA VAL A 6 -6.13 -24.88 -11.02
C VAL A 6 -6.33 -23.41 -11.39
N PHE A 7 -7.55 -23.04 -11.73
CA PHE A 7 -7.84 -21.67 -12.11
C PHE A 7 -8.55 -20.92 -11.01
N GLY A 8 -8.82 -21.59 -9.92
CA GLY A 8 -9.48 -20.98 -8.81
C GLY A 8 -9.23 -21.74 -7.53
N ALA A 9 -9.22 -21.03 -6.40
CA ALA A 9 -8.94 -21.61 -5.09
C ALA A 9 -7.49 -22.08 -4.98
N GLY A 10 -6.68 -21.59 -5.91
CA GLY A 10 -5.28 -21.95 -5.92
C GLY A 10 -4.42 -20.82 -5.44
N CYS A 11 -4.67 -20.36 -4.25
CA CYS A 11 -3.91 -19.27 -3.68
C CYS A 11 -2.64 -19.83 -3.00
N THR A 12 -1.94 -19.00 -2.26
CA THR A 12 -0.70 -19.43 -1.64
C THR A 12 -0.62 -19.01 -0.17
N ASP A 13 0.15 -19.75 0.61
CA ASP A 13 0.35 -19.46 2.03
C ASP A 13 1.26 -18.26 2.20
N THR A 14 2.10 -18.01 1.19
CA THR A 14 2.99 -16.86 1.18
C THR A 14 2.18 -15.56 1.21
N CYS A 15 0.93 -15.70 0.82
CA CYS A 15 0.01 -14.59 0.72
C CYS A 15 -0.60 -14.28 2.10
N LYS A 16 -0.32 -15.11 3.07
CA LYS A 16 -0.86 -14.93 4.41
C LYS A 16 0.11 -14.16 5.28
N GLN A 17 1.15 -13.62 4.67
CA GLN A 17 2.17 -12.92 5.42
C GLN A 17 1.86 -11.44 5.45
N THR A 18 2.46 -10.76 6.41
CA THR A 18 2.30 -9.33 6.54
C THR A 18 3.62 -8.68 6.95
N PRO A 19 4.28 -7.95 6.03
CA PRO A 19 3.79 -7.78 4.65
C PRO A 19 3.84 -9.08 3.82
N CYS A 20 3.02 -9.16 2.76
CA CYS A 20 2.97 -10.33 1.89
C CYS A 20 4.33 -10.62 1.27
N GLY A 21 4.66 -11.90 1.15
CA GLY A 21 5.95 -12.29 0.63
C GLY A 21 6.00 -12.41 -0.88
N CYS A 22 4.84 -12.28 -1.53
CA CYS A 22 4.77 -12.39 -2.99
C CYS A 22 5.62 -11.32 -3.67
N GLY A 23 5.35 -10.05 -3.34
CA GLY A 23 6.07 -8.96 -3.95
C GLY A 23 5.76 -8.83 -5.43
N SER A 24 6.72 -9.20 -6.26
CA SER A 24 6.56 -9.14 -7.70
C SER A 24 6.36 -10.55 -8.29
N GLY A 25 6.17 -11.53 -7.42
CA GLY A 25 5.99 -12.89 -7.86
C GLY A 25 4.92 -13.57 -7.05
N CYS A 26 3.70 -13.52 -7.54
CA CYS A 26 2.57 -14.08 -6.83
C CYS A 26 2.35 -15.53 -7.18
N ASN A 27 2.14 -16.33 -6.16
CA ASN A 27 1.85 -17.74 -6.36
C ASN A 27 0.35 -17.94 -6.32
N CYS A 28 -0.38 -16.85 -6.12
CA CYS A 28 -1.82 -16.88 -6.04
C CYS A 28 -2.44 -16.60 -7.40
N LYS A 29 -3.76 -16.73 -7.47
CA LYS A 29 -4.49 -16.53 -8.72
C LYS A 29 -4.82 -15.06 -8.92
N GLU A 30 -5.13 -14.70 -10.16
CA GLU A 30 -5.47 -13.31 -10.48
C GLU A 30 -6.86 -12.96 -9.98
N ASP A 31 -7.53 -13.95 -9.40
CA ASP A 31 -8.82 -13.76 -8.78
C ASP A 31 -8.64 -12.99 -7.47
N CYS A 32 -7.41 -13.00 -7.00
CA CYS A 32 -7.06 -12.34 -5.78
C CYS A 32 -6.92 -10.82 -6.01
N ARG A 33 -7.37 -10.04 -5.03
CA ARG A 33 -7.35 -8.58 -5.13
C ARG A 33 -6.44 -7.98 -4.07
N CYS A 34 -5.55 -8.79 -3.54
CA CYS A 34 -4.65 -8.35 -2.49
C CYS A 34 -3.72 -7.26 -2.98
N GLN A 35 -3.97 -6.03 -2.53
CA GLN A 35 -3.16 -4.88 -2.93
C GLN A 35 -1.72 -5.01 -2.44
N SER A 36 -1.53 -5.90 -1.47
CA SER A 36 -0.20 -6.17 -0.93
C SER A 36 0.73 -6.71 -2.02
N CYS A 37 0.14 -7.33 -3.02
CA CYS A 37 0.89 -7.89 -4.12
C CYS A 37 0.18 -7.57 -5.44
N LYS A 38 -0.62 -6.52 -5.40
CA LYS A 38 -1.40 -6.12 -6.55
C LYS A 38 -1.46 -4.60 -6.63
N TYR A 39 -0.37 -4.03 -7.08
CA TYR A 39 -0.28 -2.58 -7.25
C TYR A 39 -0.81 -2.16 -8.60
N GLY A 40 -1.02 -0.87 -8.78
CA GLY A 40 -1.46 -0.35 -10.05
C GLY A 40 -0.32 -0.32 -11.03
N ALA A 41 -0.36 -1.22 -12.02
CA ALA A 41 0.70 -1.37 -13.03
C ALA A 41 1.98 -1.96 -12.44
N GLY A 42 2.30 -1.55 -11.23
CA GLY A 42 3.47 -2.04 -10.56
C GLY A 42 4.36 -0.91 -10.09
N CYS A 43 3.76 0.30 -9.97
CA CYS A 43 4.45 1.56 -9.54
C CYS A 43 5.98 1.48 -9.62
N THR A 44 6.59 1.44 -8.46
CA THR A 44 8.02 1.29 -8.34
C THR A 44 8.32 0.27 -7.26
N ASP A 45 9.34 -0.53 -7.44
CA ASP A 45 9.67 -1.56 -6.48
C ASP A 45 10.34 -0.99 -5.25
N VAL A 46 10.89 0.21 -5.37
CA VAL A 46 11.50 0.89 -4.22
C VAL A 46 10.39 1.31 -3.24
N CYS A 47 9.21 1.52 -3.78
CA CYS A 47 8.05 1.90 -3.00
C CYS A 47 7.43 0.66 -2.34
N LYS A 48 7.75 -0.51 -2.88
CA LYS A 48 7.21 -1.77 -2.36
C LYS A 48 8.19 -2.43 -1.38
N GLN A 49 9.26 -1.71 -1.05
CA GLN A 49 10.28 -2.23 -0.12
C GLN A 49 9.71 -2.38 1.29
N THR A 50 10.48 -3.01 2.16
CA THR A 50 10.07 -3.20 3.54
C THR A 50 11.28 -3.07 4.48
N PRO A 51 11.44 -1.91 5.16
CA PRO A 51 10.52 -0.77 5.04
C PRO A 51 10.70 -0.05 3.71
N CYS A 52 9.70 0.74 3.32
CA CYS A 52 9.75 1.47 2.06
C CYS A 52 10.95 2.39 2.05
N GLY A 53 11.58 2.49 0.89
CA GLY A 53 12.75 3.31 0.78
C GLY A 53 12.65 4.26 -0.37
N CYS A 54 11.43 4.55 -0.78
CA CYS A 54 11.20 5.45 -1.89
C CYS A 54 11.71 6.83 -1.56
N ALA A 55 11.26 7.37 -0.44
CA ALA A 55 11.67 8.71 -0.02
C ALA A 55 13.16 8.73 0.26
N THR A 56 13.67 7.62 0.75
CA THR A 56 15.09 7.49 1.04
C THR A 56 15.94 7.68 -0.21
N SER A 57 15.50 7.13 -1.32
CA SER A 57 16.22 7.26 -2.59
C SER A 57 15.67 8.44 -3.40
N GLY A 58 14.65 9.07 -2.87
CA GLY A 58 14.01 10.18 -3.55
C GLY A 58 12.63 9.79 -4.02
N CYS A 59 11.60 10.29 -3.33
CA CYS A 59 10.20 9.98 -3.64
C CYS A 59 9.93 10.16 -5.13
N ASN A 60 9.64 9.05 -5.79
CA ASN A 60 9.46 9.06 -7.25
C ASN A 60 8.03 9.36 -7.63
N CYS A 61 7.10 8.80 -6.89
CA CYS A 61 5.69 8.98 -7.17
C CYS A 61 5.15 10.24 -6.52
N THR A 62 3.84 10.38 -6.50
CA THR A 62 3.20 11.55 -5.93
C THR A 62 2.53 11.20 -4.60
N ASP A 63 2.01 12.21 -3.90
CA ASP A 63 1.33 12.00 -2.62
C ASP A 63 -0.09 11.49 -2.85
N ASP A 64 -0.38 11.25 -4.11
CA ASP A 64 -1.66 10.69 -4.54
C ASP A 64 -1.61 9.15 -4.46
N CYS A 65 -0.42 8.61 -4.19
CA CYS A 65 -0.22 7.16 -4.08
C CYS A 65 -0.86 6.65 -2.80
N LYS A 66 -1.11 5.36 -2.75
CA LYS A 66 -1.76 4.77 -1.59
C LYS A 66 -0.76 4.46 -0.49
N CYS A 67 0.51 4.66 -0.76
CA CYS A 67 1.51 4.40 0.23
C CYS A 67 1.75 5.64 1.08
N GLN A 68 1.68 5.47 2.38
CA GLN A 68 1.84 6.58 3.31
C GLN A 68 3.23 6.57 3.95
N SER A 69 4.12 5.74 3.42
CA SER A 69 5.48 5.62 3.97
C SER A 69 6.36 6.77 3.47
N CYS A 70 6.39 6.96 2.17
CA CYS A 70 7.20 8.00 1.56
C CYS A 70 6.43 9.31 1.44
N SER A 71 5.13 9.20 1.22
CA SER A 71 4.26 10.35 1.06
C SER A 71 4.19 11.19 2.34
N THR A 72 3.74 12.43 2.19
CA THR A 72 3.61 13.36 3.30
C THR A 72 2.48 12.92 4.24
N ALA A 73 2.70 13.13 5.53
CA ALA A 73 1.73 12.74 6.54
C ALA A 73 0.75 13.87 6.82
N CYS A 74 -0.35 13.54 7.50
CA CYS A 74 -1.31 14.54 7.90
C CYS A 74 -0.78 15.23 9.15
N LYS A 75 -0.96 16.54 9.23
CA LYS A 75 -0.40 17.29 10.35
C LYS A 75 -1.39 17.46 11.47
N CYS A 76 -2.59 16.98 11.26
CA CYS A 76 -3.63 17.07 12.26
C CYS A 76 -3.27 16.24 13.50
N ALA A 77 -4.05 16.42 14.56
CA ALA A 77 -3.81 15.71 15.81
C ALA A 77 -5.10 15.18 16.37
N ALA A 78 -5.00 14.48 17.50
CA ALA A 78 -6.17 13.91 18.15
C ALA A 78 -7.11 15.01 18.64
N GLY A 79 -8.11 15.29 17.84
CA GLY A 79 -9.08 16.30 18.18
C GLY A 79 -8.71 17.64 17.59
N SER A 80 -7.81 17.63 16.63
CA SER A 80 -7.35 18.83 15.97
C SER A 80 -7.28 18.63 14.46
N CYS A 81 -8.36 18.92 13.78
CA CYS A 81 -8.43 18.78 12.32
C CYS A 81 -8.72 20.13 11.67
N LYS A 82 -7.75 20.65 10.92
CA LYS A 82 -7.91 21.98 10.30
C LYS A 82 -8.12 21.90 8.79
N CYS A 83 -7.72 20.81 8.18
CA CYS A 83 -7.88 20.65 6.74
C CYS A 83 -9.35 20.47 6.39
N GLY A 84 -10.09 19.85 7.29
CA GLY A 84 -11.50 19.67 7.10
C GLY A 84 -11.84 18.38 6.40
N LYS A 85 -10.93 17.42 6.47
CA LYS A 85 -11.15 16.13 5.85
C LYS A 85 -11.55 15.08 6.89
N GLY A 86 -11.71 15.54 8.13
CA GLY A 86 -12.16 14.66 9.20
C GLY A 86 -11.11 13.66 9.62
N CYS A 87 -9.86 14.06 9.55
CA CYS A 87 -8.77 13.20 9.93
C CYS A 87 -8.01 13.80 11.09
N THR A 88 -7.87 13.05 12.17
CA THR A 88 -7.19 13.54 13.33
C THR A 88 -5.77 12.97 13.44
N GLY A 89 -4.96 13.26 12.44
CA GLY A 89 -3.58 12.80 12.44
C GLY A 89 -3.32 11.84 11.31
N PRO A 90 -2.04 11.53 11.02
CA PRO A 90 -1.67 10.59 9.94
C PRO A 90 -2.26 9.19 10.13
N ASP A 91 -2.57 8.85 11.37
CA ASP A 91 -3.16 7.54 11.66
C ASP A 91 -4.63 7.52 11.26
N SER A 92 -5.24 8.68 11.27
CA SER A 92 -6.63 8.81 10.90
C SER A 92 -6.76 9.23 9.44
N CYS A 93 -5.71 9.84 8.92
CA CYS A 93 -5.70 10.30 7.56
C CYS A 93 -5.58 9.14 6.60
N LYS A 94 -6.62 8.93 5.83
CA LYS A 94 -6.62 7.89 4.82
C LYS A 94 -7.00 8.52 3.50
N CYS A 95 -6.67 9.80 3.38
CA CYS A 95 -6.99 10.59 2.21
C CYS A 95 -5.78 10.66 1.27
N ASP A 96 -5.95 11.39 0.18
CA ASP A 96 -4.88 11.55 -0.80
C ASP A 96 -4.20 12.91 -0.61
N ARG A 97 -3.47 13.34 -1.63
CA ARG A 97 -2.76 14.62 -1.61
C ARG A 97 -3.73 15.82 -1.69
N SER A 98 -5.03 15.53 -1.66
CA SER A 98 -6.06 16.56 -1.76
C SER A 98 -6.02 17.49 -0.54
N CYS A 99 -5.44 17.02 0.55
CA CYS A 99 -5.28 17.83 1.74
C CYS A 99 -4.33 19.00 1.47
N SER A 100 -4.80 20.20 1.71
CA SER A 100 -4.01 21.40 1.48
C SER A 100 -3.10 21.68 2.66
N CYS A 101 -3.09 20.78 3.62
CA CYS A 101 -2.26 20.91 4.79
C CYS A 101 -0.92 20.23 4.57
N LYS A 102 -0.74 19.64 3.40
CA LYS A 102 0.48 18.91 3.07
C LYS A 102 1.66 19.85 2.86
N GLY A 1 6.24 -39.28 -7.73
CA GLY A 1 6.28 -40.01 -9.03
C GLY A 1 5.17 -39.57 -9.97
N SER A 2 4.03 -40.24 -9.90
CA SER A 2 2.90 -39.91 -10.75
C SER A 2 2.28 -38.57 -10.34
N MET A 3 2.46 -38.20 -9.09
CA MET A 3 1.97 -36.93 -8.59
C MET A 3 3.13 -35.96 -8.45
N SER A 4 2.84 -34.67 -8.61
CA SER A 4 3.88 -33.67 -8.49
C SER A 4 3.25 -32.28 -8.28
N SER A 5 3.77 -31.57 -7.30
CA SER A 5 3.31 -30.23 -7.02
C SER A 5 4.29 -29.24 -7.66
N VAL A 6 3.79 -28.49 -8.62
CA VAL A 6 4.63 -27.55 -9.36
C VAL A 6 4.93 -26.29 -8.55
N PHE A 7 6.21 -26.04 -8.34
CA PHE A 7 6.66 -24.89 -7.59
C PHE A 7 6.65 -23.66 -8.47
N GLY A 8 5.89 -22.66 -8.05
CA GLY A 8 5.81 -21.42 -8.80
C GLY A 8 4.87 -21.49 -10.00
N ALA A 9 4.85 -22.63 -10.66
CA ALA A 9 4.07 -22.80 -11.88
C ALA A 9 2.60 -23.10 -11.60
N GLY A 10 2.27 -23.39 -10.34
CA GLY A 10 0.89 -23.67 -9.98
C GLY A 10 0.08 -22.41 -9.85
N CYS A 11 0.00 -21.68 -10.94
CA CYS A 11 -0.70 -20.42 -10.96
C CYS A 11 -2.19 -20.60 -11.26
N THR A 12 -2.89 -19.51 -11.53
CA THR A 12 -4.33 -19.56 -11.74
C THR A 12 -4.78 -18.52 -12.77
N ASP A 13 -5.94 -18.77 -13.39
CA ASP A 13 -6.51 -17.86 -14.37
C ASP A 13 -7.14 -16.65 -13.68
N THR A 14 -7.33 -16.77 -12.38
CA THR A 14 -7.86 -15.67 -11.60
C THR A 14 -6.78 -14.59 -11.40
N CYS A 15 -5.57 -14.95 -11.78
CA CYS A 15 -4.43 -14.07 -11.65
C CYS A 15 -4.25 -13.19 -12.88
N LYS A 16 -4.99 -13.50 -13.94
CA LYS A 16 -4.87 -12.74 -15.17
C LYS A 16 -6.09 -11.88 -15.41
N GLN A 17 -6.81 -11.58 -14.32
CA GLN A 17 -7.99 -10.72 -14.38
C GLN A 17 -7.57 -9.26 -14.35
N THR A 18 -8.46 -8.37 -14.77
CA THR A 18 -8.22 -6.93 -14.74
C THR A 18 -9.48 -6.18 -14.32
N PRO A 19 -9.56 -5.70 -13.06
CA PRO A 19 -8.50 -5.89 -12.04
C PRO A 19 -8.33 -7.35 -11.64
N CYS A 20 -7.15 -7.67 -11.10
CA CYS A 20 -6.80 -9.04 -10.71
C CYS A 20 -7.83 -9.63 -9.76
N GLY A 21 -8.08 -10.93 -9.91
CA GLY A 21 -9.06 -11.60 -9.10
C GLY A 21 -8.51 -12.04 -7.76
N CYS A 22 -7.19 -12.04 -7.63
CA CYS A 22 -6.56 -12.43 -6.39
C CYS A 22 -6.57 -11.29 -5.38
N GLY A 23 -7.50 -10.35 -5.56
CA GLY A 23 -7.63 -9.23 -4.66
C GLY A 23 -8.19 -9.65 -3.32
N SER A 24 -8.59 -10.91 -3.24
CA SER A 24 -9.09 -11.48 -2.02
C SER A 24 -8.71 -12.96 -1.95
N GLY A 25 -7.43 -13.23 -1.80
CA GLY A 25 -6.97 -14.59 -1.72
C GLY A 25 -6.31 -15.03 -3.00
N CYS A 26 -5.15 -15.61 -2.88
CA CYS A 26 -4.40 -16.08 -4.03
C CYS A 26 -4.62 -17.54 -4.27
N ASN A 27 -4.54 -17.93 -5.52
CA ASN A 27 -4.61 -19.33 -5.89
C ASN A 27 -3.37 -19.67 -6.70
N CYS A 28 -2.45 -18.73 -6.75
CA CYS A 28 -1.21 -18.92 -7.46
C CYS A 28 -0.10 -19.26 -6.47
N LYS A 29 1.12 -19.38 -6.96
CA LYS A 29 2.24 -19.70 -6.11
C LYS A 29 3.01 -18.42 -5.79
N GLU A 30 3.77 -18.43 -4.70
CA GLU A 30 4.52 -17.25 -4.26
C GLU A 30 5.53 -16.80 -5.32
N ASP A 31 6.09 -17.77 -6.04
CA ASP A 31 7.10 -17.50 -7.07
C ASP A 31 6.59 -16.53 -8.14
N CYS A 32 5.28 -16.42 -8.25
CA CYS A 32 4.66 -15.52 -9.22
C CYS A 32 5.11 -14.08 -8.99
N ARG A 33 4.89 -13.57 -7.77
CA ARG A 33 5.32 -12.23 -7.39
C ARG A 33 4.59 -11.15 -8.18
N CYS A 34 3.34 -11.38 -8.47
CA CYS A 34 2.54 -10.42 -9.21
C CYS A 34 2.25 -9.19 -8.35
N GLN A 35 2.62 -7.99 -8.83
CA GLN A 35 2.38 -6.72 -8.09
C GLN A 35 0.95 -6.64 -7.60
N SER A 36 0.03 -7.12 -8.42
CA SER A 36 -1.39 -7.08 -8.15
C SER A 36 -1.76 -7.70 -6.80
N CYS A 37 -1.23 -8.87 -6.51
CA CYS A 37 -1.57 -9.59 -5.30
C CYS A 37 -0.32 -9.95 -4.50
N LYS A 38 0.72 -9.15 -4.66
CA LYS A 38 1.97 -9.40 -3.99
C LYS A 38 1.89 -8.93 -2.54
N TYR A 39 1.46 -7.69 -2.37
CA TYR A 39 1.24 -7.09 -1.05
C TYR A 39 0.04 -6.17 -1.12
N GLY A 40 -0.35 -5.62 0.00
CA GLY A 40 -1.45 -4.69 0.01
C GLY A 40 -1.00 -3.35 -0.53
N ALA A 41 -1.55 -2.99 -1.71
CA ALA A 41 -1.23 -1.73 -2.39
C ALA A 41 0.23 -1.68 -2.87
N GLY A 42 0.95 -2.80 -2.74
CA GLY A 42 2.33 -2.85 -3.16
C GLY A 42 3.28 -2.27 -2.12
N CYS A 43 2.84 -2.26 -0.88
CA CYS A 43 3.64 -1.73 0.21
C CYS A 43 4.64 -2.76 0.71
N THR A 44 5.36 -2.40 1.74
CA THR A 44 6.33 -3.27 2.35
C THR A 44 5.79 -3.77 3.68
N ASP A 45 6.39 -4.83 4.21
CA ASP A 45 5.99 -5.36 5.51
C ASP A 45 6.29 -4.35 6.59
N VAL A 46 7.23 -3.45 6.29
CA VAL A 46 7.62 -2.40 7.22
C VAL A 46 6.43 -1.46 7.49
N CYS A 47 5.52 -1.39 6.52
CA CYS A 47 4.33 -0.56 6.64
C CYS A 47 3.23 -1.32 7.38
N LYS A 48 3.32 -2.65 7.35
CA LYS A 48 2.30 -3.51 7.96
C LYS A 48 2.75 -4.00 9.34
N GLN A 49 3.96 -3.62 9.75
CA GLN A 49 4.55 -4.06 11.04
C GLN A 49 3.58 -3.93 12.19
N THR A 50 3.02 -2.75 12.31
CA THR A 50 2.09 -2.43 13.35
C THR A 50 2.75 -2.50 14.72
N PRO A 51 3.20 -1.35 15.26
CA PRO A 51 3.06 -0.04 14.60
C PRO A 51 3.96 0.08 13.36
N CYS A 52 3.61 0.98 12.46
CA CYS A 52 4.35 1.16 11.22
C CYS A 52 5.73 1.74 11.49
N GLY A 53 6.73 1.13 10.89
CA GLY A 53 8.08 1.61 11.04
C GLY A 53 8.68 1.96 9.71
N CYS A 54 7.81 2.19 8.74
CA CYS A 54 8.22 2.50 7.40
C CYS A 54 8.99 3.82 7.37
N ALA A 55 8.50 4.82 8.09
CA ALA A 55 9.17 6.11 8.16
C ALA A 55 10.51 5.98 8.88
N THR A 56 10.63 4.92 9.66
CA THR A 56 11.84 4.65 10.40
C THR A 56 12.91 4.05 9.50
N SER A 57 12.60 2.92 8.89
CA SER A 57 13.55 2.20 8.06
C SER A 57 13.68 2.83 6.66
N GLY A 58 12.56 3.09 6.03
CA GLY A 58 12.57 3.64 4.70
C GLY A 58 11.22 3.56 4.04
N CYS A 59 10.76 4.65 3.48
CA CYS A 59 9.45 4.71 2.87
C CYS A 59 9.55 4.20 1.43
N ASN A 60 8.93 3.04 1.15
CA ASN A 60 9.01 2.45 -0.18
C ASN A 60 7.66 2.46 -0.90
N CYS A 61 6.63 2.96 -0.25
CA CYS A 61 5.32 3.04 -0.89
C CYS A 61 5.04 4.48 -1.33
N THR A 62 3.88 4.69 -1.91
CA THR A 62 3.52 6.00 -2.41
C THR A 62 2.85 6.83 -1.32
N ASP A 63 2.86 8.15 -1.50
CA ASP A 63 2.30 9.08 -0.53
C ASP A 63 0.77 9.06 -0.57
N ASP A 64 0.25 8.33 -1.54
CA ASP A 64 -1.19 8.14 -1.69
C ASP A 64 -1.71 7.16 -0.64
N CYS A 65 -0.78 6.52 0.07
CA CYS A 65 -1.12 5.56 1.10
C CYS A 65 -1.87 6.24 2.24
N LYS A 66 -2.83 5.53 2.81
CA LYS A 66 -3.60 6.05 3.92
C LYS A 66 -2.90 5.74 5.22
N CYS A 67 -1.63 6.00 5.28
CA CYS A 67 -0.92 5.72 6.48
C CYS A 67 -0.25 6.96 7.03
N GLN A 68 -0.91 7.58 8.00
CA GLN A 68 -0.40 8.81 8.62
C GLN A 68 0.80 8.50 9.51
N SER A 69 1.24 7.24 9.51
CA SER A 69 2.37 6.83 10.28
C SER A 69 3.67 7.03 9.47
N CYS A 70 3.60 6.85 8.15
CA CYS A 70 4.78 7.01 7.32
C CYS A 70 4.59 8.07 6.25
N SER A 71 3.41 8.11 5.64
CA SER A 71 3.12 9.07 4.59
C SER A 71 3.32 10.50 5.09
N THR A 72 3.67 11.40 4.19
CA THR A 72 3.96 12.77 4.55
C THR A 72 2.73 13.44 5.18
N ALA A 73 2.94 14.04 6.32
CA ALA A 73 1.87 14.67 7.06
C ALA A 73 1.60 16.08 6.56
N CYS A 74 0.40 16.57 6.85
CA CYS A 74 -0.01 17.92 6.46
C CYS A 74 0.77 18.94 7.28
N LYS A 75 1.01 20.09 6.70
CA LYS A 75 1.77 21.14 7.38
C LYS A 75 0.84 22.17 7.99
N CYS A 76 -0.44 21.96 7.82
CA CYS A 76 -1.44 22.86 8.35
C CYS A 76 -1.65 22.65 9.84
N ALA A 77 -2.49 23.47 10.46
CA ALA A 77 -2.74 23.38 11.88
C ALA A 77 -4.11 23.94 12.22
N ALA A 78 -4.45 23.92 13.50
CA ALA A 78 -5.72 24.43 13.98
C ALA A 78 -5.83 25.93 13.68
N GLY A 79 -6.53 26.24 12.62
CA GLY A 79 -6.73 27.62 12.23
C GLY A 79 -5.73 28.07 11.20
N SER A 80 -5.10 27.12 10.54
CA SER A 80 -4.13 27.42 9.52
C SER A 80 -4.18 26.39 8.40
N CYS A 81 -4.78 26.78 7.28
CA CYS A 81 -4.84 25.93 6.11
C CYS A 81 -4.28 26.70 4.91
N LYS A 82 -3.00 26.48 4.60
CA LYS A 82 -2.36 27.21 3.52
C LYS A 82 -2.40 26.44 2.22
N CYS A 83 -2.43 25.12 2.29
CA CYS A 83 -2.50 24.30 1.10
C CYS A 83 -3.84 24.51 0.40
N GLY A 84 -4.84 24.91 1.18
CA GLY A 84 -6.14 25.20 0.64
C GLY A 84 -6.91 23.94 0.30
N LYS A 85 -6.74 22.91 1.09
CA LYS A 85 -7.41 21.66 0.85
C LYS A 85 -8.54 21.44 1.86
N GLY A 86 -8.66 22.33 2.82
CA GLY A 86 -9.72 22.24 3.80
C GLY A 86 -9.34 21.40 5.00
N CYS A 87 -8.06 21.32 5.26
CA CYS A 87 -7.56 20.57 6.39
C CYS A 87 -6.83 21.48 7.36
N THR A 88 -6.98 21.21 8.63
CA THR A 88 -6.32 22.01 9.63
C THR A 88 -5.45 21.12 10.53
N GLY A 89 -4.43 20.56 9.93
CA GLY A 89 -3.52 19.70 10.66
C GLY A 89 -3.57 18.28 10.14
N PRO A 90 -2.48 17.52 10.34
CA PRO A 90 -2.38 16.14 9.86
C PRO A 90 -3.45 15.23 10.45
N ASP A 91 -3.83 15.50 11.68
CA ASP A 91 -4.84 14.70 12.36
C ASP A 91 -6.21 14.98 11.77
N SER A 92 -6.34 16.10 11.09
CA SER A 92 -7.58 16.49 10.45
C SER A 92 -7.49 16.30 8.93
N CYS A 93 -6.28 16.02 8.45
CA CYS A 93 -6.06 15.84 7.02
C CYS A 93 -6.70 14.55 6.55
N LYS A 94 -7.37 14.64 5.43
CA LYS A 94 -8.05 13.51 4.84
C LYS A 94 -7.58 13.33 3.41
N CYS A 95 -6.54 14.03 3.06
CA CYS A 95 -5.99 14.00 1.73
C CYS A 95 -4.89 12.97 1.64
N ASP A 96 -4.78 12.31 0.50
CA ASP A 96 -3.78 11.29 0.29
C ASP A 96 -2.44 11.95 -0.05
N ARG A 97 -2.29 12.33 -1.31
CA ARG A 97 -1.07 13.00 -1.77
C ARG A 97 -1.41 14.26 -2.54
N SER A 98 -2.65 14.72 -2.38
CA SER A 98 -3.15 15.90 -3.08
C SER A 98 -2.56 17.20 -2.50
N CYS A 99 -2.01 17.10 -1.30
CA CYS A 99 -1.37 18.24 -0.66
C CYS A 99 -0.04 18.54 -1.33
N SER A 100 0.26 19.81 -1.52
CA SER A 100 1.53 20.21 -2.10
C SER A 100 2.53 20.50 -1.00
N CYS A 101 2.05 20.63 0.23
CA CYS A 101 2.90 20.91 1.37
C CYS A 101 3.47 19.62 1.95
N LYS A 102 3.17 18.50 1.28
CA LYS A 102 3.64 17.19 1.72
C LYS A 102 5.15 17.17 1.89
N GLY A 1 -3.35 -17.07 -16.81
CA GLY A 1 -4.46 -16.36 -17.49
C GLY A 1 -5.78 -16.53 -16.77
N SER A 2 -6.14 -17.76 -16.51
CA SER A 2 -7.39 -18.06 -15.82
C SER A 2 -7.12 -18.80 -14.52
N MET A 3 -7.24 -18.10 -13.42
CA MET A 3 -7.03 -18.69 -12.12
C MET A 3 -8.34 -19.23 -11.57
N SER A 4 -8.27 -20.32 -10.83
CA SER A 4 -9.45 -20.91 -10.24
C SER A 4 -9.95 -20.09 -9.06
N SER A 5 -10.84 -19.16 -9.34
CA SER A 5 -11.42 -18.33 -8.30
C SER A 5 -12.47 -19.10 -7.53
N VAL A 6 -12.03 -19.79 -6.51
CA VAL A 6 -12.91 -20.58 -5.67
C VAL A 6 -13.17 -19.88 -4.35
N PHE A 7 -12.84 -18.59 -4.31
CA PHE A 7 -13.00 -17.76 -3.12
C PHE A 7 -12.32 -18.41 -1.92
N GLY A 8 -11.00 -18.55 -2.01
CA GLY A 8 -10.25 -19.16 -0.94
C GLY A 8 -8.78 -19.18 -1.23
N ALA A 9 -8.30 -20.27 -1.82
CA ALA A 9 -6.88 -20.42 -2.13
C ALA A 9 -6.56 -19.86 -3.50
N GLY A 10 -7.05 -20.52 -4.54
CA GLY A 10 -6.79 -20.12 -5.92
C GLY A 10 -5.33 -19.94 -6.19
N CYS A 11 -4.49 -20.68 -5.48
CA CYS A 11 -3.07 -20.51 -5.59
C CYS A 11 -2.55 -20.97 -6.95
N THR A 12 -1.34 -20.53 -7.28
CA THR A 12 -0.74 -20.81 -8.56
C THR A 12 0.68 -21.36 -8.41
N ASP A 13 1.14 -22.08 -9.43
CA ASP A 13 2.46 -22.68 -9.43
C ASP A 13 3.56 -21.61 -9.43
N THR A 14 3.25 -20.45 -9.96
CA THR A 14 4.20 -19.35 -9.99
C THR A 14 4.53 -18.86 -8.57
N CYS A 15 3.69 -19.22 -7.64
CA CYS A 15 3.85 -18.81 -6.26
C CYS A 15 4.75 -19.80 -5.52
N LYS A 16 5.08 -20.90 -6.18
CA LYS A 16 5.91 -21.94 -5.57
C LYS A 16 7.39 -21.62 -5.73
N GLN A 17 7.67 -20.47 -6.30
CA GLN A 17 9.03 -20.09 -6.58
C GLN A 17 9.64 -19.37 -5.40
N THR A 18 10.94 -19.46 -5.30
CA THR A 18 11.67 -18.82 -4.23
C THR A 18 12.96 -18.17 -4.75
N PRO A 19 13.04 -16.82 -4.70
CA PRO A 19 11.94 -15.94 -4.20
C PRO A 19 10.67 -15.98 -5.09
N CYS A 20 9.54 -15.48 -4.54
CA CYS A 20 8.23 -15.45 -5.25
C CYS A 20 8.34 -14.84 -6.64
N GLY A 21 7.56 -15.39 -7.58
CA GLY A 21 7.59 -14.89 -8.93
C GLY A 21 6.24 -14.34 -9.37
N CYS A 22 5.32 -14.16 -8.42
CA CYS A 22 3.98 -13.63 -8.71
C CYS A 22 4.04 -12.27 -9.39
N GLY A 23 4.76 -11.34 -8.76
CA GLY A 23 4.85 -10.01 -9.29
C GLY A 23 3.54 -9.27 -9.11
N SER A 24 3.17 -8.50 -10.11
CA SER A 24 1.94 -7.73 -10.05
C SER A 24 0.78 -8.50 -10.66
N GLY A 25 0.97 -9.78 -10.91
CA GLY A 25 -0.06 -10.59 -11.52
C GLY A 25 -0.43 -11.80 -10.69
N CYS A 26 -0.92 -11.56 -9.47
CA CYS A 26 -1.34 -12.63 -8.60
C CYS A 26 -2.45 -13.46 -9.18
N ASN A 27 -2.25 -14.75 -9.17
CA ASN A 27 -3.29 -15.66 -9.54
C ASN A 27 -3.89 -16.24 -8.27
N CYS A 28 -3.10 -16.20 -7.19
CA CYS A 28 -3.53 -16.72 -5.90
C CYS A 28 -4.44 -15.72 -5.20
N LYS A 29 -5.17 -16.19 -4.22
CA LYS A 29 -6.03 -15.33 -3.45
C LYS A 29 -5.28 -14.82 -2.24
N GLU A 30 -5.86 -13.86 -1.51
CA GLU A 30 -5.16 -13.24 -0.39
C GLU A 30 -5.08 -14.16 0.84
N ASP A 31 -5.80 -15.30 0.77
CA ASP A 31 -5.77 -16.28 1.85
C ASP A 31 -4.37 -16.88 2.00
N CYS A 32 -3.58 -16.75 0.94
CA CYS A 32 -2.21 -17.24 0.92
C CYS A 32 -1.41 -16.62 2.08
N ARG A 33 -1.76 -15.36 2.42
CA ARG A 33 -1.09 -14.63 3.51
C ARG A 33 0.43 -14.58 3.29
N CYS A 34 0.84 -14.57 2.02
CA CYS A 34 2.25 -14.55 1.70
C CYS A 34 2.77 -13.14 1.83
N GLN A 35 3.78 -12.98 2.66
CA GLN A 35 4.34 -11.68 2.95
C GLN A 35 5.14 -11.13 1.76
N SER A 36 5.48 -12.01 0.83
CA SER A 36 6.23 -11.61 -0.34
C SER A 36 5.32 -10.90 -1.35
N CYS A 37 4.12 -11.44 -1.57
CA CYS A 37 3.20 -10.86 -2.54
C CYS A 37 2.03 -10.17 -1.85
N LYS A 38 2.21 -9.79 -0.60
CA LYS A 38 1.17 -9.12 0.17
C LYS A 38 1.06 -7.63 -0.20
N TYR A 39 1.97 -7.16 -1.05
CA TYR A 39 1.96 -5.76 -1.46
C TYR A 39 0.78 -5.44 -2.38
N GLY A 40 0.52 -4.16 -2.59
CA GLY A 40 -0.61 -3.74 -3.41
C GLY A 40 -0.42 -4.06 -4.87
N ALA A 41 0.43 -3.30 -5.53
CA ALA A 41 0.71 -3.51 -6.93
C ALA A 41 2.16 -3.88 -7.14
N GLY A 42 3.04 -3.13 -6.50
CA GLY A 42 4.45 -3.40 -6.63
C GLY A 42 5.28 -2.28 -6.05
N CYS A 43 5.32 -2.18 -4.73
CA CYS A 43 6.12 -1.18 -4.07
C CYS A 43 7.56 -1.59 -3.97
N THR A 44 8.43 -0.61 -3.84
CA THR A 44 9.85 -0.84 -3.74
C THR A 44 10.24 -1.17 -2.29
N ASP A 45 11.41 -1.77 -2.13
CA ASP A 45 11.89 -2.15 -0.79
C ASP A 45 12.23 -0.91 0.04
N VAL A 46 12.39 0.22 -0.64
CA VAL A 46 12.68 1.48 0.03
C VAL A 46 11.46 1.97 0.81
N CYS A 47 10.28 1.61 0.31
CA CYS A 47 9.03 1.97 0.95
C CYS A 47 8.78 1.06 2.15
N LYS A 48 9.48 -0.07 2.16
CA LYS A 48 9.33 -1.05 3.20
C LYS A 48 10.34 -0.81 4.33
N GLN A 49 10.99 0.35 4.31
CA GLN A 49 11.95 0.71 5.33
C GLN A 49 11.27 1.29 6.56
N THR A 50 12.03 1.48 7.61
CA THR A 50 11.56 2.07 8.84
C THR A 50 12.72 2.78 9.55
N PRO A 51 12.77 4.13 9.49
CA PRO A 51 11.78 4.96 8.79
C PRO A 51 11.86 4.80 7.28
N CYS A 52 10.73 4.97 6.62
CA CYS A 52 10.63 4.85 5.18
C CYS A 52 11.58 5.83 4.49
N GLY A 53 12.17 5.41 3.38
CA GLY A 53 13.12 6.26 2.71
C GLY A 53 12.70 6.69 1.32
N CYS A 54 11.44 6.42 0.96
CA CYS A 54 10.93 6.81 -0.36
C CYS A 54 11.06 8.31 -0.60
N ALA A 55 10.82 9.08 0.46
CA ALA A 55 10.88 10.54 0.38
C ALA A 55 12.31 11.02 0.08
N THR A 56 13.28 10.14 0.21
CA THR A 56 14.66 10.49 -0.01
C THR A 56 15.22 9.90 -1.32
N SER A 57 14.98 8.61 -1.54
CA SER A 57 15.50 7.93 -2.73
C SER A 57 14.56 8.04 -3.92
N GLY A 58 13.30 8.23 -3.66
CA GLY A 58 12.32 8.24 -4.71
C GLY A 58 11.45 7.02 -4.63
N CYS A 59 10.37 6.99 -5.37
CA CYS A 59 9.45 5.87 -5.30
C CYS A 59 8.56 5.77 -6.52
N ASN A 60 7.83 4.66 -6.59
CA ASN A 60 6.93 4.39 -7.70
C ASN A 60 5.49 4.73 -7.30
N CYS A 61 5.25 4.78 -6.02
CA CYS A 61 3.92 5.02 -5.48
C CYS A 61 3.63 6.52 -5.35
N THR A 62 2.43 6.83 -4.88
CA THR A 62 2.00 8.20 -4.66
C THR A 62 1.30 8.34 -3.31
N ASP A 63 0.67 9.51 -3.07
CA ASP A 63 -0.03 9.78 -1.80
C ASP A 63 -1.29 8.91 -1.67
N ASP A 64 -1.49 8.05 -2.64
CA ASP A 64 -2.60 7.11 -2.64
C ASP A 64 -2.22 5.88 -1.83
N CYS A 65 -0.93 5.78 -1.54
CA CYS A 65 -0.38 4.67 -0.80
C CYS A 65 -0.85 4.74 0.66
N LYS A 66 -1.02 3.58 1.28
CA LYS A 66 -1.45 3.54 2.68
C LYS A 66 -0.31 3.93 3.62
N CYS A 67 0.86 4.12 3.05
CA CYS A 67 1.99 4.58 3.81
C CYS A 67 1.90 6.08 4.02
N GLN A 68 2.06 6.51 5.24
CA GLN A 68 1.97 7.93 5.55
C GLN A 68 3.34 8.52 5.82
N SER A 69 4.38 7.78 5.44
CA SER A 69 5.73 8.24 5.64
C SER A 69 6.26 9.05 4.45
N CYS A 70 6.00 8.58 3.23
CA CYS A 70 6.43 9.32 2.05
C CYS A 70 5.29 10.14 1.47
N SER A 71 4.10 9.90 1.98
CA SER A 71 2.92 10.64 1.55
C SER A 71 2.81 11.93 2.36
N THR A 72 2.15 12.91 1.78
CA THR A 72 2.01 14.20 2.40
C THR A 72 1.09 14.17 3.63
N ALA A 73 1.54 14.81 4.69
CA ALA A 73 0.80 14.90 5.93
C ALA A 73 -0.38 15.86 5.78
N CYS A 74 -1.34 15.74 6.68
CA CYS A 74 -2.49 16.63 6.66
C CYS A 74 -2.22 17.82 7.59
N LYS A 75 -2.91 18.92 7.36
CA LYS A 75 -2.65 20.15 8.12
C LYS A 75 -3.58 20.29 9.32
N CYS A 76 -4.44 19.33 9.51
CA CYS A 76 -5.39 19.37 10.61
C CYS A 76 -4.71 19.18 11.95
N ALA A 77 -5.37 19.64 12.99
CA ALA A 77 -4.87 19.51 14.33
C ALA A 77 -5.78 18.61 15.14
N ALA A 78 -5.42 18.37 16.41
CA ALA A 78 -6.15 17.47 17.32
C ALA A 78 -7.67 17.62 17.23
N GLY A 79 -8.14 18.84 17.17
CA GLY A 79 -9.56 19.07 17.08
C GLY A 79 -9.90 20.16 16.08
N SER A 80 -9.14 20.21 15.01
CA SER A 80 -9.36 21.22 13.98
C SER A 80 -9.30 20.59 12.59
N CYS A 81 -10.46 20.37 12.01
CA CYS A 81 -10.57 19.82 10.66
C CYS A 81 -10.65 20.96 9.66
N LYS A 82 -9.89 20.88 8.57
CA LYS A 82 -9.87 21.95 7.56
C LYS A 82 -10.46 21.49 6.24
N CYS A 83 -9.99 20.37 5.72
CA CYS A 83 -10.47 19.86 4.45
C CYS A 83 -11.91 19.38 4.56
N GLY A 84 -12.30 18.97 5.76
CA GLY A 84 -13.64 18.51 5.98
C GLY A 84 -13.81 17.07 5.59
N LYS A 85 -12.71 16.33 5.55
CA LYS A 85 -12.75 14.92 5.19
C LYS A 85 -12.92 14.06 6.42
N GLY A 86 -12.79 14.68 7.58
CA GLY A 86 -13.01 13.97 8.83
C GLY A 86 -11.72 13.52 9.50
N CYS A 87 -10.65 14.22 9.23
CA CYS A 87 -9.37 13.90 9.83
C CYS A 87 -8.91 15.01 10.74
N THR A 88 -8.23 14.64 11.81
CA THR A 88 -7.72 15.60 12.75
C THR A 88 -6.21 15.49 12.89
N GLY A 89 -5.54 15.38 11.75
CA GLY A 89 -4.10 15.28 11.74
C GLY A 89 -3.63 14.27 10.72
N PRO A 90 -2.32 14.26 10.39
CA PRO A 90 -1.75 13.33 9.42
C PRO A 90 -2.00 11.86 9.78
N ASP A 91 -1.79 11.53 11.06
CA ASP A 91 -1.98 10.16 11.53
C ASP A 91 -3.44 9.76 11.40
N SER A 92 -4.32 10.70 11.64
CA SER A 92 -5.74 10.46 11.57
C SER A 92 -6.25 10.55 10.13
N CYS A 93 -5.36 10.87 9.20
CA CYS A 93 -5.74 10.99 7.81
C CYS A 93 -5.70 9.64 7.12
N LYS A 94 -6.84 8.99 7.08
CA LYS A 94 -6.98 7.69 6.42
C LYS A 94 -7.52 7.91 5.02
N CYS A 95 -7.38 9.11 4.55
CA CYS A 95 -7.88 9.50 3.26
C CYS A 95 -6.84 9.22 2.17
N ASP A 96 -7.13 9.70 0.99
CA ASP A 96 -6.24 9.52 -0.13
C ASP A 96 -5.59 10.84 -0.52
N ARG A 97 -5.07 10.89 -1.73
CA ARG A 97 -4.33 12.04 -2.22
C ARG A 97 -5.24 13.19 -2.66
N SER A 98 -6.55 13.00 -2.60
CA SER A 98 -7.49 14.04 -3.01
C SER A 98 -7.74 15.07 -1.89
N CYS A 99 -6.89 15.06 -0.88
CA CYS A 99 -7.01 16.02 0.20
C CYS A 99 -6.33 17.33 -0.16
N SER A 100 -6.98 18.43 0.14
CA SER A 100 -6.45 19.75 -0.17
C SER A 100 -5.30 20.13 0.76
N CYS A 101 -5.23 19.47 1.91
CA CYS A 101 -4.19 19.76 2.89
C CYS A 101 -2.89 19.01 2.59
N LYS A 102 -2.83 18.37 1.44
CA LYS A 102 -1.64 17.62 1.06
C LYS A 102 -0.60 18.53 0.41
N GLY A 1 -9.23 -31.28 -9.09
CA GLY A 1 -9.74 -29.93 -9.47
C GLY A 1 -11.13 -29.99 -10.09
N SER A 2 -11.85 -31.07 -9.81
CA SER A 2 -13.18 -31.26 -10.35
C SER A 2 -14.20 -30.42 -9.58
N MET A 3 -14.57 -29.27 -10.17
CA MET A 3 -15.53 -28.34 -9.57
C MET A 3 -15.02 -27.80 -8.24
N SER A 4 -13.72 -27.89 -8.06
CA SER A 4 -13.07 -27.45 -6.85
C SER A 4 -12.99 -25.94 -6.80
N SER A 5 -13.77 -25.33 -5.94
CA SER A 5 -13.72 -23.91 -5.76
C SER A 5 -12.44 -23.53 -5.03
N VAL A 6 -11.47 -23.06 -5.77
CA VAL A 6 -10.20 -22.71 -5.21
C VAL A 6 -10.19 -21.29 -4.67
N PHE A 7 -10.00 -21.17 -3.39
CA PHE A 7 -9.94 -19.90 -2.73
C PHE A 7 -8.91 -19.97 -1.62
N GLY A 8 -7.79 -19.32 -1.84
CA GLY A 8 -6.75 -19.31 -0.86
C GLY A 8 -5.60 -20.23 -1.21
N ALA A 9 -5.87 -21.52 -1.22
CA ALA A 9 -4.84 -22.52 -1.46
C ALA A 9 -4.56 -22.74 -2.95
N GLY A 10 -5.37 -22.13 -3.81
CA GLY A 10 -5.20 -22.27 -5.24
C GLY A 10 -4.14 -21.31 -5.76
N CYS A 11 -2.92 -21.52 -5.34
CA CYS A 11 -1.82 -20.65 -5.71
C CYS A 11 -1.21 -21.07 -7.08
N THR A 12 -0.03 -20.55 -7.39
CA THR A 12 0.59 -20.80 -8.68
C THR A 12 2.08 -21.12 -8.53
N ASP A 13 2.63 -21.83 -9.52
CA ASP A 13 4.03 -22.22 -9.54
C ASP A 13 4.92 -21.02 -9.87
N THR A 14 4.37 -20.08 -10.64
CA THR A 14 5.09 -18.86 -11.03
C THR A 14 5.45 -18.02 -9.80
N CYS A 15 4.80 -18.35 -8.70
CA CYS A 15 5.00 -17.65 -7.46
C CYS A 15 6.18 -18.24 -6.69
N LYS A 16 6.73 -19.32 -7.21
CA LYS A 16 7.87 -19.96 -6.56
C LYS A 16 9.17 -19.47 -7.15
N GLN A 17 9.09 -18.44 -7.97
CA GLN A 17 10.26 -17.94 -8.65
C GLN A 17 10.94 -16.85 -7.84
N THR A 18 12.19 -16.59 -8.17
CA THR A 18 12.98 -15.56 -7.50
C THR A 18 13.90 -14.86 -8.49
N PRO A 19 13.56 -13.63 -8.92
CA PRO A 19 12.33 -12.92 -8.47
C PRO A 19 11.03 -13.57 -9.00
N CYS A 20 9.89 -13.24 -8.38
CA CYS A 20 8.60 -13.80 -8.78
C CYS A 20 8.24 -13.38 -10.20
N GLY A 21 7.60 -14.27 -10.93
CA GLY A 21 7.26 -14.00 -12.31
C GLY A 21 5.90 -13.34 -12.47
N CYS A 22 5.22 -13.09 -11.36
CA CYS A 22 3.90 -12.48 -11.41
C CYS A 22 3.97 -10.99 -11.75
N GLY A 23 4.47 -10.20 -10.81
CA GLY A 23 4.52 -8.77 -11.00
C GLY A 23 3.16 -8.14 -10.80
N SER A 24 2.49 -7.82 -11.89
CA SER A 24 1.15 -7.26 -11.84
C SER A 24 0.13 -8.28 -12.34
N GLY A 25 0.60 -9.49 -12.54
CA GLY A 25 -0.26 -10.56 -13.00
C GLY A 25 -0.14 -11.77 -12.12
N CYS A 26 -1.01 -11.86 -11.14
CA CYS A 26 -0.96 -12.94 -10.19
C CYS A 26 -1.96 -14.03 -10.51
N ASN A 27 -1.45 -15.24 -10.67
CA ASN A 27 -2.31 -16.39 -10.91
C ASN A 27 -2.75 -16.97 -9.57
N CYS A 28 -2.11 -16.50 -8.51
CA CYS A 28 -2.41 -16.94 -7.17
C CYS A 28 -3.66 -16.21 -6.63
N LYS A 29 -4.14 -16.65 -5.48
CA LYS A 29 -5.35 -16.07 -4.88
C LYS A 29 -4.98 -14.89 -3.99
N GLU A 30 -5.98 -14.08 -3.61
CA GLU A 30 -5.75 -12.91 -2.77
C GLU A 30 -5.54 -13.27 -1.29
N ASP A 31 -5.35 -14.56 -1.03
CA ASP A 31 -5.07 -15.03 0.31
C ASP A 31 -3.56 -15.11 0.51
N CYS A 32 -2.86 -15.04 -0.61
CA CYS A 32 -1.41 -15.12 -0.63
C CYS A 32 -0.82 -13.81 -0.08
N ARG A 33 0.14 -13.94 0.83
CA ARG A 33 0.78 -12.78 1.45
C ARG A 33 2.24 -12.70 1.04
N CYS A 34 2.49 -12.62 -0.25
CA CYS A 34 3.84 -12.57 -0.78
C CYS A 34 4.19 -11.16 -1.20
N GLN A 35 5.16 -10.55 -0.53
CA GLN A 35 5.57 -9.18 -0.86
C GLN A 35 6.11 -9.08 -2.26
N SER A 36 6.50 -10.22 -2.80
CA SER A 36 7.02 -10.30 -4.14
C SER A 36 6.00 -9.83 -5.19
N CYS A 37 4.72 -10.04 -4.92
CA CYS A 37 3.68 -9.60 -5.84
C CYS A 37 2.53 -8.91 -5.09
N LYS A 38 2.79 -8.47 -3.88
CA LYS A 38 1.79 -7.80 -3.06
C LYS A 38 1.99 -6.28 -3.15
N TYR A 39 1.74 -5.78 -4.32
CA TYR A 39 1.81 -4.35 -4.58
C TYR A 39 0.92 -3.98 -5.75
N GLY A 40 0.68 -2.70 -5.92
CA GLY A 40 -0.16 -2.25 -7.00
C GLY A 40 0.65 -1.62 -8.11
N ALA A 41 0.78 -2.35 -9.23
CA ALA A 41 1.55 -1.91 -10.41
C ALA A 41 3.05 -1.91 -10.16
N GLY A 42 3.45 -1.17 -9.14
CA GLY A 42 4.85 -1.07 -8.80
C GLY A 42 5.08 -0.12 -7.64
N CYS A 43 5.24 -0.68 -6.45
CA CYS A 43 5.47 0.12 -5.27
C CYS A 43 6.89 -0.08 -4.79
N THR A 44 7.43 0.94 -4.18
CA THR A 44 8.78 0.91 -3.71
C THR A 44 8.98 -0.15 -2.65
N ASP A 45 9.96 -1.01 -2.87
CA ASP A 45 10.32 -2.04 -1.91
C ASP A 45 10.88 -1.36 -0.67
N VAL A 46 11.47 -0.19 -0.88
CA VAL A 46 12.00 0.63 0.19
C VAL A 46 10.88 1.04 1.15
N CYS A 47 9.67 1.12 0.62
CA CYS A 47 8.49 1.48 1.38
C CYS A 47 8.07 0.31 2.29
N LYS A 48 8.29 -0.91 1.81
CA LYS A 48 7.91 -2.13 2.54
C LYS A 48 8.96 -2.54 3.56
N GLN A 49 10.14 -1.93 3.48
CA GLN A 49 11.28 -2.31 4.36
C GLN A 49 10.87 -2.46 5.82
N THR A 50 10.16 -1.48 6.32
CA THR A 50 9.66 -1.48 7.68
C THR A 50 10.81 -1.48 8.69
N PRO A 51 11.15 -0.31 9.24
CA PRO A 51 10.45 0.95 8.97
C PRO A 51 10.67 1.42 7.53
N CYS A 52 9.68 2.15 7.01
CA CYS A 52 9.74 2.64 5.64
C CYS A 52 11.03 3.41 5.39
N GLY A 53 11.60 3.19 4.23
CA GLY A 53 12.84 3.83 3.92
C GLY A 53 12.66 4.98 2.97
N CYS A 54 11.44 5.24 2.56
CA CYS A 54 11.17 6.38 1.66
C CYS A 54 11.51 7.69 2.34
N ALA A 55 11.33 7.74 3.64
CA ALA A 55 11.65 8.92 4.41
C ALA A 55 13.12 8.91 4.80
N THR A 56 13.82 7.89 4.35
CA THR A 56 15.22 7.72 4.64
C THR A 56 16.06 7.89 3.38
N SER A 57 15.76 7.10 2.37
CA SER A 57 16.53 7.07 1.14
C SER A 57 15.88 7.95 0.07
N GLY A 58 14.56 8.03 0.09
CA GLY A 58 13.86 8.81 -0.91
C GLY A 58 12.55 8.16 -1.28
N CYS A 59 11.57 8.99 -1.62
CA CYS A 59 10.23 8.50 -1.92
C CYS A 59 10.06 8.25 -3.42
N ASN A 60 9.09 7.42 -3.77
CA ASN A 60 8.84 7.08 -5.18
C ASN A 60 7.34 6.91 -5.46
N CYS A 61 6.62 6.31 -4.52
CA CYS A 61 5.19 6.09 -4.71
C CYS A 61 4.39 7.38 -4.48
N THR A 62 3.07 7.27 -4.52
CA THR A 62 2.19 8.41 -4.37
C THR A 62 1.80 8.67 -2.92
N ASP A 63 1.25 9.86 -2.69
CA ASP A 63 0.82 10.29 -1.35
C ASP A 63 -0.42 9.51 -0.90
N ASP A 64 -1.05 8.81 -1.83
CA ASP A 64 -2.26 8.07 -1.52
C ASP A 64 -1.95 6.69 -0.96
N CYS A 65 -0.67 6.35 -0.88
CA CYS A 65 -0.29 5.07 -0.30
C CYS A 65 -0.69 5.08 1.17
N LYS A 66 -1.24 3.99 1.64
CA LYS A 66 -1.71 3.87 3.01
C LYS A 66 -0.59 4.13 4.01
N CYS A 67 0.65 3.97 3.57
CA CYS A 67 1.77 4.20 4.43
C CYS A 67 1.87 5.67 4.77
N GLN A 68 1.92 5.95 6.04
CA GLN A 68 1.91 7.31 6.52
C GLN A 68 3.32 7.78 6.89
N SER A 69 4.31 7.00 6.50
CA SER A 69 5.70 7.33 6.80
C SER A 69 6.27 8.27 5.73
N CYS A 70 5.89 8.06 4.48
CA CYS A 70 6.39 8.88 3.38
C CYS A 70 5.36 9.90 2.90
N SER A 71 4.09 9.62 3.11
CA SER A 71 3.02 10.51 2.68
C SER A 71 2.95 11.76 3.57
N THR A 72 2.26 12.77 3.07
CA THR A 72 2.10 14.03 3.79
C THR A 72 1.00 13.92 4.84
N ALA A 73 1.04 14.80 5.81
CA ALA A 73 0.05 14.82 6.87
C ALA A 73 -0.99 15.90 6.63
N CYS A 74 -2.11 15.78 7.31
CA CYS A 74 -3.18 16.78 7.24
C CYS A 74 -2.65 18.11 7.76
N LYS A 75 -3.14 19.21 7.23
CA LYS A 75 -2.66 20.54 7.64
C LYS A 75 -3.52 21.09 8.77
N CYS A 76 -4.40 20.28 9.28
CA CYS A 76 -5.27 20.70 10.35
C CYS A 76 -4.61 20.50 11.70
N ALA A 77 -5.04 21.30 12.66
CA ALA A 77 -4.48 21.26 13.99
C ALA A 77 -5.57 21.10 15.03
N ALA A 78 -5.19 21.07 16.29
CA ALA A 78 -6.14 20.92 17.37
C ALA A 78 -7.01 22.17 17.47
N GLY A 79 -8.17 22.10 16.86
CA GLY A 79 -9.09 23.21 16.90
C GLY A 79 -9.09 24.01 15.62
N SER A 80 -8.62 23.41 14.54
CA SER A 80 -8.60 24.07 13.26
C SER A 80 -8.69 23.06 12.13
N CYS A 81 -9.79 23.08 11.43
CA CYS A 81 -10.00 22.19 10.29
C CYS A 81 -10.16 23.01 9.00
N LYS A 82 -9.50 22.58 7.93
CA LYS A 82 -9.53 23.33 6.66
C LYS A 82 -10.32 22.61 5.60
N CYS A 83 -9.93 21.38 5.30
CA CYS A 83 -10.58 20.58 4.28
C CYS A 83 -12.07 20.43 4.59
N GLY A 84 -12.39 20.37 5.87
CA GLY A 84 -13.77 20.25 6.29
C GLY A 84 -14.23 18.82 6.38
N LYS A 85 -13.27 17.90 6.41
CA LYS A 85 -13.59 16.49 6.52
C LYS A 85 -13.62 16.04 7.97
N GLY A 86 -13.12 16.89 8.86
CA GLY A 86 -13.15 16.59 10.28
C GLY A 86 -11.94 15.80 10.73
N CYS A 87 -10.77 16.20 10.28
CA CYS A 87 -9.54 15.54 10.66
C CYS A 87 -8.53 16.57 11.16
N THR A 88 -8.56 16.85 12.44
CA THR A 88 -7.70 17.83 13.03
C THR A 88 -6.29 17.28 13.31
N GLY A 89 -5.67 16.78 12.25
CA GLY A 89 -4.32 16.23 12.36
C GLY A 89 -4.21 14.90 11.65
N PRO A 90 -2.99 14.39 11.43
CA PRO A 90 -2.77 13.13 10.71
C PRO A 90 -3.32 11.93 11.50
N ASP A 91 -3.39 12.10 12.82
CA ASP A 91 -3.92 11.08 13.71
C ASP A 91 -5.40 10.85 13.43
N SER A 92 -6.06 11.89 12.97
CA SER A 92 -7.47 11.82 12.66
C SER A 92 -7.69 11.75 11.15
N CYS A 93 -6.68 12.14 10.40
CA CYS A 93 -6.75 12.11 8.95
C CYS A 93 -6.57 10.71 8.44
N LYS A 94 -7.67 10.07 8.12
CA LYS A 94 -7.64 8.73 7.58
C LYS A 94 -7.91 8.79 6.09
N CYS A 95 -7.67 9.97 5.52
CA CYS A 95 -7.90 10.21 4.11
C CYS A 95 -6.64 9.92 3.30
N ASP A 96 -6.82 9.76 2.00
CA ASP A 96 -5.69 9.51 1.09
C ASP A 96 -5.09 10.83 0.63
N ARG A 97 -4.47 10.84 -0.54
CA ARG A 97 -3.89 12.06 -1.10
C ARG A 97 -5.01 12.99 -1.57
N SER A 98 -6.23 12.47 -1.52
CA SER A 98 -7.42 13.19 -1.93
C SER A 98 -7.86 14.18 -0.86
N CYS A 99 -6.90 14.89 -0.31
CA CYS A 99 -7.17 15.87 0.70
C CYS A 99 -6.63 17.22 0.23
N SER A 100 -7.50 18.22 0.23
CA SER A 100 -7.15 19.56 -0.26
C SER A 100 -6.02 20.18 0.56
N CYS A 101 -5.79 19.65 1.74
CA CYS A 101 -4.77 20.17 2.62
C CYS A 101 -3.36 19.78 2.18
N LYS A 102 -3.25 18.77 1.33
CA LYS A 102 -1.93 18.31 0.88
C LYS A 102 -1.31 19.30 -0.11
N GLY A 1 -14.36 -24.47 -14.89
CA GLY A 1 -13.26 -23.80 -15.64
C GLY A 1 -12.13 -23.35 -14.73
N SER A 2 -12.43 -23.19 -13.46
CA SER A 2 -11.43 -22.78 -12.48
C SER A 2 -11.83 -23.23 -11.08
N MET A 3 -10.85 -23.58 -10.28
CA MET A 3 -11.06 -23.98 -8.91
C MET A 3 -10.30 -23.06 -7.98
N SER A 4 -11.01 -22.12 -7.39
CA SER A 4 -10.42 -21.12 -6.53
C SER A 4 -10.41 -21.57 -5.05
N SER A 5 -11.37 -22.41 -4.69
CA SER A 5 -11.49 -22.87 -3.32
C SER A 5 -10.64 -24.11 -3.06
N VAL A 6 -9.33 -23.92 -3.03
CA VAL A 6 -8.42 -25.01 -2.76
C VAL A 6 -7.48 -24.68 -1.61
N PHE A 7 -7.77 -23.56 -0.95
CA PHE A 7 -6.99 -23.05 0.20
C PHE A 7 -5.61 -22.57 -0.21
N GLY A 8 -4.82 -23.48 -0.70
CA GLY A 8 -3.48 -23.17 -1.11
C GLY A 8 -3.07 -23.94 -2.34
N ALA A 9 -1.91 -23.59 -2.91
CA ALA A 9 -1.36 -24.23 -4.13
C ALA A 9 -2.22 -23.96 -5.37
N GLY A 10 -3.28 -23.20 -5.22
CA GLY A 10 -4.14 -22.86 -6.34
C GLY A 10 -3.75 -21.54 -6.94
N CYS A 11 -2.53 -21.46 -7.42
CA CYS A 11 -2.01 -20.24 -7.98
C CYS A 11 -2.52 -20.01 -9.39
N THR A 12 -2.17 -18.87 -9.93
CA THR A 12 -2.61 -18.47 -11.23
C THR A 12 -1.53 -18.74 -12.25
N ASP A 13 -1.89 -18.74 -13.51
CA ASP A 13 -0.94 -18.95 -14.59
C ASP A 13 0.09 -17.84 -14.60
N THR A 14 -0.32 -16.67 -14.12
CA THR A 14 0.54 -15.51 -14.08
C THR A 14 1.68 -15.67 -13.05
N CYS A 15 1.53 -16.66 -12.19
CA CYS A 15 2.54 -16.93 -11.18
C CYS A 15 3.61 -17.85 -11.76
N LYS A 16 3.23 -18.57 -12.79
CA LYS A 16 4.13 -19.53 -13.43
C LYS A 16 5.09 -18.80 -14.36
N GLN A 17 5.15 -17.48 -14.24
CA GLN A 17 6.01 -16.66 -15.07
C GLN A 17 7.34 -16.39 -14.38
N THR A 18 8.32 -15.98 -15.14
CA THR A 18 9.64 -15.66 -14.63
C THR A 18 10.31 -14.54 -15.45
N PRO A 19 10.32 -13.29 -14.94
CA PRO A 19 9.72 -12.93 -13.62
C PRO A 19 8.19 -13.02 -13.61
N CYS A 20 7.61 -13.06 -12.41
CA CYS A 20 6.15 -13.15 -12.26
C CYS A 20 5.44 -12.01 -12.97
N GLY A 21 4.29 -12.30 -13.54
CA GLY A 21 3.53 -11.27 -14.23
C GLY A 21 2.57 -10.58 -13.29
N CYS A 22 2.57 -11.01 -12.05
CA CYS A 22 1.68 -10.47 -11.03
C CYS A 22 2.02 -9.02 -10.71
N GLY A 23 3.18 -8.80 -10.09
CA GLY A 23 3.58 -7.46 -9.73
C GLY A 23 2.86 -6.98 -8.49
N SER A 24 1.96 -6.05 -8.66
CA SER A 24 1.23 -5.49 -7.53
C SER A 24 -0.09 -6.22 -7.29
N GLY A 25 -0.52 -7.02 -8.26
CA GLY A 25 -1.77 -7.71 -8.12
C GLY A 25 -1.75 -9.11 -8.71
N CYS A 26 -2.16 -10.06 -7.92
CA CYS A 26 -2.27 -11.44 -8.35
C CYS A 26 -3.54 -12.07 -7.82
N ASN A 27 -3.80 -13.31 -8.21
CA ASN A 27 -4.96 -14.04 -7.76
C ASN A 27 -4.56 -15.37 -7.16
N CYS A 28 -3.40 -15.37 -6.52
CA CYS A 28 -2.88 -16.57 -5.90
C CYS A 28 -3.47 -16.76 -4.51
N LYS A 29 -3.15 -17.88 -3.90
CA LYS A 29 -3.68 -18.21 -2.61
C LYS A 29 -2.79 -17.67 -1.50
N GLU A 30 -3.31 -17.66 -0.28
CA GLU A 30 -2.58 -17.17 0.89
C GLU A 30 -1.27 -17.93 1.08
N ASP A 31 -1.28 -19.21 0.73
CA ASP A 31 -0.11 -20.07 0.89
C ASP A 31 0.73 -20.07 -0.38
N CYS A 32 0.79 -18.93 -1.05
CA CYS A 32 1.60 -18.80 -2.25
C CYS A 32 3.07 -19.02 -1.91
N ARG A 33 3.58 -18.23 -0.95
CA ARG A 33 4.95 -18.35 -0.46
C ARG A 33 5.97 -18.10 -1.57
N CYS A 34 5.66 -17.19 -2.47
CA CYS A 34 6.53 -16.92 -3.58
C CYS A 34 7.14 -15.55 -3.45
N GLN A 35 8.48 -15.49 -3.48
CA GLN A 35 9.21 -14.22 -3.39
C GLN A 35 8.75 -13.24 -4.44
N SER A 36 8.40 -13.76 -5.60
CA SER A 36 8.00 -12.96 -6.74
C SER A 36 6.77 -12.09 -6.48
N CYS A 37 5.83 -12.61 -5.71
CA CYS A 37 4.61 -11.86 -5.38
C CYS A 37 4.35 -11.89 -3.88
N LYS A 38 5.43 -11.92 -3.11
CA LYS A 38 5.36 -11.98 -1.65
C LYS A 38 4.96 -10.63 -1.07
N TYR A 39 5.10 -9.59 -1.86
CA TYR A 39 4.73 -8.25 -1.44
C TYR A 39 3.29 -7.96 -1.76
N GLY A 40 2.58 -7.46 -0.78
CA GLY A 40 1.19 -7.14 -0.96
C GLY A 40 1.00 -5.80 -1.60
N ALA A 41 0.08 -5.73 -2.56
CA ALA A 41 -0.24 -4.50 -3.30
C ALA A 41 0.97 -3.93 -4.05
N GLY A 42 2.01 -4.76 -4.19
CA GLY A 42 3.22 -4.32 -4.86
C GLY A 42 3.94 -3.25 -4.10
N CYS A 43 4.11 -3.44 -2.81
CA CYS A 43 4.74 -2.44 -1.98
C CYS A 43 6.16 -2.86 -1.64
N THR A 44 6.96 -1.92 -1.20
CA THR A 44 8.36 -2.17 -0.90
C THR A 44 8.57 -2.65 0.53
N ASP A 45 9.67 -3.33 0.75
CA ASP A 45 10.05 -3.83 2.06
C ASP A 45 10.55 -2.68 2.92
N VAL A 46 11.00 -1.64 2.24
CA VAL A 46 11.52 -0.44 2.90
C VAL A 46 10.39 0.29 3.64
N CYS A 47 9.17 0.13 3.15
CA CYS A 47 8.01 0.70 3.80
C CYS A 47 7.62 -0.18 4.99
N LYS A 48 7.90 -1.47 4.87
CA LYS A 48 7.58 -2.45 5.92
C LYS A 48 8.61 -2.40 7.05
N GLN A 49 9.57 -1.50 6.94
CA GLN A 49 10.58 -1.32 7.97
C GLN A 49 9.93 -0.78 9.24
N THR A 50 10.62 -0.91 10.35
CA THR A 50 10.14 -0.38 11.61
C THR A 50 11.35 0.02 12.48
N PRO A 51 11.62 1.34 12.59
CA PRO A 51 10.83 2.41 11.96
C PRO A 51 10.91 2.36 10.44
N CYS A 52 9.95 2.98 9.79
CA CYS A 52 9.86 2.95 8.34
C CYS A 52 11.13 3.47 7.68
N GLY A 53 11.50 2.85 6.58
CA GLY A 53 12.71 3.21 5.90
C GLY A 53 12.47 4.20 4.79
N CYS A 54 11.21 4.43 4.45
CA CYS A 54 10.87 5.39 3.40
C CYS A 54 11.23 6.82 3.84
N ALA A 55 11.52 6.97 5.12
CA ALA A 55 11.92 8.24 5.69
C ALA A 55 13.42 8.23 5.96
N THR A 56 14.10 7.28 5.39
CA THR A 56 15.53 7.13 5.58
C THR A 56 16.26 6.82 4.26
N SER A 57 15.66 5.99 3.43
CA SER A 57 16.28 5.60 2.17
C SER A 57 15.44 6.03 0.98
N GLY A 58 14.65 7.07 1.16
CA GLY A 58 13.81 7.54 0.09
C GLY A 58 12.47 6.85 0.10
N CYS A 59 11.54 7.38 -0.64
CA CYS A 59 10.20 6.83 -0.68
C CYS A 59 9.89 6.25 -2.05
N ASN A 60 9.20 5.12 -2.07
CA ASN A 60 8.85 4.46 -3.33
C ASN A 60 7.37 4.58 -3.65
N CYS A 61 6.53 4.52 -2.63
CA CYS A 61 5.11 4.59 -2.81
C CYS A 61 4.59 6.03 -2.69
N THR A 62 3.30 6.20 -2.44
CA THR A 62 2.71 7.52 -2.39
C THR A 62 2.04 7.81 -1.04
N ASP A 63 1.49 9.02 -0.93
CA ASP A 63 0.78 9.48 0.28
C ASP A 63 -0.57 8.74 0.43
N ASP A 64 -0.87 7.87 -0.55
CA ASP A 64 -2.09 7.08 -0.53
C ASP A 64 -1.95 5.85 0.35
N CYS A 65 -0.71 5.44 0.59
CA CYS A 65 -0.45 4.25 1.38
C CYS A 65 -0.93 4.42 2.82
N LYS A 66 -1.30 3.31 3.47
CA LYS A 66 -1.81 3.34 4.84
C LYS A 66 -0.77 3.87 5.82
N CYS A 67 0.47 3.81 5.42
CA CYS A 67 1.55 4.20 6.28
C CYS A 67 1.63 5.72 6.40
N GLN A 68 1.54 6.20 7.62
CA GLN A 68 1.59 7.62 7.91
C GLN A 68 3.01 8.03 8.27
N SER A 69 3.95 7.14 8.03
CA SER A 69 5.35 7.39 8.34
C SER A 69 6.03 8.17 7.22
N CYS A 70 5.80 7.76 5.99
CA CYS A 70 6.39 8.43 4.84
C CYS A 70 5.45 9.46 4.24
N SER A 71 4.15 9.25 4.40
CA SER A 71 3.14 10.16 3.89
C SER A 71 3.26 11.54 4.55
N THR A 72 2.52 12.50 4.06
CA THR A 72 2.62 13.85 4.55
C THR A 72 1.47 14.17 5.52
N ALA A 73 1.40 15.43 5.95
CA ALA A 73 0.40 15.85 6.91
C ALA A 73 -0.49 16.93 6.31
N CYS A 74 -1.68 17.10 6.87
CA CYS A 74 -2.59 18.12 6.40
C CYS A 74 -2.31 19.42 7.14
N LYS A 75 -2.51 20.54 6.46
CA LYS A 75 -2.18 21.84 7.05
C LYS A 75 -3.39 22.50 7.74
N CYS A 76 -4.39 21.71 8.02
CA CYS A 76 -5.58 22.22 8.70
C CYS A 76 -5.40 22.20 10.21
N ALA A 77 -6.28 22.90 10.91
CA ALA A 77 -6.25 22.96 12.35
C ALA A 77 -7.58 22.54 12.92
N ALA A 78 -7.68 22.50 14.24
CA ALA A 78 -8.90 22.09 14.89
C ALA A 78 -10.02 23.10 14.65
N GLY A 79 -10.83 22.83 13.65
CA GLY A 79 -11.96 23.68 13.34
C GLY A 79 -11.74 24.50 12.10
N SER A 80 -10.77 24.10 11.30
CA SER A 80 -10.45 24.81 10.08
C SER A 80 -10.00 23.86 8.99
N CYS A 81 -10.76 23.81 7.92
CA CYS A 81 -10.43 22.99 6.77
C CYS A 81 -10.21 23.86 5.54
N LYS A 82 -8.96 24.00 5.11
CA LYS A 82 -8.66 24.80 3.91
C LYS A 82 -9.23 24.13 2.67
N CYS A 83 -8.95 22.86 2.56
CA CYS A 83 -9.44 22.06 1.48
C CYS A 83 -10.97 21.87 1.60
N GLY A 84 -11.41 21.63 2.83
CA GLY A 84 -12.83 21.47 3.10
C GLY A 84 -13.27 20.01 3.16
N LYS A 85 -12.37 19.14 3.60
CA LYS A 85 -12.69 17.74 3.71
C LYS A 85 -13.37 17.44 5.03
N GLY A 86 -12.91 18.08 6.09
CA GLY A 86 -13.49 17.86 7.41
C GLY A 86 -12.51 17.18 8.34
N CYS A 87 -11.27 17.04 7.88
CA CYS A 87 -10.22 16.39 8.67
C CYS A 87 -9.77 17.29 9.81
N THR A 88 -9.76 18.59 9.54
CA THR A 88 -9.35 19.61 10.53
C THR A 88 -7.99 19.30 11.18
N GLY A 89 -7.04 18.89 10.37
CA GLY A 89 -5.70 18.66 10.88
C GLY A 89 -5.20 17.27 10.55
N PRO A 90 -3.88 17.03 10.67
CA PRO A 90 -3.28 15.73 10.37
C PRO A 90 -3.66 14.68 11.42
N ASP A 91 -4.14 15.15 12.56
CA ASP A 91 -4.52 14.28 13.65
C ASP A 91 -5.79 13.50 13.29
N SER A 92 -6.67 14.14 12.56
CA SER A 92 -7.90 13.50 12.14
C SER A 92 -7.92 13.27 10.63
N CYS A 93 -6.82 13.61 9.96
CA CYS A 93 -6.73 13.40 8.52
C CYS A 93 -6.52 11.93 8.23
N LYS A 94 -7.60 11.23 8.00
CA LYS A 94 -7.57 9.83 7.65
C LYS A 94 -7.91 9.69 6.18
N CYS A 95 -7.64 10.75 5.46
CA CYS A 95 -7.91 10.83 4.04
C CYS A 95 -6.67 10.44 3.25
N ASP A 96 -6.84 10.28 1.96
CA ASP A 96 -5.75 9.90 1.09
C ASP A 96 -5.02 11.13 0.55
N ARG A 97 -4.22 10.91 -0.48
CA ARG A 97 -3.37 11.94 -1.06
C ARG A 97 -4.13 12.93 -1.97
N SER A 98 -5.44 12.82 -1.99
CA SER A 98 -6.25 13.72 -2.84
C SER A 98 -6.34 15.13 -2.25
N CYS A 99 -6.12 15.23 -0.94
CA CYS A 99 -6.19 16.51 -0.25
C CYS A 99 -5.27 17.56 -0.89
N SER A 100 -5.84 18.70 -1.22
CA SER A 100 -5.11 19.78 -1.86
C SER A 100 -4.03 20.37 -0.95
N CYS A 101 -4.11 20.04 0.33
CA CYS A 101 -3.14 20.52 1.31
C CYS A 101 -1.88 19.65 1.35
N LYS A 102 -1.87 18.58 0.57
CA LYS A 102 -0.72 17.70 0.56
C LYS A 102 0.40 18.30 -0.27
N GLY A 1 7.47 -37.62 6.23
CA GLY A 1 6.03 -37.27 6.36
C GLY A 1 5.65 -36.05 5.55
N SER A 2 6.54 -35.64 4.68
CA SER A 2 6.31 -34.49 3.83
C SER A 2 6.14 -34.93 2.38
N MET A 3 4.90 -35.15 1.99
CA MET A 3 4.62 -35.54 0.62
C MET A 3 4.44 -34.30 -0.25
N SER A 4 5.00 -34.34 -1.44
CA SER A 4 4.92 -33.22 -2.36
C SER A 4 3.47 -32.80 -2.59
N SER A 5 3.14 -31.62 -2.14
CA SER A 5 1.80 -31.09 -2.28
C SER A 5 1.86 -29.68 -2.86
N VAL A 6 0.87 -29.32 -3.64
CA VAL A 6 0.84 -28.01 -4.26
C VAL A 6 0.43 -26.95 -3.24
N PHE A 7 1.40 -26.37 -2.59
CA PHE A 7 1.15 -25.36 -1.58
C PHE A 7 1.46 -23.98 -2.12
N GLY A 8 2.19 -23.94 -3.20
CA GLY A 8 2.59 -22.67 -3.76
C GLY A 8 2.94 -22.74 -5.22
N ALA A 9 3.49 -23.87 -5.66
CA ALA A 9 3.89 -24.05 -7.05
C ALA A 9 2.70 -24.29 -7.98
N GLY A 10 1.53 -23.84 -7.55
CA GLY A 10 0.35 -23.98 -8.35
C GLY A 10 -0.02 -22.67 -8.99
N CYS A 11 0.80 -22.23 -9.92
CA CYS A 11 0.55 -20.98 -10.61
C CYS A 11 -0.38 -21.23 -11.81
N THR A 12 -0.71 -20.18 -12.54
CA THR A 12 -1.64 -20.30 -13.67
C THR A 12 -1.06 -19.71 -14.95
N ASP A 13 -1.60 -20.14 -16.08
CA ASP A 13 -1.15 -19.67 -17.39
C ASP A 13 -1.72 -18.28 -17.69
N THR A 14 -2.80 -17.91 -17.00
CA THR A 14 -3.41 -16.61 -17.16
C THR A 14 -2.46 -15.52 -16.65
N CYS A 15 -1.51 -15.93 -15.86
CA CYS A 15 -0.56 -15.04 -15.24
C CYS A 15 0.56 -14.69 -16.21
N LYS A 16 0.57 -15.34 -17.37
CA LYS A 16 1.63 -15.14 -18.37
C LYS A 16 1.26 -14.04 -19.36
N GLN A 17 0.22 -13.31 -19.07
CA GLN A 17 -0.27 -12.32 -20.01
C GLN A 17 0.38 -10.96 -19.78
N THR A 18 0.23 -10.08 -20.76
CA THR A 18 0.81 -8.74 -20.69
C THR A 18 -0.18 -7.69 -21.21
N PRO A 19 -0.71 -6.83 -20.30
CA PRO A 19 -0.42 -6.89 -18.88
C PRO A 19 -1.07 -8.10 -18.24
N CYS A 20 -0.82 -8.29 -16.95
CA CYS A 20 -1.34 -9.42 -16.20
C CYS A 20 -2.84 -9.63 -16.46
N GLY A 21 -3.20 -10.85 -16.83
CA GLY A 21 -4.59 -11.15 -17.19
C GLY A 21 -5.41 -11.63 -16.02
N CYS A 22 -4.83 -11.60 -14.83
CA CYS A 22 -5.52 -12.04 -13.62
C CYS A 22 -6.54 -11.00 -13.13
N GLY A 23 -6.87 -10.04 -13.98
CA GLY A 23 -7.86 -9.05 -13.63
C GLY A 23 -9.24 -9.68 -13.47
N SER A 24 -9.46 -10.74 -14.21
CA SER A 24 -10.71 -11.49 -14.14
C SER A 24 -10.61 -12.59 -13.09
N GLY A 25 -9.52 -12.58 -12.34
CA GLY A 25 -9.28 -13.58 -11.34
C GLY A 25 -8.08 -14.41 -11.70
N CYS A 26 -7.44 -14.98 -10.71
CA CYS A 26 -6.27 -15.81 -10.94
C CYS A 26 -6.41 -17.17 -10.26
N ASN A 27 -5.89 -18.21 -10.91
CA ASN A 27 -5.93 -19.57 -10.35
C ASN A 27 -4.62 -19.94 -9.65
N CYS A 28 -3.73 -18.96 -9.51
CA CYS A 28 -2.45 -19.20 -8.88
C CYS A 28 -2.53 -19.04 -7.36
N LYS A 29 -1.60 -19.68 -6.65
CA LYS A 29 -1.54 -19.57 -5.19
C LYS A 29 -1.04 -18.21 -4.78
N GLU A 30 -1.10 -17.93 -3.50
CA GLU A 30 -0.64 -16.66 -2.96
C GLU A 30 0.88 -16.58 -2.96
N ASP A 31 1.52 -17.72 -3.08
CA ASP A 31 2.98 -17.81 -3.09
C ASP A 31 3.58 -17.00 -4.26
N CYS A 32 2.73 -16.66 -5.22
CA CYS A 32 3.14 -15.89 -6.37
C CYS A 32 3.65 -14.50 -5.94
N ARG A 33 4.79 -14.11 -6.47
CA ARG A 33 5.44 -12.85 -6.10
C ARG A 33 5.17 -11.77 -7.18
N CYS A 34 4.05 -11.89 -7.86
CA CYS A 34 3.73 -10.95 -8.94
C CYS A 34 3.04 -9.73 -8.39
N GLN A 35 3.71 -8.56 -8.46
CA GLN A 35 3.12 -7.31 -7.97
C GLN A 35 1.72 -7.10 -8.56
N SER A 36 1.58 -7.52 -9.81
CA SER A 36 0.34 -7.37 -10.56
C SER A 36 -0.91 -7.85 -9.79
N CYS A 37 -0.85 -9.03 -9.21
CA CYS A 37 -1.99 -9.56 -8.49
C CYS A 37 -1.70 -9.73 -6.99
N LYS A 38 -0.51 -9.35 -6.58
CA LYS A 38 -0.10 -9.46 -5.20
C LYS A 38 -0.40 -8.16 -4.43
N TYR A 39 -0.18 -7.01 -5.07
CA TYR A 39 -0.45 -5.71 -4.44
C TYR A 39 -1.23 -4.82 -5.39
N GLY A 40 -1.51 -3.60 -4.97
CA GLY A 40 -2.26 -2.68 -5.79
C GLY A 40 -1.37 -1.86 -6.69
N ALA A 41 -0.82 -0.79 -6.14
CA ALA A 41 0.07 0.07 -6.89
C ALA A 41 1.53 -0.30 -6.61
N GLY A 42 1.72 -1.37 -5.85
CA GLY A 42 3.05 -1.82 -5.53
C GLY A 42 3.57 -1.23 -4.24
N CYS A 43 2.90 -1.50 -3.14
CA CYS A 43 3.32 -1.01 -1.85
C CYS A 43 3.83 -2.16 -0.99
N THR A 44 4.58 -1.84 0.05
CA THR A 44 5.20 -2.85 0.90
C THR A 44 4.19 -3.51 1.85
N ASP A 45 4.48 -4.74 2.23
CA ASP A 45 3.63 -5.49 3.16
C ASP A 45 3.73 -4.93 4.57
N VAL A 46 4.86 -4.28 4.86
CA VAL A 46 5.10 -3.69 6.16
C VAL A 46 4.16 -2.51 6.39
N CYS A 47 3.74 -1.91 5.30
CA CYS A 47 2.82 -0.79 5.35
C CYS A 47 1.39 -1.30 5.56
N LYS A 48 1.13 -2.53 5.15
CA LYS A 48 -0.19 -3.14 5.28
C LYS A 48 -0.36 -3.79 6.66
N GLN A 49 0.57 -3.49 7.54
CA GLN A 49 0.51 -4.01 8.89
C GLN A 49 -0.52 -3.27 9.71
N THR A 50 -0.98 -3.91 10.76
CA THR A 50 -1.92 -3.30 11.67
C THR A 50 -1.62 -3.76 13.10
N PRO A 51 -1.07 -2.87 13.95
CA PRO A 51 -0.74 -1.49 13.56
C PRO A 51 0.39 -1.45 12.55
N CYS A 52 0.43 -0.37 11.78
CA CYS A 52 1.41 -0.24 10.72
C CYS A 52 2.83 -0.21 11.30
N GLY A 53 3.73 -0.95 10.67
CA GLY A 53 5.08 -1.03 11.17
C GLY A 53 6.11 -0.44 10.22
N CYS A 54 5.65 0.25 9.19
CA CYS A 54 6.58 0.84 8.22
C CYS A 54 7.47 1.87 8.89
N ALA A 55 6.88 2.65 9.79
CA ALA A 55 7.62 3.70 10.49
C ALA A 55 8.66 3.10 11.45
N THR A 56 8.52 1.83 11.75
CA THR A 56 9.44 1.14 12.63
C THR A 56 10.55 0.45 11.84
N SER A 57 10.17 -0.26 10.78
CA SER A 57 11.12 -1.00 9.98
C SER A 57 11.90 -0.07 9.04
N GLY A 58 11.20 0.87 8.44
CA GLY A 58 11.83 1.78 7.51
C GLY A 58 10.86 2.21 6.44
N CYS A 59 10.40 3.44 6.54
CA CYS A 59 9.42 3.99 5.63
C CYS A 59 9.99 4.04 4.21
N ASN A 60 9.38 3.32 3.29
CA ASN A 60 9.88 3.23 1.92
C ASN A 60 8.96 3.94 0.92
N CYS A 61 7.67 3.92 1.18
CA CYS A 61 6.70 4.50 0.27
C CYS A 61 6.76 6.04 0.27
N THR A 62 5.93 6.65 -0.55
CA THR A 62 5.91 8.09 -0.68
C THR A 62 4.76 8.72 0.12
N ASP A 63 4.70 10.04 0.11
CA ASP A 63 3.68 10.78 0.85
C ASP A 63 2.37 10.79 0.12
N ASP A 64 2.38 10.29 -1.11
CA ASP A 64 1.18 10.16 -1.92
C ASP A 64 0.31 9.03 -1.38
N CYS A 65 0.86 8.28 -0.44
CA CYS A 65 0.16 7.16 0.16
C CYS A 65 -0.95 7.64 1.07
N LYS A 66 -2.03 6.85 1.16
CA LYS A 66 -3.18 7.20 2.00
C LYS A 66 -2.98 6.67 3.41
N CYS A 67 -1.76 6.76 3.91
CA CYS A 67 -1.45 6.24 5.22
C CYS A 67 -0.84 7.33 6.09
N GLN A 68 -1.39 7.51 7.28
CA GLN A 68 -0.92 8.55 8.19
C GLN A 68 -0.02 7.98 9.28
N SER A 69 0.25 6.69 9.20
CA SER A 69 1.08 6.03 10.20
C SER A 69 2.57 6.34 9.99
N CYS A 70 3.06 6.11 8.79
CA CYS A 70 4.47 6.33 8.48
C CYS A 70 4.71 7.63 7.68
N SER A 71 3.82 7.93 6.74
CA SER A 71 3.96 9.12 5.89
C SER A 71 3.85 10.41 6.71
N THR A 72 4.25 11.53 6.11
CA THR A 72 4.25 12.83 6.78
C THR A 72 2.84 13.22 7.21
N ALA A 73 2.70 13.52 8.49
CA ALA A 73 1.43 13.97 9.02
C ALA A 73 1.20 15.42 8.66
N CYS A 74 -0.03 15.86 8.80
CA CYS A 74 -0.38 17.24 8.48
C CYS A 74 0.28 18.20 9.45
N LYS A 75 0.72 19.34 8.94
CA LYS A 75 1.43 20.32 9.77
C LYS A 75 0.53 21.47 10.19
N CYS A 76 -0.66 21.55 9.60
CA CYS A 76 -1.62 22.57 9.95
C CYS A 76 -2.07 22.40 11.39
N ALA A 77 -2.48 23.46 12.02
CA ALA A 77 -2.87 23.42 13.41
C ALA A 77 -4.36 23.65 13.57
N ALA A 78 -4.88 23.38 14.76
CA ALA A 78 -6.30 23.55 15.04
C ALA A 78 -6.66 25.02 15.06
N GLY A 79 -7.05 25.54 13.91
CA GLY A 79 -7.42 26.93 13.80
C GLY A 79 -6.53 27.65 12.81
N SER A 80 -5.35 27.11 12.58
CA SER A 80 -4.41 27.70 11.65
C SER A 80 -4.10 26.78 10.47
N CYS A 81 -4.82 26.98 9.39
CA CYS A 81 -4.61 26.24 8.17
C CYS A 81 -3.77 27.11 7.22
N LYS A 82 -2.57 26.65 6.88
CA LYS A 82 -1.67 27.44 6.05
C LYS A 82 -1.98 27.33 4.57
N CYS A 83 -2.13 26.12 4.08
CA CYS A 83 -2.39 25.89 2.67
C CYS A 83 -3.81 26.29 2.32
N GLY A 84 -4.72 26.15 3.28
CA GLY A 84 -6.10 26.51 3.07
C GLY A 84 -6.85 25.48 2.25
N LYS A 85 -6.62 24.20 2.54
CA LYS A 85 -7.35 23.13 1.86
C LYS A 85 -8.59 22.73 2.64
N GLY A 86 -8.61 23.08 3.92
CA GLY A 86 -9.77 22.79 4.74
C GLY A 86 -9.50 21.81 5.85
N CYS A 87 -8.25 21.49 6.08
CA CYS A 87 -7.86 20.57 7.13
C CYS A 87 -7.00 21.26 8.17
N THR A 88 -7.45 21.23 9.41
CA THR A 88 -6.72 21.85 10.49
C THR A 88 -5.94 20.81 11.29
N GLY A 89 -5.38 19.84 10.58
CA GLY A 89 -4.62 18.80 11.22
C GLY A 89 -4.77 17.46 10.55
N PRO A 90 -3.94 16.48 10.93
CA PRO A 90 -3.90 15.14 10.30
C PRO A 90 -5.17 14.34 10.49
N ASP A 91 -5.90 14.63 11.55
CA ASP A 91 -7.14 13.94 11.84
C ASP A 91 -8.21 14.30 10.81
N SER A 92 -8.07 15.48 10.23
CA SER A 92 -9.01 15.95 9.24
C SER A 92 -8.32 16.11 7.88
N CYS A 93 -7.04 15.74 7.82
CA CYS A 93 -6.29 15.83 6.59
C CYS A 93 -6.64 14.67 5.70
N LYS A 94 -7.37 14.96 4.66
CA LYS A 94 -7.79 13.95 3.71
C LYS A 94 -6.83 13.95 2.53
N CYS A 95 -5.74 14.68 2.68
CA CYS A 95 -4.77 14.83 1.62
C CYS A 95 -3.60 13.89 1.81
N ASP A 96 -2.95 13.57 0.71
CA ASP A 96 -1.79 12.71 0.73
C ASP A 96 -0.54 13.58 0.83
N ARG A 97 0.04 13.92 -0.31
CA ARG A 97 1.18 14.79 -0.37
C ARG A 97 0.77 16.09 -1.02
N SER A 98 -0.52 16.18 -1.33
CA SER A 98 -1.09 17.32 -2.05
C SER A 98 -1.23 18.54 -1.15
N CYS A 99 -0.85 18.38 0.09
CA CYS A 99 -0.94 19.45 1.02
C CYS A 99 0.32 20.30 0.94
N SER A 100 0.13 21.59 0.83
CA SER A 100 1.22 22.52 0.63
C SER A 100 2.02 22.80 1.90
N CYS A 101 1.68 22.12 2.98
CA CYS A 101 2.40 22.31 4.22
C CYS A 101 3.50 21.25 4.36
N LYS A 102 3.28 20.09 3.73
CA LYS A 102 4.19 18.95 3.85
C LYS A 102 5.59 19.36 3.37
N GLY A 1 -7.86 -25.66 7.56
CA GLY A 1 -8.72 -24.65 6.90
C GLY A 1 -8.09 -24.06 5.66
N SER A 2 -7.33 -23.00 5.84
CA SER A 2 -6.66 -22.32 4.74
C SER A 2 -5.19 -22.72 4.70
N MET A 3 -4.90 -23.97 5.08
CA MET A 3 -3.54 -24.49 5.10
C MET A 3 -2.87 -24.34 3.74
N SER A 4 -2.01 -23.35 3.63
CA SER A 4 -1.31 -23.05 2.40
C SER A 4 -0.05 -22.26 2.71
N SER A 5 0.55 -21.68 1.69
CA SER A 5 1.76 -20.89 1.87
C SER A 5 1.41 -19.41 2.11
N VAL A 6 0.21 -19.16 2.60
CA VAL A 6 -0.25 -17.80 2.81
C VAL A 6 0.41 -17.16 4.04
N PHE A 7 1.48 -16.44 3.79
CA PHE A 7 2.21 -15.74 4.86
C PHE A 7 1.64 -14.33 5.02
N GLY A 8 0.56 -14.07 4.31
CA GLY A 8 -0.06 -12.79 4.34
C GLY A 8 -1.56 -12.89 4.26
N ALA A 9 -2.15 -12.04 3.47
CA ALA A 9 -3.58 -12.06 3.22
C ALA A 9 -3.84 -12.74 1.91
N GLY A 10 -2.77 -13.20 1.30
CA GLY A 10 -2.85 -13.90 0.06
C GLY A 10 -2.95 -12.95 -1.12
N CYS A 11 -3.86 -12.03 -1.01
CA CYS A 11 -4.15 -11.11 -2.08
C CYS A 11 -4.94 -9.92 -1.54
N THR A 12 -4.81 -8.76 -2.18
CA THR A 12 -5.50 -7.57 -1.73
C THR A 12 -6.69 -7.25 -2.63
N ASP A 13 -7.66 -6.56 -2.06
CA ASP A 13 -8.84 -6.11 -2.80
C ASP A 13 -8.41 -5.27 -4.00
N THR A 14 -7.33 -4.52 -3.80
CA THR A 14 -6.82 -3.61 -4.81
C THR A 14 -6.34 -4.35 -6.07
N CYS A 15 -6.04 -5.61 -5.94
CA CYS A 15 -5.56 -6.40 -7.05
C CYS A 15 -6.71 -6.83 -7.95
N LYS A 16 -7.87 -6.98 -7.36
CA LYS A 16 -9.05 -7.45 -8.05
C LYS A 16 -9.65 -6.37 -8.96
N GLN A 17 -8.92 -5.27 -9.13
CA GLN A 17 -9.41 -4.17 -9.94
C GLN A 17 -9.01 -4.34 -11.40
N THR A 18 -9.59 -3.52 -12.27
CA THR A 18 -9.29 -3.56 -13.69
C THR A 18 -9.28 -2.15 -14.29
N PRO A 19 -8.09 -1.61 -14.66
CA PRO A 19 -6.80 -2.30 -14.45
C PRO A 19 -6.39 -2.40 -12.97
N CYS A 20 -5.32 -3.15 -12.67
CA CYS A 20 -4.82 -3.34 -11.29
C CYS A 20 -4.76 -2.00 -10.54
N GLY A 21 -5.30 -1.99 -9.33
CA GLY A 21 -5.33 -0.77 -8.55
C GLY A 21 -4.04 -0.52 -7.80
N CYS A 22 -3.18 -1.52 -7.74
CA CYS A 22 -1.90 -1.39 -7.07
C CYS A 22 -1.05 -0.29 -7.72
N GLY A 23 -0.98 -0.32 -9.05
CA GLY A 23 -0.23 0.68 -9.78
C GLY A 23 1.24 0.67 -9.43
N SER A 24 1.69 1.67 -8.71
CA SER A 24 3.08 1.78 -8.31
C SER A 24 3.29 1.19 -6.92
N GLY A 25 2.21 0.92 -6.22
CA GLY A 25 2.31 0.38 -4.88
C GLY A 25 1.54 -0.88 -4.69
N CYS A 26 2.23 -1.99 -4.65
CA CYS A 26 1.61 -3.29 -4.49
C CYS A 26 1.41 -3.61 -3.01
N ASN A 27 0.25 -4.18 -2.69
CA ASN A 27 -0.07 -4.53 -1.31
C ASN A 27 -0.11 -6.07 -1.14
N CYS A 28 -0.07 -6.79 -2.25
CA CYS A 28 -0.09 -8.25 -2.20
C CYS A 28 1.27 -8.78 -1.77
N LYS A 29 1.38 -10.08 -1.58
CA LYS A 29 2.63 -10.69 -1.18
C LYS A 29 2.98 -11.85 -2.11
N GLU A 30 4.03 -12.59 -1.78
CA GLU A 30 4.49 -13.70 -2.62
C GLU A 30 3.50 -14.86 -2.63
N ASP A 31 2.41 -14.70 -1.88
CA ASP A 31 1.35 -15.69 -1.89
C ASP A 31 0.55 -15.56 -3.18
N CYS A 32 0.61 -14.37 -3.76
CA CYS A 32 -0.11 -14.07 -4.98
C CYS A 32 0.72 -14.50 -6.20
N ARG A 33 0.11 -14.54 -7.37
CA ARG A 33 0.79 -14.98 -8.58
C ARG A 33 0.38 -14.10 -9.77
N CYS A 34 0.21 -12.80 -9.53
CA CYS A 34 -0.17 -11.90 -10.60
C CYS A 34 1.05 -11.27 -11.22
N GLN A 35 1.06 -11.19 -12.53
CA GLN A 35 2.20 -10.66 -13.25
C GLN A 35 2.17 -9.13 -13.29
N SER A 36 1.03 -8.55 -12.98
CA SER A 36 0.87 -7.10 -13.02
C SER A 36 1.61 -6.42 -11.86
N CYS A 37 1.54 -7.02 -10.69
CA CYS A 37 2.16 -6.45 -9.50
C CYS A 37 3.28 -7.35 -8.99
N LYS A 38 3.92 -8.05 -9.91
CA LYS A 38 4.98 -8.99 -9.58
C LYS A 38 6.29 -8.25 -9.59
N TYR A 39 6.36 -7.22 -8.79
CA TYR A 39 7.52 -6.37 -8.70
C TYR A 39 8.59 -7.00 -7.82
N GLY A 40 9.79 -6.51 -7.99
CA GLY A 40 10.92 -6.98 -7.22
C GLY A 40 12.08 -6.06 -7.42
N ALA A 41 12.49 -5.92 -8.65
CA ALA A 41 13.55 -5.02 -9.01
C ALA A 41 12.95 -3.67 -9.38
N GLY A 42 12.32 -3.06 -8.42
CA GLY A 42 11.67 -1.78 -8.62
C GLY A 42 11.03 -1.28 -7.35
N CYS A 43 10.26 -2.13 -6.71
CA CYS A 43 9.63 -1.79 -5.46
C CYS A 43 10.23 -2.66 -4.37
N THR A 44 10.51 -2.06 -3.22
CA THR A 44 11.17 -2.75 -2.12
C THR A 44 10.44 -4.01 -1.70
N ASP A 45 11.14 -5.15 -1.77
CA ASP A 45 10.57 -6.44 -1.35
C ASP A 45 10.11 -6.35 0.09
N VAL A 46 10.78 -5.50 0.85
CA VAL A 46 10.47 -5.26 2.25
C VAL A 46 9.08 -4.60 2.39
N CYS A 47 8.62 -3.97 1.33
CA CYS A 47 7.32 -3.34 1.31
C CYS A 47 6.24 -4.37 0.94
N LYS A 48 6.64 -5.42 0.19
CA LYS A 48 5.72 -6.49 -0.18
C LYS A 48 5.39 -7.35 1.05
N GLN A 49 6.14 -7.11 2.10
CA GLN A 49 5.97 -7.82 3.34
C GLN A 49 4.79 -7.26 4.11
N THR A 50 4.28 -8.03 5.02
CA THR A 50 3.19 -7.59 5.84
C THR A 50 3.33 -8.17 7.25
N PRO A 51 3.46 -7.30 8.25
CA PRO A 51 3.46 -5.85 8.06
C PRO A 51 4.70 -5.36 7.31
N CYS A 52 4.57 -4.22 6.68
CA CYS A 52 5.66 -3.63 5.93
C CYS A 52 6.86 -3.35 6.83
N GLY A 53 8.05 -3.50 6.27
CA GLY A 53 9.25 -3.30 7.06
C GLY A 53 10.07 -2.12 6.60
N CYS A 54 9.55 -1.36 5.66
CA CYS A 54 10.26 -0.19 5.14
C CYS A 54 10.45 0.90 6.20
N ALA A 55 9.78 0.75 7.32
CA ALA A 55 9.92 1.69 8.40
C ALA A 55 10.70 1.09 9.54
N THR A 56 11.24 -0.10 9.29
CA THR A 56 12.00 -0.82 10.28
C THR A 56 13.40 -1.19 9.76
N SER A 57 13.49 -1.56 8.49
CA SER A 57 14.76 -2.00 7.92
C SER A 57 15.33 -0.95 6.97
N GLY A 58 14.47 -0.29 6.23
CA GLY A 58 14.91 0.67 5.25
C GLY A 58 13.86 0.91 4.21
N CYS A 59 13.93 2.01 3.53
CA CYS A 59 12.90 2.37 2.57
C CYS A 59 13.50 2.93 1.28
N ASN A 60 12.91 2.54 0.15
CA ASN A 60 13.37 3.03 -1.16
C ASN A 60 12.29 3.84 -1.85
N CYS A 61 11.07 3.31 -1.85
CA CYS A 61 9.94 3.98 -2.48
C CYS A 61 9.53 5.23 -1.71
N THR A 62 8.56 5.95 -2.23
CA THR A 62 8.12 7.20 -1.64
C THR A 62 6.65 7.15 -1.22
N ASP A 63 6.13 8.31 -0.81
CA ASP A 63 4.71 8.45 -0.41
C ASP A 63 3.78 8.30 -1.63
N ASP A 64 4.39 7.98 -2.76
CA ASP A 64 3.68 7.75 -4.02
C ASP A 64 3.08 6.35 -4.02
N CYS A 65 3.60 5.53 -3.14
CA CYS A 65 3.20 4.14 -3.05
C CYS A 65 1.82 4.02 -2.37
N LYS A 66 1.06 3.00 -2.75
CA LYS A 66 -0.26 2.75 -2.16
C LYS A 66 -0.15 2.29 -0.71
N CYS A 67 1.08 2.01 -0.27
CA CYS A 67 1.30 1.60 1.10
C CYS A 67 1.51 2.82 1.98
N GLN A 68 1.15 2.70 3.23
CA GLN A 68 1.21 3.84 4.14
C GLN A 68 2.13 3.58 5.32
N SER A 69 2.76 2.42 5.35
CA SER A 69 3.66 2.10 6.45
C SER A 69 4.96 2.88 6.31
N CYS A 70 5.37 3.11 5.08
CA CYS A 70 6.58 3.85 4.80
C CYS A 70 6.27 5.27 4.33
N SER A 71 4.99 5.56 4.19
CA SER A 71 4.54 6.88 3.80
C SER A 71 4.02 7.60 5.02
N THR A 72 3.86 8.91 4.93
CA THR A 72 3.34 9.66 6.05
C THR A 72 1.81 9.56 6.06
N ALA A 73 1.25 9.47 7.24
CA ALA A 73 -0.17 9.29 7.40
C ALA A 73 -0.91 10.61 7.18
N CYS A 74 -2.11 10.52 6.62
CA CYS A 74 -2.92 11.71 6.42
C CYS A 74 -3.36 12.22 7.79
N LYS A 75 -3.38 13.51 7.95
CA LYS A 75 -3.69 14.11 9.24
C LYS A 75 -5.18 14.24 9.50
N CYS A 76 -5.97 13.99 8.49
CA CYS A 76 -7.42 14.11 8.61
C CYS A 76 -8.01 13.11 9.59
N ALA A 77 -9.23 13.39 9.99
CA ALA A 77 -9.95 12.53 10.90
C ALA A 77 -11.25 12.12 10.25
N ALA A 78 -11.96 11.20 10.90
CA ALA A 78 -13.23 10.74 10.39
C ALA A 78 -14.26 11.86 10.39
N GLY A 79 -14.40 12.52 9.27
CA GLY A 79 -15.35 13.59 9.14
C GLY A 79 -14.69 14.96 9.15
N SER A 80 -13.40 15.00 8.88
CA SER A 80 -12.66 16.26 8.85
C SER A 80 -11.53 16.22 7.82
N CYS A 81 -11.82 16.69 6.62
CA CYS A 81 -10.81 16.79 5.57
C CYS A 81 -10.25 18.20 5.50
N LYS A 82 -8.93 18.30 5.52
CA LYS A 82 -8.27 19.61 5.47
C LYS A 82 -7.81 19.91 4.07
N CYS A 83 -7.04 18.99 3.51
CA CYS A 83 -6.59 19.10 2.15
C CYS A 83 -7.80 19.05 1.20
N GLY A 84 -8.79 18.26 1.60
CA GLY A 84 -10.01 18.16 0.83
C GLY A 84 -9.95 17.10 -0.25
N LYS A 85 -9.30 15.99 0.03
CA LYS A 85 -9.21 14.92 -0.96
C LYS A 85 -10.21 13.80 -0.67
N GLY A 86 -10.99 13.95 0.42
CA GLY A 86 -12.04 12.98 0.75
C GLY A 86 -11.51 11.70 1.38
N CYS A 87 -10.33 11.78 1.94
CA CYS A 87 -9.68 10.63 2.55
C CYS A 87 -10.07 10.44 4.01
N THR A 88 -10.33 11.56 4.70
CA THR A 88 -10.71 11.55 6.12
C THR A 88 -9.75 10.74 7.02
N GLY A 89 -8.46 10.81 6.73
CA GLY A 89 -7.48 10.13 7.56
C GLY A 89 -6.72 9.08 6.78
N PRO A 90 -5.66 8.48 7.37
CA PRO A 90 -4.85 7.47 6.70
C PRO A 90 -5.66 6.24 6.32
N ASP A 91 -6.63 5.90 7.18
CA ASP A 91 -7.49 4.72 6.97
C ASP A 91 -8.10 4.71 5.58
N SER A 92 -8.55 5.86 5.12
CA SER A 92 -9.15 5.94 3.82
C SER A 92 -8.35 6.87 2.89
N CYS A 93 -7.10 7.15 3.25
CA CYS A 93 -6.25 7.97 2.40
C CYS A 93 -5.72 7.12 1.27
N LYS A 94 -6.56 6.90 0.29
CA LYS A 94 -6.21 6.12 -0.89
C LYS A 94 -5.45 7.00 -1.86
N CYS A 95 -5.16 8.20 -1.42
CA CYS A 95 -4.44 9.16 -2.18
C CYS A 95 -2.94 8.87 -2.10
N ASP A 96 -2.16 9.70 -2.74
CA ASP A 96 -0.73 9.52 -2.76
C ASP A 96 -0.04 10.72 -2.09
N ARG A 97 1.20 10.97 -2.49
CA ARG A 97 2.01 12.06 -1.96
C ARG A 97 1.44 13.44 -2.34
N SER A 98 0.43 13.46 -3.19
CA SER A 98 -0.21 14.70 -3.64
C SER A 98 -1.27 15.16 -2.62
N CYS A 99 -0.85 15.31 -1.38
CA CYS A 99 -1.73 15.78 -0.31
C CYS A 99 -1.00 16.83 0.52
N SER A 100 -1.72 17.89 0.89
CA SER A 100 -1.14 18.96 1.70
C SER A 100 -0.89 18.50 3.15
N CYS A 101 -1.34 17.30 3.46
CA CYS A 101 -1.15 16.73 4.76
C CYS A 101 0.07 15.85 4.82
N LYS A 102 0.82 15.83 3.74
CA LYS A 102 2.02 15.04 3.71
C LYS A 102 3.21 15.93 4.04
N GLY A 1 -10.94 -30.65 0.94
CA GLY A 1 -11.55 -29.31 1.14
C GLY A 1 -10.50 -28.22 1.26
N SER A 2 -9.43 -28.52 1.96
CA SER A 2 -8.34 -27.57 2.13
C SER A 2 -7.30 -27.77 1.04
N MET A 3 -6.91 -29.01 0.81
CA MET A 3 -5.93 -29.31 -0.22
C MET A 3 -6.56 -29.23 -1.60
N SER A 4 -6.39 -28.10 -2.24
CA SER A 4 -6.95 -27.89 -3.56
C SER A 4 -6.09 -26.89 -4.34
N SER A 5 -6.08 -27.04 -5.65
CA SER A 5 -5.35 -26.13 -6.51
C SER A 5 -6.19 -24.89 -6.77
N VAL A 6 -5.86 -23.81 -6.10
CA VAL A 6 -6.61 -22.57 -6.23
C VAL A 6 -6.20 -21.79 -7.47
N PHE A 7 -7.13 -21.05 -8.02
CA PHE A 7 -6.89 -20.23 -9.21
C PHE A 7 -7.81 -19.01 -9.18
N GLY A 8 -7.26 -17.84 -9.52
CA GLY A 8 -8.04 -16.61 -9.47
C GLY A 8 -8.26 -16.13 -8.05
N ALA A 9 -9.00 -16.91 -7.29
CA ALA A 9 -9.27 -16.62 -5.90
C ALA A 9 -8.18 -17.20 -5.01
N GLY A 10 -7.08 -17.59 -5.65
CA GLY A 10 -5.97 -18.15 -4.93
C GLY A 10 -5.05 -17.09 -4.42
N CYS A 11 -5.53 -16.35 -3.45
CA CYS A 11 -4.75 -15.29 -2.84
C CYS A 11 -3.86 -15.85 -1.71
N THR A 12 -3.35 -14.99 -0.85
CA THR A 12 -2.47 -15.44 0.21
C THR A 12 -2.63 -14.60 1.47
N ASP A 13 -2.18 -15.16 2.59
CA ASP A 13 -2.26 -14.49 3.88
C ASP A 13 -1.13 -13.48 4.00
N THR A 14 -0.04 -13.72 3.28
CA THR A 14 1.11 -12.81 3.29
C THR A 14 0.70 -11.45 2.73
N CYS A 15 -0.36 -11.46 1.98
CA CYS A 15 -0.87 -10.27 1.33
C CYS A 15 -1.69 -9.42 2.31
N LYS A 16 -1.91 -9.95 3.50
CA LYS A 16 -2.71 -9.25 4.51
C LYS A 16 -1.82 -8.44 5.44
N GLN A 17 -0.53 -8.43 5.15
CA GLN A 17 0.43 -7.78 6.02
C GLN A 17 0.59 -6.31 5.66
N THR A 18 1.23 -5.57 6.57
CA THR A 18 1.46 -4.14 6.37
C THR A 18 2.85 -3.74 6.89
N PRO A 19 3.79 -3.38 5.97
CA PRO A 19 3.53 -3.33 4.54
C PRO A 19 3.39 -4.71 3.94
N CYS A 20 2.96 -4.76 2.70
CA CYS A 20 2.76 -6.02 1.99
C CYS A 20 4.01 -6.88 2.09
N GLY A 21 3.83 -8.14 2.45
CA GLY A 21 4.95 -9.04 2.61
C GLY A 21 5.30 -9.78 1.35
N CYS A 22 4.67 -9.37 0.27
CA CYS A 22 4.88 -10.00 -1.03
C CYS A 22 6.10 -9.45 -1.75
N GLY A 23 7.04 -8.90 -0.99
CA GLY A 23 8.25 -8.31 -1.57
C GLY A 23 8.96 -9.21 -2.56
N SER A 24 8.69 -9.00 -3.84
CA SER A 24 9.29 -9.76 -4.94
C SER A 24 8.89 -11.24 -4.91
N GLY A 25 7.77 -11.55 -4.25
CA GLY A 25 7.32 -12.92 -4.19
C GLY A 25 6.03 -13.06 -3.41
N CYS A 26 4.97 -13.43 -4.11
CA CYS A 26 3.68 -13.62 -3.49
C CYS A 26 3.08 -14.97 -3.88
N ASN A 27 2.25 -15.51 -3.00
CA ASN A 27 1.57 -16.78 -3.24
C ASN A 27 0.18 -16.54 -3.82
N CYS A 28 -0.15 -15.28 -4.06
CA CYS A 28 -1.44 -14.95 -4.63
C CYS A 28 -1.38 -14.89 -6.13
N LYS A 29 -2.49 -15.16 -6.78
CA LYS A 29 -2.58 -15.14 -8.23
C LYS A 29 -2.56 -13.70 -8.74
N GLU A 30 -2.38 -13.53 -10.05
CA GLU A 30 -2.33 -12.18 -10.65
C GLU A 30 -3.72 -11.54 -10.67
N ASP A 31 -4.72 -12.34 -10.32
CA ASP A 31 -6.11 -11.88 -10.25
C ASP A 31 -6.31 -10.91 -9.09
N CYS A 32 -5.26 -10.74 -8.31
CA CYS A 32 -5.29 -9.84 -7.18
C CYS A 32 -5.26 -8.39 -7.66
N ARG A 33 -6.03 -7.54 -7.01
CA ARG A 33 -6.14 -6.13 -7.39
C ARG A 33 -5.19 -5.25 -6.59
N CYS A 34 -4.33 -5.85 -5.80
CA CYS A 34 -3.44 -5.09 -4.95
C CYS A 34 -2.35 -4.42 -5.76
N GLN A 35 -2.23 -3.11 -5.65
CA GLN A 35 -1.22 -2.37 -6.38
C GLN A 35 0.16 -2.54 -5.76
N SER A 36 0.19 -3.05 -4.54
CA SER A 36 1.43 -3.24 -3.83
C SER A 36 2.27 -4.33 -4.48
N CYS A 37 1.62 -5.27 -5.15
CA CYS A 37 2.33 -6.35 -5.83
C CYS A 37 1.88 -6.51 -7.28
N LYS A 38 0.78 -5.85 -7.64
CA LYS A 38 0.26 -5.91 -9.00
C LYS A 38 0.32 -4.53 -9.61
N TYR A 39 1.50 -4.12 -9.94
CA TYR A 39 1.68 -2.85 -10.60
C TYR A 39 1.63 -3.03 -12.09
N GLY A 40 1.12 -2.04 -12.78
CA GLY A 40 1.03 -2.11 -14.23
C GLY A 40 2.36 -1.79 -14.88
N ALA A 41 3.45 -2.30 -14.27
CA ALA A 41 4.82 -2.10 -14.75
C ALA A 41 5.25 -0.63 -14.70
N GLY A 42 4.37 0.22 -14.18
CA GLY A 42 4.66 1.63 -14.14
C GLY A 42 5.13 2.11 -12.78
N CYS A 43 5.03 1.27 -11.77
CA CYS A 43 5.46 1.68 -10.45
C CYS A 43 6.80 1.05 -10.10
N THR A 44 7.57 1.75 -9.27
CA THR A 44 8.92 1.33 -8.90
C THR A 44 8.94 -0.01 -8.16
N ASP A 45 9.99 -0.79 -8.42
CA ASP A 45 10.16 -2.11 -7.79
C ASP A 45 10.68 -1.95 -6.37
N VAL A 46 11.39 -0.87 -6.12
CA VAL A 46 11.89 -0.55 -4.77
C VAL A 46 10.70 -0.30 -3.84
N CYS A 47 9.61 0.08 -4.46
CA CYS A 47 8.36 0.36 -3.77
C CYS A 47 7.62 -0.96 -3.48
N LYS A 48 8.13 -2.04 -4.06
CA LYS A 48 7.53 -3.36 -3.89
C LYS A 48 8.34 -4.20 -2.89
N GLN A 49 9.19 -3.53 -2.11
CA GLN A 49 10.02 -4.20 -1.10
C GLN A 49 9.25 -4.47 0.19
N THR A 50 9.86 -5.26 1.07
CA THR A 50 9.26 -5.57 2.37
C THR A 50 10.34 -5.51 3.47
N PRO A 51 10.41 -4.39 4.23
CA PRO A 51 9.54 -3.21 4.03
C PRO A 51 9.97 -2.38 2.82
N CYS A 52 9.07 -1.48 2.37
CA CYS A 52 9.32 -0.64 1.19
C CYS A 52 10.62 0.15 1.35
N GLY A 53 11.34 0.31 0.26
CA GLY A 53 12.60 1.00 0.33
C GLY A 53 12.58 2.36 -0.34
N CYS A 54 11.41 2.81 -0.78
CA CYS A 54 11.31 4.12 -1.42
C CYS A 54 11.66 5.22 -0.43
N ALA A 55 11.31 5.01 0.83
CA ALA A 55 11.59 5.97 1.87
C ALA A 55 13.02 5.83 2.38
N THR A 56 13.80 5.02 1.68
CA THR A 56 15.17 4.76 2.05
C THR A 56 16.14 5.01 0.88
N SER A 57 15.82 4.47 -0.28
CA SER A 57 16.69 4.59 -1.44
C SER A 57 16.12 5.57 -2.46
N GLY A 58 15.02 6.21 -2.13
CA GLY A 58 14.38 7.12 -3.06
C GLY A 58 13.42 6.40 -3.98
N CYS A 59 12.65 7.15 -4.74
CA CYS A 59 11.67 6.56 -5.64
C CYS A 59 11.35 7.49 -6.81
N ASN A 60 10.38 7.08 -7.62
CA ASN A 60 9.97 7.89 -8.77
C ASN A 60 8.48 8.22 -8.67
N CYS A 61 7.81 7.67 -7.68
CA CYS A 61 6.38 7.93 -7.49
C CYS A 61 6.18 9.03 -6.45
N THR A 62 4.92 9.34 -6.15
CA THR A 62 4.62 10.41 -5.22
C THR A 62 3.63 9.95 -4.15
N ASP A 63 3.16 10.91 -3.34
CA ASP A 63 2.18 10.65 -2.28
C ASP A 63 0.81 10.32 -2.91
N ASP A 64 0.77 10.30 -4.24
CA ASP A 64 -0.43 9.92 -5.00
C ASP A 64 -0.56 8.40 -5.02
N CYS A 65 0.52 7.75 -4.64
CA CYS A 65 0.59 6.30 -4.62
C CYS A 65 -0.27 5.75 -3.49
N LYS A 66 -0.61 4.48 -3.57
CA LYS A 66 -1.40 3.83 -2.53
C LYS A 66 -0.54 3.30 -1.44
N CYS A 67 0.74 3.56 -1.53
CA CYS A 67 1.65 3.07 -0.54
C CYS A 67 1.71 4.02 0.63
N GLN A 68 1.76 3.46 1.83
CA GLN A 68 1.80 4.25 3.04
C GLN A 68 3.23 4.40 3.54
N SER A 69 4.17 3.82 2.81
CA SER A 69 5.56 3.83 3.23
C SER A 69 6.26 5.14 2.88
N CYS A 70 6.22 5.52 1.61
CA CYS A 70 6.93 6.72 1.16
C CYS A 70 6.01 7.95 1.10
N SER A 71 4.79 7.78 1.56
CA SER A 71 3.84 8.88 1.61
C SER A 71 3.89 9.57 2.98
N THR A 72 3.56 10.84 3.01
CA THR A 72 3.60 11.62 4.23
C THR A 72 2.37 11.40 5.12
N ALA A 73 2.55 11.64 6.41
CA ALA A 73 1.50 11.48 7.40
C ALA A 73 0.55 12.70 7.40
N CYS A 74 -0.57 12.55 8.07
CA CYS A 74 -1.53 13.63 8.18
C CYS A 74 -1.38 14.32 9.53
N LYS A 75 -2.03 15.47 9.71
CA LYS A 75 -1.91 16.23 10.96
C LYS A 75 -3.17 16.14 11.81
N CYS A 76 -4.13 15.35 11.35
CA CYS A 76 -5.39 15.21 12.07
C CYS A 76 -5.26 14.26 13.25
N ALA A 77 -6.27 14.27 14.09
CA ALA A 77 -6.34 13.40 15.24
C ALA A 77 -7.59 12.55 15.15
N ALA A 78 -7.68 11.53 16.00
CA ALA A 78 -8.80 10.58 15.99
C ALA A 78 -10.16 11.27 16.00
N GLY A 79 -10.26 12.38 16.72
CA GLY A 79 -11.51 13.09 16.79
C GLY A 79 -11.38 14.53 16.35
N SER A 80 -10.49 14.79 15.40
CA SER A 80 -10.27 16.13 14.89
C SER A 80 -9.79 16.11 13.44
N CYS A 81 -10.68 16.50 12.52
CA CYS A 81 -10.37 16.53 11.10
C CYS A 81 -10.41 17.97 10.58
N LYS A 82 -9.44 18.34 9.75
CA LYS A 82 -9.39 19.70 9.20
C LYS A 82 -9.46 19.70 7.68
N CYS A 83 -8.73 18.80 7.03
CA CYS A 83 -8.75 18.72 5.56
C CYS A 83 -10.16 18.37 5.08
N GLY A 84 -10.86 17.57 5.87
CA GLY A 84 -12.21 17.20 5.54
C GLY A 84 -12.28 15.94 4.71
N LYS A 85 -11.17 15.22 4.64
CA LYS A 85 -11.12 14.00 3.86
C LYS A 85 -11.55 12.80 4.69
N GLY A 86 -11.69 13.00 5.99
CA GLY A 86 -12.13 11.95 6.87
C GLY A 86 -11.06 10.92 7.15
N CYS A 87 -9.89 11.39 7.50
CA CYS A 87 -8.77 10.53 7.82
C CYS A 87 -8.63 10.36 9.32
N THR A 88 -8.79 11.48 10.05
CA THR A 88 -8.68 11.53 11.50
C THR A 88 -7.38 10.91 12.02
N GLY A 89 -6.29 11.26 11.37
CA GLY A 89 -4.99 10.78 11.79
C GLY A 89 -4.23 10.11 10.67
N PRO A 90 -2.91 10.01 10.79
CA PRO A 90 -2.06 9.37 9.76
C PRO A 90 -2.34 7.89 9.61
N ASP A 91 -2.80 7.27 10.69
CA ASP A 91 -3.08 5.83 10.69
C ASP A 91 -4.20 5.50 9.70
N SER A 92 -5.29 6.21 9.82
CA SER A 92 -6.43 5.97 8.95
C SER A 92 -6.45 6.94 7.78
N CYS A 93 -5.35 7.65 7.58
CA CYS A 93 -5.23 8.55 6.45
C CYS A 93 -5.03 7.75 5.18
N LYS A 94 -6.13 7.37 4.56
CA LYS A 94 -6.09 6.60 3.33
C LYS A 94 -6.30 7.52 2.14
N CYS A 95 -6.02 8.79 2.36
CA CYS A 95 -6.16 9.81 1.33
C CYS A 95 -4.90 9.90 0.51
N ASP A 96 -4.98 10.61 -0.59
CA ASP A 96 -3.86 10.79 -1.49
C ASP A 96 -3.07 12.02 -1.08
N ARG A 97 -2.29 12.53 -2.01
CA ARG A 97 -1.46 13.71 -1.79
C ARG A 97 -2.30 14.99 -1.84
N SER A 98 -3.61 14.84 -1.93
CA SER A 98 -4.52 15.98 -1.99
C SER A 98 -4.60 16.69 -0.63
N CYS A 99 -4.22 15.99 0.42
CA CYS A 99 -4.25 16.53 1.77
C CYS A 99 -3.32 17.70 1.92
N SER A 100 -3.85 18.81 2.40
CA SER A 100 -3.05 19.98 2.67
C SER A 100 -2.30 19.80 4.00
N CYS A 101 -2.71 18.78 4.75
CA CYS A 101 -2.11 18.47 6.04
C CYS A 101 -0.84 17.63 5.89
N LYS A 102 -0.38 17.44 4.66
CA LYS A 102 0.85 16.70 4.40
C LYS A 102 2.07 17.59 4.62
N GLY A 1 -5.13 -30.24 -17.64
CA GLY A 1 -5.12 -31.55 -16.95
C GLY A 1 -6.28 -31.71 -15.99
N SER A 2 -7.23 -30.79 -16.08
CA SER A 2 -8.39 -30.82 -15.22
C SER A 2 -9.58 -30.21 -15.95
N MET A 3 -10.75 -30.82 -15.79
CA MET A 3 -11.96 -30.32 -16.41
C MET A 3 -12.67 -29.36 -15.47
N SER A 4 -12.14 -29.23 -14.27
CA SER A 4 -12.74 -28.39 -13.26
C SER A 4 -11.95 -27.10 -13.11
N SER A 5 -12.64 -26.05 -12.67
CA SER A 5 -12.00 -24.78 -12.44
C SER A 5 -11.15 -24.87 -11.18
N VAL A 6 -9.85 -24.96 -11.36
CA VAL A 6 -8.94 -25.11 -10.25
C VAL A 6 -8.64 -23.77 -9.55
N PHE A 7 -9.30 -23.56 -8.44
CA PHE A 7 -9.10 -22.36 -7.65
C PHE A 7 -8.23 -22.67 -6.45
N GLY A 8 -7.36 -21.73 -6.10
CA GLY A 8 -6.44 -21.92 -4.99
C GLY A 8 -5.31 -22.86 -5.32
N ALA A 9 -5.65 -24.08 -5.65
CA ALA A 9 -4.68 -25.13 -5.95
C ALA A 9 -3.89 -24.87 -7.24
N GLY A 10 -4.38 -23.96 -8.07
CA GLY A 10 -3.67 -23.63 -9.30
C GLY A 10 -2.62 -22.58 -9.05
N CYS A 11 -1.77 -22.84 -8.08
CA CYS A 11 -0.76 -21.89 -7.66
C CYS A 11 0.47 -21.93 -8.59
N THR A 12 1.52 -21.22 -8.19
CA THR A 12 2.73 -21.12 -8.99
C THR A 12 3.97 -21.44 -8.16
N ASP A 13 5.02 -21.91 -8.81
CA ASP A 13 6.27 -22.23 -8.13
C ASP A 13 7.03 -20.95 -7.79
N THR A 14 6.74 -19.89 -8.54
CA THR A 14 7.35 -18.57 -8.30
C THR A 14 6.91 -18.03 -6.93
N CYS A 15 5.89 -18.65 -6.39
CA CYS A 15 5.33 -18.26 -5.13
C CYS A 15 6.05 -18.97 -3.98
N LYS A 16 6.93 -19.89 -4.32
CA LYS A 16 7.67 -20.65 -3.32
C LYS A 16 9.05 -20.07 -3.13
N GLN A 17 9.24 -18.86 -3.63
CA GLN A 17 10.53 -18.19 -3.54
C GLN A 17 10.58 -17.33 -2.29
N THR A 18 11.76 -16.89 -1.94
CA THR A 18 11.93 -16.01 -0.82
C THR A 18 13.12 -15.09 -1.04
N PRO A 19 12.87 -13.79 -1.30
CA PRO A 19 11.50 -13.25 -1.38
C PRO A 19 10.69 -13.79 -2.58
N CYS A 20 9.34 -13.81 -2.45
CA CYS A 20 8.46 -14.29 -3.53
C CYS A 20 8.68 -13.49 -4.80
N GLY A 21 8.70 -14.17 -5.93
CA GLY A 21 8.97 -13.52 -7.19
C GLY A 21 7.74 -12.93 -7.85
N CYS A 22 6.62 -12.97 -7.15
CA CYS A 22 5.38 -12.42 -7.70
C CYS A 22 5.41 -10.90 -7.70
N GLY A 23 5.56 -10.33 -6.51
CA GLY A 23 5.57 -8.88 -6.37
C GLY A 23 4.25 -8.26 -6.76
N SER A 24 4.22 -7.62 -7.92
CA SER A 24 3.03 -6.96 -8.40
C SER A 24 2.35 -7.81 -9.49
N GLY A 25 2.81 -9.05 -9.63
CA GLY A 25 2.24 -9.94 -10.63
C GLY A 25 2.19 -11.35 -10.13
N CYS A 26 1.04 -11.75 -9.65
CA CYS A 26 0.89 -13.08 -9.10
C CYS A 26 0.40 -14.06 -10.15
N ASN A 27 1.04 -15.21 -10.21
CA ASN A 27 0.65 -16.25 -11.13
C ASN A 27 -0.26 -17.23 -10.41
N CYS A 28 -0.37 -17.05 -9.11
CA CYS A 28 -1.20 -17.89 -8.28
C CYS A 28 -2.63 -17.39 -8.24
N LYS A 29 -3.51 -18.17 -7.64
CA LYS A 29 -4.90 -17.78 -7.53
C LYS A 29 -5.10 -16.76 -6.44
N GLU A 30 -6.29 -16.21 -6.40
CA GLU A 30 -6.66 -15.20 -5.42
C GLU A 30 -6.97 -15.85 -4.08
N ASP A 31 -7.17 -17.15 -4.11
CA ASP A 31 -7.49 -17.94 -2.93
C ASP A 31 -6.27 -18.10 -2.04
N CYS A 32 -5.13 -17.64 -2.53
CA CYS A 32 -3.89 -17.75 -1.81
C CYS A 32 -3.80 -16.70 -0.71
N ARG A 33 -3.34 -17.11 0.46
CA ARG A 33 -3.22 -16.22 1.61
C ARG A 33 -1.73 -16.00 1.91
N CYS A 34 -1.01 -15.48 0.93
CA CYS A 34 0.40 -15.20 1.08
C CYS A 34 0.62 -13.70 1.11
N GLN A 35 0.89 -13.17 2.30
CA GLN A 35 1.13 -11.73 2.46
C GLN A 35 2.37 -11.29 1.69
N SER A 36 3.22 -12.26 1.36
CA SER A 36 4.45 -12.00 0.62
C SER A 36 4.16 -11.31 -0.72
N CYS A 37 3.04 -11.66 -1.33
CA CYS A 37 2.67 -11.07 -2.59
C CYS A 37 1.27 -10.47 -2.54
N LYS A 38 0.59 -10.61 -1.41
CA LYS A 38 -0.74 -10.06 -1.25
C LYS A 38 -0.71 -8.86 -0.31
N TYR A 39 0.15 -7.92 -0.62
CA TYR A 39 0.26 -6.70 0.17
C TYR A 39 -0.88 -5.76 -0.20
N GLY A 40 -1.19 -5.71 -1.47
CA GLY A 40 -2.25 -4.85 -1.95
C GLY A 40 -1.87 -4.07 -3.17
N ALA A 41 -2.35 -4.53 -4.34
CA ALA A 41 -2.11 -3.87 -5.63
C ALA A 41 -0.61 -3.78 -5.96
N GLY A 42 0.18 -4.69 -5.40
CA GLY A 42 1.60 -4.67 -5.63
C GLY A 42 2.25 -3.41 -5.13
N CYS A 43 2.05 -3.12 -3.85
CA CYS A 43 2.58 -1.92 -3.24
C CYS A 43 4.10 -2.01 -3.12
N THR A 44 4.76 -0.86 -3.14
CA THR A 44 6.20 -0.81 -3.11
C THR A 44 6.79 -1.33 -1.81
N ASP A 45 7.88 -2.09 -1.92
CA ASP A 45 8.56 -2.67 -0.76
C ASP A 45 9.29 -1.58 0.01
N VAL A 46 9.71 -0.55 -0.70
CA VAL A 46 10.42 0.58 -0.12
C VAL A 46 9.48 1.38 0.80
N CYS A 47 8.19 1.14 0.66
CA CYS A 47 7.18 1.80 1.46
C CYS A 47 7.11 1.16 2.85
N LYS A 48 7.45 -0.12 2.91
CA LYS A 48 7.39 -0.88 4.15
C LYS A 48 8.73 -0.83 4.88
N GLN A 49 9.54 0.16 4.52
CA GLN A 49 10.84 0.34 5.13
C GLN A 49 10.73 1.16 6.40
N THR A 50 11.80 1.22 7.15
CA THR A 50 11.85 2.02 8.36
C THR A 50 13.25 2.61 8.55
N PRO A 51 13.41 3.93 8.31
CA PRO A 51 12.31 4.81 7.89
C PRO A 51 11.89 4.54 6.44
N CYS A 52 10.70 4.97 6.10
CA CYS A 52 10.17 4.78 4.76
C CYS A 52 11.05 5.51 3.73
N GLY A 53 11.20 4.94 2.55
CA GLY A 53 12.05 5.54 1.56
C GLY A 53 11.35 5.84 0.26
N CYS A 54 10.02 5.81 0.25
CA CYS A 54 9.26 6.11 -0.96
C CYS A 54 9.49 7.53 -1.42
N ALA A 55 9.60 8.45 -0.48
CA ALA A 55 9.83 9.85 -0.80
C ALA A 55 11.27 10.05 -1.27
N THR A 56 12.07 9.01 -1.12
CA THR A 56 13.46 9.06 -1.50
C THR A 56 13.72 8.36 -2.84
N SER A 57 13.33 7.10 -2.93
CA SER A 57 13.62 6.30 -4.12
C SER A 57 12.45 6.30 -5.13
N GLY A 58 11.29 6.76 -4.70
CA GLY A 58 10.14 6.77 -5.58
C GLY A 58 9.15 5.68 -5.19
N CYS A 59 7.93 5.75 -5.72
CA CYS A 59 6.92 4.77 -5.36
C CYS A 59 5.79 4.71 -6.40
N ASN A 60 4.86 3.79 -6.18
CA ASN A 60 3.71 3.58 -7.06
C ASN A 60 2.44 4.12 -6.41
N CYS A 61 2.46 4.18 -5.09
CA CYS A 61 1.31 4.63 -4.32
C CYS A 61 1.23 6.15 -4.26
N THR A 62 0.12 6.64 -3.75
CA THR A 62 -0.14 8.06 -3.63
C THR A 62 -0.55 8.42 -2.21
N ASP A 63 -0.99 9.65 -2.01
CA ASP A 63 -1.47 10.13 -0.69
C ASP A 63 -2.74 9.40 -0.26
N ASP A 64 -3.24 8.55 -1.15
CA ASP A 64 -4.41 7.71 -0.86
C ASP A 64 -4.00 6.52 0.01
N CYS A 65 -2.71 6.27 0.08
CA CYS A 65 -2.15 5.17 0.84
C CYS A 65 -2.27 5.45 2.34
N LYS A 66 -2.12 4.40 3.15
CA LYS A 66 -2.25 4.53 4.60
C LYS A 66 -0.92 4.89 5.25
N CYS A 67 -0.01 5.38 4.46
CA CYS A 67 1.27 5.79 4.98
C CYS A 67 1.34 7.30 5.04
N GLN A 68 1.98 7.81 6.08
CA GLN A 68 2.07 9.25 6.27
C GLN A 68 3.50 9.73 6.00
N SER A 69 4.35 8.85 5.51
CA SER A 69 5.73 9.18 5.26
C SER A 69 5.92 9.81 3.87
N CYS A 70 5.37 9.17 2.85
CA CYS A 70 5.50 9.68 1.49
C CYS A 70 4.27 10.46 1.06
N SER A 71 3.44 10.80 2.03
CA SER A 71 2.23 11.54 1.75
C SER A 71 2.34 13.00 2.19
N THR A 72 1.69 13.88 1.45
CA THR A 72 1.68 15.30 1.78
C THR A 72 1.03 15.54 3.12
N ALA A 73 1.65 16.38 3.91
CA ALA A 73 1.15 16.70 5.23
C ALA A 73 -0.05 17.63 5.14
N CYS A 74 -0.96 17.50 6.10
CA CYS A 74 -2.10 18.39 6.19
C CYS A 74 -1.59 19.81 6.34
N LYS A 75 -2.29 20.74 5.75
CA LYS A 75 -1.85 22.11 5.79
C LYS A 75 -2.36 22.79 7.05
N CYS A 76 -3.13 22.06 7.82
CA CYS A 76 -3.67 22.56 9.08
C CYS A 76 -2.62 22.51 10.18
N ALA A 77 -2.84 23.26 11.22
CA ALA A 77 -1.92 23.32 12.34
C ALA A 77 -2.60 22.88 13.60
N ALA A 78 -1.82 22.72 14.67
CA ALA A 78 -2.31 22.26 15.98
C ALA A 78 -3.60 22.95 16.41
N GLY A 79 -3.69 24.24 16.16
CA GLY A 79 -4.87 24.99 16.51
C GLY A 79 -5.40 25.79 15.34
N SER A 80 -5.26 25.23 14.15
CA SER A 80 -5.72 25.90 12.94
C SER A 80 -6.29 24.86 11.96
N CYS A 81 -7.59 24.86 11.80
CA CYS A 81 -8.27 23.89 10.93
C CYS A 81 -9.11 24.59 9.86
N LYS A 82 -9.09 24.08 8.63
CA LYS A 82 -9.88 24.65 7.53
C LYS A 82 -10.62 23.61 6.73
N CYS A 83 -9.99 22.46 6.48
CA CYS A 83 -10.66 21.38 5.77
C CYS A 83 -11.91 20.94 6.52
N GLY A 84 -11.92 21.19 7.84
CA GLY A 84 -13.04 20.86 8.66
C GLY A 84 -13.10 19.40 9.01
N LYS A 85 -11.96 18.73 8.89
CA LYS A 85 -11.91 17.30 9.17
C LYS A 85 -11.38 17.04 10.58
N GLY A 86 -11.09 18.11 11.31
CA GLY A 86 -10.65 17.99 12.71
C GLY A 86 -9.37 17.19 12.86
N CYS A 87 -8.41 17.48 12.03
CA CYS A 87 -7.12 16.82 12.09
C CYS A 87 -6.08 17.71 12.72
N THR A 88 -6.15 19.01 12.39
CA THR A 88 -5.23 20.01 12.91
C THR A 88 -3.76 19.60 12.75
N GLY A 89 -3.41 19.14 11.56
CA GLY A 89 -2.03 18.79 11.29
C GLY A 89 -1.87 17.38 10.76
N PRO A 90 -0.74 17.08 10.11
CA PRO A 90 -0.49 15.75 9.51
C PRO A 90 -0.43 14.64 10.55
N ASP A 91 0.11 14.95 11.71
CA ASP A 91 0.27 13.96 12.77
C ASP A 91 -1.07 13.42 13.24
N SER A 92 -2.10 14.24 13.15
CA SER A 92 -3.43 13.83 13.54
C SER A 92 -4.36 13.81 12.33
N CYS A 93 -3.78 13.81 11.14
CA CYS A 93 -4.53 13.77 9.90
C CYS A 93 -4.90 12.34 9.56
N LYS A 94 -6.12 11.96 9.89
CA LYS A 94 -6.61 10.63 9.56
C LYS A 94 -7.27 10.68 8.20
N CYS A 95 -6.91 11.69 7.45
CA CYS A 95 -7.45 11.92 6.14
C CYS A 95 -6.40 11.63 5.07
N ASP A 96 -6.85 11.26 3.89
CA ASP A 96 -5.94 10.92 2.80
C ASP A 96 -5.76 12.11 1.85
N ARG A 97 -5.37 11.82 0.61
CA ARG A 97 -5.17 12.83 -0.42
C ARG A 97 -6.45 13.62 -0.70
N SER A 98 -7.58 13.01 -0.34
CA SER A 98 -8.87 13.61 -0.57
C SER A 98 -9.08 14.85 0.30
N CYS A 99 -8.12 15.10 1.17
CA CYS A 99 -8.13 16.27 2.00
C CYS A 99 -8.01 17.50 1.12
N SER A 100 -8.89 18.45 1.34
CA SER A 100 -8.96 19.66 0.53
C SER A 100 -7.72 20.54 0.69
N CYS A 101 -6.98 20.33 1.77
CA CYS A 101 -5.83 21.14 2.07
C CYS A 101 -4.64 20.85 1.16
N LYS A 102 -4.57 19.65 0.62
CA LYS A 102 -3.42 19.27 -0.23
C LYS A 102 -3.31 20.20 -1.43
#